data_6EN4
#
_entry.id   6EN4
#
_cell.length_a   106.067
_cell.length_b   154.568
_cell.length_c   210.207
_cell.angle_alpha   90.00
_cell.angle_beta   90.00
_cell.angle_gamma   90.00
#
_symmetry.space_group_name_H-M   'P 21 21 21'
#
loop_
_entity.id
_entity.type
_entity.pdbx_description
1 polymer 'Splicing factor 3B subunit 3'
2 polymer 'Splicing factor 3B subunit 5'
3 polymer 'Splicing factor 3B subunit 1'
4 polymer 'PHD finger-like domain-containing protein 5A'
5 non-polymer 'ZINC ION'
6 non-polymer '[(2~{S},3~{S},4~{E},6~{S},7~{R},10~{R})-3,7-dimethyl-2-[(2~{E},4~{E},6~{S})-6-methyl-7-[(2~{R},3~{R})-3-[(2~{R},3~{S})-3-oxidanylpentan-2-yl]oxiran-2-yl]hepta-2,4-dien-2-yl]-7,10-bis(oxidanyl)-12-oxidanylidene-1-oxacyclododec-4-en-6-yl] ethanoate'
#
loop_
_entity_poly.entity_id
_entity_poly.type
_entity_poly.pdbx_seq_one_letter_code
_entity_poly.pdbx_strand_id
1 'polypeptide(L)'
;VDMFLYNLTLQRATGISFAIHGNFSGTKQQEIVVSRGKILELLRPDPNTGKVHTLLTVEVFGVIRSLMAFRLTGGTKDYI
VVGSDSGRIVILEYQPSKNMFEKIHQETFGKSGCRRIVPGQFLAVDPKGRAVMISAIEKQKLVYILNRDAAARLTISSPL
EAHKANTLVYHVVGVDVGFENPMFACLEMDYEEADNDPTGEAAANTQQTLTFYELDLGLNHVVRKYSEPLEEHGNFLITV
PGGSDGPSGVLICSENYITYKNFGDQPDIRCPIPRRRNDLDDPERGMIFVCSATHKTKSMFFFLAQTEQGDIFKITLETD
EDMVTEIRLKYFDTVPVAAAMCVLKTGFLFVASEFGNHYLYQIAHLGDDDEEPEFSSAMPLEEGDTFFFQPRPLKNLVLV
DELDSLSPILFCQIADLANEDTPQLYVACGRGPRSSLRVLRHGLEVSEMAVSELPGNPNAVWTVRRHIEDEFDAYIIVSF
VNATLVLSIGETVEEVTDSGFLGTTPTLSCSLLGDDALVQVYPDGIRHIRADKRVNEWKTPGKKTIVKCAVNQRQVVIAL
TGGELVYFEMDPSGQLNEYTERKEMSADVVCMSLANVPPGEQRSRFLAVGLVDNTVRIISLDPSDCLQPLSMQALPAQPE
SLCIVEMGGTEKQDELGERGSIGFLYLNIGLQNGVLLRTVLDPVTGDLSDTRTRYLGSRPVKLFRVRMQGQEAVLAMSSR
SWLSYSYQSRFHLTPLSYETLEFASGFASEQCPEGIVAISTNTLRILALEKLGAVFNQVAFPLQYTPRKFVIHPESNNLI
IIETDHNAYTEATKAQRKQQMAEEMVEAAGEDERELAAEMAAAFLNENLPESIFGAPKAGNGQWASVIRVMNPIQGNTLD
LVQLEQNEAAFSVAVCRFSNTGEDWYVLVGVAKDLILNPRSVAGGFVYTYKLVNNGEKLEFLHKTPVEEVPAAIAPFQGR
VLIGVGKLLRVYDLGKKKLLRKCENKHIANYISGIQTIGHRVIVSDVQESFIWVRYKRNENQLIIFADDTYPRWVTTASL
LDYDTVAGADKFGNICVVRLPPNTNDEVDSQKAEVIMNYHVGETVLSLQKTTLIPGGSESLVYTTLSGGIGILVPFTSHE
DHDFFQHVEMHLRSEHPPLCGRDHLSFRSYYFPVKNVIDGDLCEQFNSMEPNKQKNVSEELDRTPPEVSKKLEDIRTRYA
FDYKDDDDK
;
A
2 'polypeptide(L)'
;TDRYTIHSQLEHLQSKYIGTGHADTTKWEWLVNQHRDSYCSYMGHFDLLNYFAIAENESKARVRFNLMEKMLQPCGPPAD
KPEEN
;
B
3 'polypeptide(L)'
;MKSVNDQPSGNLPFLKPDDIQYFDKLLVDVDESTLSPEEQKERKIMKLLLKIKNGTPPMRKAALRQITDKAREFGAGPLF
NQILPLLMSPTLEDQERHLLVKVIDRILYKLDDLVRPYVHKILVVIEPLLIDEDYYARVEGREIISNLAKAAGLATMIST
MRPDIDNMDEYVRNTTARAFAVVASALGIPSLLPFLKAVCKSKKSWQARHTGIKIVQQIAILMGCAILPHLRSLVEIIEH
GLVDEQQKVRTISALAIAALAEAATPYGIESFDSVLKPLWKGIRQHRGKGLAAFLKAIGYLIPLMDAEYANYYTREVMLI
LIREFQSPDEEMKKIVLKVVKQCCGTDGVEANYIKTEILPPFFKHFWQHRMALDRRNYRQLVDTTVELANKVGAAEIISR
IVDDLKDEAEQYRKMVMETIEKIMGNLGAADIDHKLEEQLIDGILYAFQEQTTEDSVMLNGFGTVVNALGKRVKPYLPQI
CGTVLWRLNNKSAKVRQQAADLISRTAVVMKTCQEEKLMGHLGVVLYEYLGEEYPEVLGSILGALKAIVNVIGMHKMTPP
IKDLLPRLTPILKNRHEKVQENCIDLVGRIADRGAEYVSAREWMRICFELLELLKAHKKAIRRATVNTFGYIAKAIGPHD
VLATLLNNLKVQERQNRVCTTVAIAIVAETCSPFTVLPALMNEYRVPELNVQNGVLKSLSFLFEYIGEMGKDYIYAVTPL
LEDALMDRDLVHRQTASAVVQHMSLGVYGFGCEDSLNHLLNYVWPNVFETSPHVIQAVMGALEGLRVAIGPCRMLQYCLQ
GLFHPARKVRDVYWKIYNSIYIGSQDALIAHYPRIYNDDKNTYIRYELDYIL
;
C
4 'polypeptide(L)'
;GPLGSPGSRAMAKHHPDLIFCRKQAGVAIGRLCEKCDGKCVICDSYVRPCTLVRICDECNYGSYQGRCVICGGPGVSDAY
YCKECTIQEKDRDGCPKIVNLGSSKTDL
;
D
#
# COMPACT_ATOMS: atom_id res chain seq x y z
N ASP A 2 31.96 -11.85 3.78
CA ASP A 2 30.51 -11.68 3.62
C ASP A 2 30.05 -10.37 4.25
N MET A 3 29.11 -9.70 3.59
CA MET A 3 28.56 -8.43 4.05
C MET A 3 27.07 -8.42 3.76
N PHE A 4 26.27 -8.80 4.75
CA PHE A 4 24.82 -8.73 4.66
C PHE A 4 24.33 -7.46 5.35
N LEU A 5 23.39 -6.78 4.72
CA LEU A 5 22.91 -5.49 5.21
C LEU A 5 21.45 -5.57 5.63
N TYR A 6 20.98 -4.48 6.23
CA TYR A 6 19.64 -4.41 6.81
C TYR A 6 19.17 -2.97 6.69
N ASN A 7 18.12 -2.75 5.88
CA ASN A 7 17.63 -1.42 5.61
C ASN A 7 16.58 -1.01 6.63
N LEU A 8 16.60 0.26 7.02
CA LEU A 8 15.59 0.79 7.93
C LEU A 8 15.35 2.26 7.60
N THR A 9 14.10 2.69 7.75
CA THR A 9 13.74 4.09 7.54
C THR A 9 13.62 4.79 8.89
N LEU A 10 14.18 5.99 8.96
CA LEU A 10 14.15 6.81 10.16
C LEU A 10 13.20 8.00 10.04
N GLN A 11 13.26 8.70 8.91
CA GLN A 11 12.31 9.75 8.57
C GLN A 11 11.67 9.35 7.24
N ARG A 12 10.37 9.05 7.27
CA ARG A 12 9.70 8.63 6.06
C ARG A 12 9.57 9.81 5.09
N ALA A 13 9.29 9.46 3.82
CA ALA A 13 9.21 10.48 2.78
C ALA A 13 8.15 11.51 3.12
N THR A 14 8.49 12.79 2.97
CA THR A 14 7.61 13.88 3.36
C THR A 14 6.90 14.53 2.19
N GLY A 15 7.45 14.45 0.98
CA GLY A 15 6.78 15.02 -0.17
C GLY A 15 5.52 14.25 -0.53
N ILE A 16 4.56 14.97 -1.09
CA ILE A 16 3.24 14.42 -1.41
C ILE A 16 3.08 14.36 -2.93
N SER A 17 2.73 13.18 -3.43
CA SER A 17 2.43 13.00 -4.84
C SER A 17 0.94 13.02 -5.15
N PHE A 18 0.10 12.56 -4.22
CA PHE A 18 -1.34 12.62 -4.44
C PHE A 18 -2.06 12.98 -3.15
N ALA A 19 -3.27 13.51 -3.30
CA ALA A 19 -4.08 13.90 -2.15
C ALA A 19 -5.54 13.92 -2.55
N ILE A 20 -6.36 13.18 -1.81
CA ILE A 20 -7.81 13.19 -1.99
C ILE A 20 -8.44 13.40 -0.62
N HIS A 21 -9.70 13.84 -0.61
CA HIS A 21 -10.40 14.13 0.63
C HIS A 21 -11.77 13.48 0.61
N GLY A 22 -12.27 13.15 1.80
CA GLY A 22 -13.60 12.57 1.89
C GLY A 22 -13.80 11.94 3.25
N ASN A 23 -15.01 11.40 3.42
CA ASN A 23 -15.42 10.75 4.66
C ASN A 23 -14.92 9.30 4.67
N PHE A 24 -13.59 9.17 4.87
CA PHE A 24 -12.98 7.85 4.90
C PHE A 24 -13.22 7.15 6.24
N SER A 25 -13.50 7.88 7.30
CA SER A 25 -13.81 7.31 8.60
C SER A 25 -15.29 6.96 8.74
N GLY A 26 -16.11 7.25 7.73
CA GLY A 26 -17.52 6.95 7.79
C GLY A 26 -18.35 7.87 8.66
N THR A 27 -17.78 9.00 9.09
CA THR A 27 -18.46 9.94 9.97
C THR A 27 -18.62 11.29 9.26
N LYS A 28 -19.07 12.29 10.01
CA LYS A 28 -19.14 13.64 9.47
C LYS A 28 -17.76 14.24 9.23
N GLN A 29 -16.73 13.69 9.86
CA GLN A 29 -15.38 14.21 9.72
C GLN A 29 -14.83 13.88 8.34
N GLN A 30 -14.17 14.87 7.73
CA GLN A 30 -13.50 14.69 6.45
C GLN A 30 -12.00 14.51 6.68
N GLU A 31 -11.44 13.47 6.07
CA GLU A 31 -10.02 13.18 6.14
C GLU A 31 -9.39 13.32 4.76
N ILE A 32 -8.05 13.30 4.75
CA ILE A 32 -7.26 13.48 3.53
C ILE A 32 -6.31 12.30 3.41
N VAL A 33 -6.46 11.52 2.34
CA VAL A 33 -5.54 10.44 2.02
C VAL A 33 -4.51 10.97 1.03
N VAL A 34 -3.24 10.91 1.40
CA VAL A 34 -2.16 11.38 0.56
C VAL A 34 -1.24 10.21 0.23
N SER A 35 -0.66 10.26 -0.96
CA SER A 35 0.37 9.32 -1.39
C SER A 35 1.68 10.07 -1.51
N ARG A 36 2.67 9.63 -0.72
CA ARG A 36 4.04 10.13 -0.77
C ARG A 36 4.91 9.34 -1.72
N GLY A 37 4.30 8.63 -2.67
CA GLY A 37 5.04 7.80 -3.60
C GLY A 37 5.04 6.34 -3.20
N LYS A 38 5.89 5.98 -2.23
CA LYS A 38 5.99 4.61 -1.74
C LYS A 38 5.16 4.37 -0.49
N ILE A 39 4.56 5.41 0.09
CA ILE A 39 3.86 5.32 1.37
C ILE A 39 2.47 5.92 1.22
N LEU A 40 1.45 5.19 1.68
CA LEU A 40 0.09 5.70 1.73
C LEU A 40 -0.18 6.21 3.14
N GLU A 41 -0.79 7.39 3.23
CA GLU A 41 -0.91 8.08 4.51
C GLU A 41 -2.30 8.66 4.65
N LEU A 42 -2.88 8.54 5.85
CA LEU A 42 -4.19 9.08 6.15
C LEU A 42 -4.06 10.16 7.22
N LEU A 43 -4.47 11.38 6.88
CA LEU A 43 -4.38 12.55 7.75
C LEU A 43 -5.77 13.05 8.08
N ARG A 44 -5.89 13.72 9.23
CA ARG A 44 -7.15 14.30 9.69
C ARG A 44 -6.91 15.73 10.14
N PRO A 45 -7.32 16.73 9.34
CA PRO A 45 -7.22 18.12 9.81
C PRO A 45 -8.34 18.46 10.79
N ASP A 46 -7.96 19.08 11.90
CA ASP A 46 -8.90 19.40 12.96
C ASP A 46 -9.59 20.72 12.68
N PRO A 47 -10.92 20.77 12.57
CA PRO A 47 -11.61 22.05 12.40
C PRO A 47 -11.56 22.96 13.61
N ASN A 48 -10.99 22.48 14.74
CA ASN A 48 -10.91 23.29 15.95
C ASN A 48 -9.55 23.97 16.04
N THR A 49 -8.50 23.19 16.31
CA THR A 49 -7.16 23.75 16.43
C THR A 49 -6.55 24.10 15.09
N GLY A 50 -7.07 23.55 13.99
CA GLY A 50 -6.53 23.85 12.68
C GLY A 50 -5.19 23.21 12.40
N LYS A 51 -4.91 22.07 13.03
CA LYS A 51 -3.67 21.33 12.80
C LYS A 51 -3.97 20.04 12.05
N VAL A 52 -3.00 19.59 11.27
CA VAL A 52 -3.09 18.33 10.54
C VAL A 52 -2.36 17.26 11.35
N HIS A 53 -3.08 16.21 11.71
CA HIS A 53 -2.51 15.07 12.43
C HIS A 53 -2.49 13.86 11.52
N THR A 54 -1.41 13.09 11.59
CA THR A 54 -1.24 11.89 10.76
C THR A 54 -1.90 10.73 11.49
N LEU A 55 -3.09 10.35 11.02
CA LEU A 55 -3.80 9.23 11.63
C LEU A 55 -3.10 7.91 11.35
N LEU A 56 -2.73 7.66 10.10
CA LEU A 56 -2.15 6.38 9.72
C LEU A 56 -1.07 6.59 8.67
N THR A 57 -0.09 5.71 8.68
CA THR A 57 0.99 5.73 7.69
C THR A 57 1.43 4.30 7.42
N VAL A 58 1.37 3.87 6.17
CA VAL A 58 1.60 2.48 5.79
C VAL A 58 2.51 2.44 4.57
N GLU A 59 3.53 1.58 4.61
CA GLU A 59 4.39 1.35 3.46
C GLU A 59 3.71 0.35 2.53
N VAL A 60 3.55 0.73 1.25
CA VAL A 60 2.89 -0.14 0.29
C VAL A 60 3.87 -0.95 -0.55
N PHE A 61 5.17 -0.66 -0.45
CA PHE A 61 6.21 -1.40 -1.17
C PHE A 61 5.93 -1.47 -2.66
N GLY A 62 5.54 -0.32 -3.22
CA GLY A 62 5.24 -0.21 -4.63
C GLY A 62 5.25 1.26 -5.02
N VAL A 63 5.01 1.49 -6.31
CA VAL A 63 5.00 2.84 -6.87
C VAL A 63 3.55 3.25 -7.06
N ILE A 64 3.07 4.18 -6.25
CA ILE A 64 1.71 4.68 -6.38
C ILE A 64 1.68 5.69 -7.51
N ARG A 65 0.84 5.43 -8.53
CA ARG A 65 0.76 6.27 -9.71
C ARG A 65 -0.56 7.00 -9.85
N SER A 66 -1.60 6.58 -9.13
CA SER A 66 -2.90 7.23 -9.20
C SER A 66 -3.68 6.89 -7.95
N LEU A 67 -4.48 7.85 -7.47
CA LEU A 67 -5.22 7.71 -6.23
C LEU A 67 -6.58 8.35 -6.39
N MET A 68 -7.64 7.58 -6.14
CA MET A 68 -9.01 8.05 -6.29
C MET A 68 -9.86 7.53 -5.15
N ALA A 69 -10.89 8.32 -4.80
CA ALA A 69 -11.88 7.94 -3.81
C ALA A 69 -13.26 8.02 -4.43
N PHE A 70 -14.15 7.12 -3.99
CA PHE A 70 -15.50 7.07 -4.53
C PHE A 70 -16.45 6.65 -3.42
N ARG A 71 -17.75 6.64 -3.76
CA ARG A 71 -18.79 6.28 -2.81
C ARG A 71 -19.96 5.68 -3.59
N LEU A 72 -20.49 4.57 -3.09
CA LEU A 72 -21.67 3.98 -3.71
C LEU A 72 -22.90 4.82 -3.38
N THR A 73 -23.96 4.61 -4.16
CA THR A 73 -25.21 5.31 -3.94
C THR A 73 -25.74 5.01 -2.56
N GLY A 74 -26.18 6.05 -1.85
CA GLY A 74 -26.65 5.89 -0.49
C GLY A 74 -25.56 5.57 0.52
N GLY A 75 -24.30 5.65 0.12
CA GLY A 75 -23.21 5.33 1.03
C GLY A 75 -22.88 6.45 1.98
N THR A 76 -22.23 6.08 3.08
CA THR A 76 -21.80 7.03 4.11
C THR A 76 -20.29 6.99 4.32
N LYS A 77 -19.56 6.23 3.51
CA LYS A 77 -18.15 6.00 3.72
C LYS A 77 -17.47 5.88 2.36
N ASP A 78 -16.33 6.55 2.22
CA ASP A 78 -15.61 6.62 0.95
C ASP A 78 -14.52 5.55 0.91
N TYR A 79 -14.44 4.82 -0.21
CA TYR A 79 -13.40 3.84 -0.43
C TYR A 79 -12.19 4.52 -1.07
N ILE A 80 -11.15 3.73 -1.35
CA ILE A 80 -9.89 4.25 -1.90
C ILE A 80 -9.43 3.32 -3.00
N VAL A 81 -9.47 3.78 -4.25
CA VAL A 81 -8.94 3.03 -5.37
C VAL A 81 -7.51 3.47 -5.62
N VAL A 82 -6.60 2.52 -5.76
CA VAL A 82 -5.17 2.83 -5.89
C VAL A 82 -4.63 2.18 -7.16
N GLY A 83 -4.15 3.00 -8.09
CA GLY A 83 -3.43 2.51 -9.24
C GLY A 83 -1.95 2.49 -8.97
N SER A 84 -1.36 1.29 -8.95
CA SER A 84 0.02 1.09 -8.53
C SER A 84 0.87 0.63 -9.71
N ASP A 85 2.16 0.40 -9.43
CA ASP A 85 3.05 -0.22 -10.40
C ASP A 85 2.84 -1.72 -10.51
N SER A 86 1.95 -2.28 -9.69
CA SER A 86 1.53 -3.67 -9.87
C SER A 86 0.58 -3.76 -11.06
N GLY A 87 0.41 -4.98 -11.55
CA GLY A 87 -0.57 -5.23 -12.59
C GLY A 87 -1.95 -5.45 -12.00
N ARG A 88 -2.21 -4.83 -10.84
CA ARG A 88 -3.43 -5.03 -10.09
C ARG A 88 -4.02 -3.70 -9.68
N ILE A 89 -5.35 -3.66 -9.61
CA ILE A 89 -6.10 -2.55 -9.04
C ILE A 89 -6.62 -2.98 -7.69
N VAL A 90 -6.57 -2.06 -6.71
CA VAL A 90 -6.94 -2.37 -5.34
C VAL A 90 -7.92 -1.32 -4.83
N ILE A 91 -8.99 -1.79 -4.19
CA ILE A 91 -9.95 -0.93 -3.48
C ILE A 91 -9.83 -1.21 -1.99
N LEU A 92 -9.59 -0.16 -1.22
CA LEU A 92 -9.30 -0.22 0.20
C LEU A 92 -10.36 0.53 0.98
N GLU A 93 -10.52 0.16 2.25
CA GLU A 93 -11.45 0.81 3.17
C GLU A 93 -10.74 1.02 4.50
N TYR A 94 -10.70 2.28 4.95
CA TYR A 94 -10.10 2.58 6.24
C TYR A 94 -11.02 2.12 7.38
N GLN A 95 -10.42 1.53 8.40
CA GLN A 95 -11.18 1.04 9.56
C GLN A 95 -10.76 1.82 10.80
N PRO A 96 -11.63 2.67 11.36
CA PRO A 96 -11.23 3.45 12.54
C PRO A 96 -11.03 2.61 13.78
N SER A 97 -11.81 1.54 13.95
CA SER A 97 -11.68 0.72 15.16
C SER A 97 -10.34 -0.02 15.20
N LYS A 98 -9.76 -0.29 14.04
CA LYS A 98 -8.48 -0.99 13.97
C LYS A 98 -7.34 -0.13 13.45
N ASN A 99 -7.64 1.06 12.92
CA ASN A 99 -6.64 1.98 12.38
C ASN A 99 -5.75 1.28 11.35
N MET A 100 -6.38 0.80 10.29
CA MET A 100 -5.67 0.09 9.24
C MET A 100 -6.51 0.13 7.97
N PHE A 101 -5.83 0.09 6.83
CA PHE A 101 -6.51 -0.02 5.54
C PHE A 101 -6.82 -1.48 5.26
N GLU A 102 -8.09 -1.81 5.13
CA GLU A 102 -8.52 -3.17 4.80
C GLU A 102 -8.64 -3.29 3.28
N LYS A 103 -7.85 -4.18 2.69
CA LYS A 103 -7.88 -4.42 1.25
C LYS A 103 -9.20 -5.10 0.89
N ILE A 104 -10.17 -4.30 0.45
CA ILE A 104 -11.48 -4.85 0.11
C ILE A 104 -11.41 -5.68 -1.17
N HIS A 105 -10.76 -5.14 -2.20
CA HIS A 105 -10.66 -5.86 -3.46
C HIS A 105 -9.29 -5.65 -4.09
N GLN A 106 -8.88 -6.63 -4.89
CA GLN A 106 -7.62 -6.60 -5.62
C GLN A 106 -7.76 -7.49 -6.84
N GLU A 107 -7.84 -6.88 -8.02
CA GLU A 107 -8.02 -7.61 -9.27
C GLU A 107 -6.81 -7.43 -10.16
N THR A 108 -6.35 -8.52 -10.75
CA THR A 108 -5.13 -8.57 -11.55
C THR A 108 -5.46 -8.50 -13.03
N PHE A 109 -4.60 -7.84 -13.80
CA PHE A 109 -4.84 -7.69 -15.24
C PHE A 109 -3.56 -7.63 -16.05
N GLY A 110 -2.48 -7.13 -15.46
CA GLY A 110 -1.25 -6.93 -16.21
C GLY A 110 0.01 -7.31 -15.47
N LYS A 111 1.16 -6.90 -16.02
CA LYS A 111 2.45 -7.17 -15.41
C LYS A 111 2.91 -6.00 -14.55
N SER A 112 3.93 -6.24 -13.74
CA SER A 112 4.40 -5.25 -12.79
C SER A 112 5.30 -4.22 -13.46
N GLY A 113 5.49 -3.10 -12.77
CA GLY A 113 6.30 -2.01 -13.24
C GLY A 113 5.48 -0.89 -13.85
N CYS A 114 6.07 0.30 -13.87
CA CYS A 114 5.45 1.47 -14.49
C CYS A 114 5.58 1.35 -16.01
N ARG A 115 4.79 0.43 -16.57
CA ARG A 115 4.91 0.09 -17.97
C ARG A 115 4.16 1.10 -18.84
N ARG A 116 4.36 0.94 -20.15
CA ARG A 116 3.82 1.90 -21.12
C ARG A 116 2.38 1.56 -21.49
N ILE A 117 2.05 0.27 -21.63
CA ILE A 117 0.75 -0.16 -22.09
C ILE A 117 -0.01 -0.96 -21.03
N VAL A 118 0.45 -0.95 -19.79
CA VAL A 118 -0.21 -1.65 -18.69
C VAL A 118 -0.91 -0.62 -17.83
N PRO A 119 -2.21 -0.74 -17.59
CA PRO A 119 -2.94 0.29 -16.85
C PRO A 119 -2.43 0.44 -15.41
N GLY A 120 -2.68 1.61 -14.84
CA GLY A 120 -2.24 1.94 -13.51
C GLY A 120 -1.87 3.40 -13.38
N GLN A 121 -1.44 4.00 -14.49
CA GLN A 121 -1.04 5.41 -14.46
C GLN A 121 -2.25 6.32 -14.28
N PHE A 122 -3.37 5.98 -14.89
CA PHE A 122 -4.56 6.83 -14.85
C PHE A 122 -5.72 6.09 -14.20
N LEU A 123 -6.55 6.86 -13.49
CA LEU A 123 -7.62 6.31 -12.68
C LEU A 123 -8.74 7.35 -12.61
N ALA A 124 -9.91 7.01 -13.12
CA ALA A 124 -11.05 7.90 -13.08
C ALA A 124 -12.30 7.10 -12.73
N VAL A 125 -13.10 7.62 -11.81
CA VAL A 125 -14.25 6.88 -11.29
C VAL A 125 -15.53 7.64 -11.63
N ASP A 126 -16.60 6.88 -11.85
CA ASP A 126 -17.90 7.48 -12.08
C ASP A 126 -18.35 8.24 -10.84
N PRO A 127 -18.79 9.49 -10.96
CA PRO A 127 -19.13 10.28 -9.77
C PRO A 127 -20.28 9.72 -8.93
N LYS A 128 -21.00 8.72 -9.41
CA LYS A 128 -22.01 8.05 -8.61
C LYS A 128 -21.51 6.74 -8.02
N GLY A 129 -20.29 6.33 -8.35
CA GLY A 129 -19.69 5.14 -7.75
C GLY A 129 -20.03 3.83 -8.42
N ARG A 130 -20.64 3.85 -9.60
CA ARG A 130 -21.09 2.63 -10.24
C ARG A 130 -20.01 1.93 -11.05
N ALA A 131 -18.94 2.63 -11.43
CA ALA A 131 -17.88 2.02 -12.22
C ALA A 131 -16.60 2.81 -12.03
N VAL A 132 -15.48 2.12 -12.21
CA VAL A 132 -14.15 2.72 -12.14
C VAL A 132 -13.38 2.33 -13.40
N MET A 133 -12.53 3.23 -13.88
CA MET A 133 -11.76 3.03 -15.09
C MET A 133 -10.29 3.27 -14.78
N ILE A 134 -9.46 2.23 -14.98
CA ILE A 134 -8.02 2.32 -14.84
C ILE A 134 -7.40 2.18 -16.22
N SER A 135 -6.44 3.04 -16.54
CA SER A 135 -5.91 3.09 -17.89
C SER A 135 -4.42 3.37 -17.87
N ALA A 136 -3.76 2.92 -18.93
CA ALA A 136 -2.33 3.13 -19.12
C ALA A 136 -2.09 4.43 -19.87
N ILE A 137 -0.82 4.71 -20.16
CA ILE A 137 -0.48 5.88 -20.95
C ILE A 137 -0.81 5.64 -22.42
N GLU A 138 -0.84 4.37 -22.85
CA GLU A 138 -1.09 4.05 -24.24
C GLU A 138 -1.89 2.76 -24.35
N LYS A 139 -2.84 2.75 -25.29
CA LYS A 139 -3.52 1.56 -25.80
C LYS A 139 -4.55 0.98 -24.85
N GLN A 140 -4.10 0.38 -23.74
CA GLN A 140 -4.97 -0.45 -22.91
C GLN A 140 -5.74 0.39 -21.90
N LYS A 141 -7.03 0.07 -21.76
CA LYS A 141 -7.93 0.74 -20.83
C LYS A 141 -8.93 -0.28 -20.33
N LEU A 142 -9.14 -0.32 -19.01
CA LEU A 142 -10.03 -1.30 -18.39
C LEU A 142 -11.03 -0.62 -17.48
N VAL A 143 -12.25 -1.18 -17.44
CA VAL A 143 -13.34 -0.65 -16.63
C VAL A 143 -13.92 -1.79 -15.79
N TYR A 144 -14.06 -1.53 -14.49
CA TYR A 144 -14.70 -2.46 -13.56
C TYR A 144 -16.01 -1.85 -13.06
N ILE A 145 -17.02 -2.70 -12.90
CA ILE A 145 -18.33 -2.27 -12.42
C ILE A 145 -18.40 -2.53 -10.92
N LEU A 146 -18.85 -1.53 -10.17
CA LEU A 146 -18.88 -1.57 -8.72
C LEU A 146 -20.34 -1.67 -8.25
N ASN A 147 -20.64 -2.70 -7.47
CA ASN A 147 -21.99 -2.89 -6.95
C ASN A 147 -21.91 -3.64 -5.63
N ARG A 148 -22.64 -3.15 -4.63
CA ARG A 148 -22.66 -3.82 -3.33
C ARG A 148 -23.69 -4.95 -3.32
N ASP A 149 -23.47 -5.90 -2.43
CA ASP A 149 -24.37 -7.04 -2.28
C ASP A 149 -25.38 -6.75 -1.18
N ALA A 150 -26.11 -7.79 -0.76
CA ALA A 150 -27.13 -7.61 0.28
C ALA A 150 -26.51 -7.23 1.62
N ALA A 151 -25.29 -7.69 1.90
CA ALA A 151 -24.60 -7.37 3.14
C ALA A 151 -23.95 -5.99 3.11
N ALA A 152 -24.27 -5.17 2.11
CA ALA A 152 -23.76 -3.81 1.96
C ALA A 152 -22.25 -3.77 1.73
N ARG A 153 -21.64 -4.90 1.38
CA ARG A 153 -20.21 -4.93 1.09
C ARG A 153 -19.97 -4.71 -0.40
N LEU A 154 -18.98 -3.87 -0.71
CA LEU A 154 -18.68 -3.55 -2.10
C LEU A 154 -18.20 -4.78 -2.86
N THR A 155 -18.73 -4.95 -4.06
CA THR A 155 -18.34 -6.05 -4.95
C THR A 155 -17.89 -5.48 -6.29
N ILE A 156 -16.89 -6.13 -6.88
CA ILE A 156 -16.33 -5.70 -8.15
C ILE A 156 -16.72 -6.72 -9.22
N SER A 157 -16.69 -6.28 -10.47
CA SER A 157 -17.07 -7.09 -11.61
C SER A 157 -15.83 -7.53 -12.39
N SER A 158 -16.07 -8.20 -13.52
CA SER A 158 -14.99 -8.55 -14.41
C SER A 158 -14.59 -7.34 -15.25
N PRO A 159 -13.34 -7.27 -15.70
CA PRO A 159 -12.90 -6.09 -16.46
C PRO A 159 -13.50 -6.05 -17.85
N LEU A 160 -13.95 -4.86 -18.24
CA LEU A 160 -14.43 -4.61 -19.60
C LEU A 160 -13.34 -3.86 -20.37
N GLU A 161 -13.02 -4.36 -21.55
CA GLU A 161 -11.93 -3.80 -22.35
C GLU A 161 -12.39 -2.53 -23.07
N ALA A 162 -11.51 -1.54 -23.11
CA ALA A 162 -11.72 -0.30 -23.84
C ALA A 162 -10.46 0.08 -24.59
N HIS A 163 -9.77 -0.91 -25.15
CA HIS A 163 -8.48 -0.69 -25.79
C HIS A 163 -8.64 0.07 -27.09
N LYS A 164 -7.57 0.78 -27.48
CA LYS A 164 -7.53 1.48 -28.76
C LYS A 164 -6.06 1.60 -29.15
N ALA A 165 -5.65 0.81 -30.14
CA ALA A 165 -4.24 0.70 -30.48
C ALA A 165 -3.70 2.03 -30.99
N ASN A 166 -2.41 2.28 -30.70
CA ASN A 166 -1.70 3.46 -31.18
C ASN A 166 -2.35 4.75 -30.71
N THR A 167 -2.76 4.79 -29.45
CA THR A 167 -3.43 5.94 -28.87
C THR A 167 -2.79 6.29 -27.54
N LEU A 168 -2.47 7.57 -27.36
CA LEU A 168 -1.87 8.07 -26.13
C LEU A 168 -2.91 8.84 -25.33
N VAL A 169 -2.86 8.70 -24.01
CA VAL A 169 -3.87 9.28 -23.12
C VAL A 169 -3.19 10.30 -22.22
N TYR A 170 -3.53 11.58 -22.41
CA TYR A 170 -3.01 12.64 -21.56
C TYR A 170 -3.61 12.60 -20.17
N HIS A 171 -4.91 12.29 -20.07
CA HIS A 171 -5.63 12.34 -18.81
C HIS A 171 -7.00 11.70 -19.00
N VAL A 172 -7.51 11.10 -17.92
CA VAL A 172 -8.84 10.51 -17.90
C VAL A 172 -9.62 11.12 -16.75
N VAL A 173 -10.92 11.37 -16.97
CA VAL A 173 -11.78 12.01 -15.99
C VAL A 173 -13.19 11.46 -16.14
N GLY A 174 -13.80 11.07 -15.04
CA GLY A 174 -15.19 10.64 -15.07
C GLY A 174 -16.12 11.83 -15.20
N VAL A 175 -17.14 11.67 -16.05
CA VAL A 175 -18.10 12.73 -16.33
C VAL A 175 -19.33 12.52 -15.45
N ASP A 176 -19.79 13.60 -14.82
CA ASP A 176 -20.93 13.52 -13.91
C ASP A 176 -22.21 13.53 -14.74
N VAL A 177 -22.78 12.36 -14.98
CA VAL A 177 -24.09 12.22 -15.58
C VAL A 177 -25.07 11.79 -14.50
N GLY A 178 -26.30 12.30 -14.57
CA GLY A 178 -27.30 12.01 -13.56
C GLY A 178 -27.82 10.60 -13.60
N PHE A 179 -27.02 9.64 -13.11
CA PHE A 179 -27.38 8.23 -13.09
C PHE A 179 -27.68 7.67 -14.47
N GLU A 180 -27.13 8.29 -15.52
CA GLU A 180 -27.21 7.73 -16.86
C GLU A 180 -26.08 6.71 -17.02
N ASN A 181 -25.82 6.30 -18.25
CA ASN A 181 -24.70 5.39 -18.49
C ASN A 181 -23.39 6.10 -18.16
N PRO A 182 -22.48 5.46 -17.42
CA PRO A 182 -21.26 6.15 -17.00
C PRO A 182 -20.45 6.63 -18.19
N MET A 183 -19.87 7.83 -18.06
CA MET A 183 -19.11 8.48 -19.11
C MET A 183 -17.70 8.79 -18.61
N PHE A 184 -16.70 8.35 -19.37
CA PHE A 184 -15.30 8.63 -19.08
C PHE A 184 -14.72 9.43 -20.23
N ALA A 185 -14.45 10.71 -19.99
CA ALA A 185 -13.82 11.56 -21.00
C ALA A 185 -12.31 11.51 -20.84
N CYS A 186 -11.60 11.47 -21.96
CA CYS A 186 -10.15 11.43 -21.91
C CYS A 186 -9.57 12.12 -23.12
N LEU A 187 -8.34 12.61 -22.97
CA LEU A 187 -7.58 13.24 -24.04
C LEU A 187 -6.73 12.18 -24.72
N GLU A 188 -6.92 12.00 -26.02
CA GLU A 188 -6.20 10.99 -26.77
C GLU A 188 -5.38 11.65 -27.87
N MET A 189 -4.43 10.88 -28.39
CA MET A 189 -3.57 11.35 -29.48
C MET A 189 -3.08 10.15 -30.25
N ASP A 190 -3.46 10.05 -31.52
CA ASP A 190 -3.09 8.92 -32.37
C ASP A 190 -1.80 9.25 -33.10
N TYR A 191 -0.82 8.33 -32.99
CA TYR A 191 0.48 8.51 -33.62
C TYR A 191 0.73 7.53 -34.75
N GLU A 192 -0.29 6.84 -35.24
CA GLU A 192 -0.10 5.90 -36.34
C GLU A 192 0.31 6.62 -37.62
N GLU A 193 -0.32 7.76 -37.90
CA GLU A 193 0.07 8.56 -39.06
C GLU A 193 1.46 9.15 -38.87
N ALA A 194 1.77 9.63 -37.66
CA ALA A 194 3.07 10.25 -37.41
C ALA A 194 4.20 9.24 -37.53
N ASP A 195 3.93 7.96 -37.25
CA ASP A 195 4.95 6.93 -37.36
C ASP A 195 5.21 6.48 -38.80
N ASN A 196 4.37 6.91 -39.76
CA ASN A 196 4.52 6.54 -41.16
C ASN A 196 4.44 7.82 -42.01
N ASP A 197 5.48 8.65 -41.92
CA ASP A 197 5.61 9.86 -42.70
C ASP A 197 7.04 10.39 -42.59
N PRO A 198 7.94 10.05 -43.51
CA PRO A 198 9.33 10.49 -43.41
C PRO A 198 9.52 12.00 -43.53
N THR A 199 8.47 12.77 -43.79
CA THR A 199 8.59 14.21 -43.91
C THR A 199 8.38 14.94 -42.58
N GLY A 200 7.74 14.29 -41.60
CA GLY A 200 7.44 14.92 -40.35
C GLY A 200 6.23 15.84 -40.35
N GLU A 201 5.55 15.98 -41.50
CA GLU A 201 4.37 16.84 -41.55
C GLU A 201 3.20 16.21 -40.81
N ALA A 202 3.13 14.88 -40.77
CA ALA A 202 2.08 14.22 -40.02
C ALA A 202 2.25 14.41 -38.52
N ALA A 203 3.48 14.64 -38.06
CA ALA A 203 3.71 14.94 -36.65
C ALA A 203 3.00 16.24 -36.26
N ALA A 204 3.24 17.30 -37.03
CA ALA A 204 2.47 18.53 -36.85
C ALA A 204 1.04 18.31 -37.32
N ASN A 205 0.17 19.26 -36.96
CA ASN A 205 -1.24 19.25 -37.33
C ASN A 205 -2.00 18.06 -36.75
N THR A 206 -1.31 17.22 -35.98
CA THR A 206 -1.94 16.08 -35.31
C THR A 206 -2.35 16.53 -33.92
N GLN A 207 -3.61 16.91 -33.77
CA GLN A 207 -4.12 17.47 -32.53
C GLN A 207 -4.83 16.40 -31.70
N GLN A 208 -4.80 16.58 -30.38
CA GLN A 208 -5.41 15.62 -29.48
C GLN A 208 -6.94 15.70 -29.58
N THR A 209 -7.58 14.57 -29.29
CA THR A 209 -9.03 14.45 -29.40
C THR A 209 -9.61 14.21 -28.01
N LEU A 210 -10.54 15.07 -27.60
CA LEU A 210 -11.37 14.78 -26.44
C LEU A 210 -12.39 13.72 -26.82
N THR A 211 -12.30 12.54 -26.20
CA THR A 211 -13.15 11.42 -26.53
C THR A 211 -13.96 11.00 -25.31
N PHE A 212 -15.23 10.68 -25.54
CA PHE A 212 -16.16 10.24 -24.51
C PHE A 212 -16.41 8.75 -24.68
N TYR A 213 -16.02 7.97 -23.67
CA TYR A 213 -16.29 6.54 -23.60
C TYR A 213 -17.53 6.32 -22.75
N GLU A 214 -18.44 5.48 -23.23
CA GLU A 214 -19.67 5.19 -22.52
C GLU A 214 -19.71 3.74 -22.11
N LEU A 215 -20.15 3.49 -20.87
CA LEU A 215 -20.36 2.13 -20.36
C LEU A 215 -21.84 1.81 -20.47
N ASP A 216 -22.19 0.93 -21.40
CA ASP A 216 -23.58 0.50 -21.56
C ASP A 216 -23.89 -0.51 -20.47
N LEU A 217 -24.52 -0.03 -19.39
CA LEU A 217 -24.83 -0.92 -18.27
C LEU A 217 -25.83 -2.00 -18.68
N GLY A 218 -26.77 -1.67 -19.56
CA GLY A 218 -27.74 -2.66 -20.00
C GLY A 218 -27.15 -3.70 -20.92
N LEU A 219 -26.19 -3.31 -21.76
CA LEU A 219 -25.55 -4.23 -22.70
C LEU A 219 -24.20 -4.75 -22.20
N ASN A 220 -23.66 -4.16 -21.13
CA ASN A 220 -22.43 -4.63 -20.50
C ASN A 220 -21.25 -4.62 -21.48
N HIS A 221 -21.03 -3.45 -22.09
CA HIS A 221 -19.87 -3.25 -22.94
C HIS A 221 -19.56 -1.76 -22.99
N VAL A 222 -18.33 -1.45 -23.41
CA VAL A 222 -17.85 -0.08 -23.49
C VAL A 222 -17.59 0.25 -24.96
N VAL A 223 -18.07 1.41 -25.40
CA VAL A 223 -17.94 1.84 -26.79
C VAL A 223 -17.38 3.27 -26.80
N ARG A 224 -16.46 3.53 -27.72
CA ARG A 224 -15.99 4.89 -27.94
C ARG A 224 -17.12 5.73 -28.50
N LYS A 225 -17.95 6.28 -27.61
CA LYS A 225 -19.18 6.93 -28.04
C LYS A 225 -18.89 8.19 -28.84
N TYR A 226 -18.15 9.13 -28.28
CA TYR A 226 -17.92 10.42 -28.93
C TYR A 226 -16.43 10.69 -29.03
N SER A 227 -16.09 11.64 -29.92
CA SER A 227 -14.70 12.06 -30.13
C SER A 227 -14.64 13.31 -30.99
N GLU A 228 -14.00 14.36 -30.49
CA GLU A 228 -13.82 15.58 -31.26
C GLU A 228 -12.42 16.14 -31.02
N PRO A 229 -11.73 16.57 -32.08
CA PRO A 229 -10.40 17.15 -31.91
C PRO A 229 -10.46 18.49 -31.19
N LEU A 230 -9.38 18.79 -30.47
CA LEU A 230 -9.25 20.03 -29.72
C LEU A 230 -8.39 21.03 -30.49
N GLU A 231 -8.54 22.30 -30.14
CA GLU A 231 -7.82 23.36 -30.84
C GLU A 231 -6.33 23.32 -30.52
N GLU A 232 -5.99 23.35 -29.23
CA GLU A 232 -4.62 23.22 -28.77
C GLU A 232 -4.54 22.12 -27.72
N HIS A 233 -3.33 21.58 -27.55
CA HIS A 233 -3.13 20.47 -26.62
C HIS A 233 -3.45 20.90 -25.19
N GLY A 234 -4.16 20.03 -24.47
CA GLY A 234 -4.48 20.30 -23.08
C GLY A 234 -3.72 19.39 -22.14
N ASN A 235 -3.57 19.80 -20.88
CA ASN A 235 -2.80 19.03 -19.91
C ASN A 235 -3.67 18.18 -18.99
N PHE A 236 -4.83 18.67 -18.56
CA PHE A 236 -5.70 17.86 -17.71
C PHE A 236 -7.13 18.39 -17.81
N LEU A 237 -8.05 17.59 -17.27
CA LEU A 237 -9.48 17.85 -17.31
C LEU A 237 -10.01 18.09 -15.90
N ILE A 238 -11.25 18.59 -15.83
CA ILE A 238 -11.93 18.85 -14.57
C ILE A 238 -13.36 18.36 -14.70
N THR A 239 -13.80 17.58 -13.71
CA THR A 239 -15.18 17.08 -13.69
C THR A 239 -16.12 18.21 -13.35
N VAL A 240 -17.01 18.55 -14.28
CA VAL A 240 -18.05 19.54 -13.99
C VAL A 240 -19.24 18.81 -13.39
N PRO A 241 -19.74 19.22 -12.23
CA PRO A 241 -20.87 18.51 -11.62
C PRO A 241 -22.11 18.59 -12.50
N GLY A 242 -22.74 17.44 -12.71
CA GLY A 242 -23.91 17.35 -13.55
C GLY A 242 -25.12 16.78 -12.84
N GLY A 243 -26.08 16.30 -13.62
CA GLY A 243 -27.30 15.77 -13.02
C GLY A 243 -28.12 16.90 -12.42
N SER A 244 -28.52 16.73 -11.16
CA SER A 244 -29.32 17.75 -10.49
C SER A 244 -28.50 18.99 -10.18
N ASP A 245 -27.21 18.82 -9.88
CA ASP A 245 -26.33 19.93 -9.50
C ASP A 245 -25.49 20.33 -10.70
N GLY A 246 -25.84 21.45 -11.33
CA GLY A 246 -25.07 21.99 -12.42
C GLY A 246 -25.15 21.17 -13.69
N PRO A 247 -24.62 21.71 -14.79
CA PRO A 247 -24.64 20.97 -16.06
C PRO A 247 -23.45 20.02 -16.18
N SER A 248 -23.72 18.86 -16.79
CA SER A 248 -22.66 17.90 -17.04
C SER A 248 -21.64 18.48 -18.02
N GLY A 249 -20.44 17.94 -17.96
CA GLY A 249 -19.39 18.37 -18.87
C GLY A 249 -18.04 18.33 -18.19
N VAL A 250 -17.01 18.65 -18.98
CA VAL A 250 -15.63 18.66 -18.53
C VAL A 250 -15.02 20.01 -18.83
N LEU A 251 -14.05 20.41 -18.01
CA LEU A 251 -13.26 21.62 -18.23
C LEU A 251 -11.87 21.18 -18.68
N ILE A 252 -11.54 21.44 -19.94
CA ILE A 252 -10.24 21.10 -20.49
C ILE A 252 -9.30 22.28 -20.24
N CYS A 253 -8.26 22.05 -19.45
CA CYS A 253 -7.23 23.05 -19.23
C CYS A 253 -6.20 22.94 -20.35
N SER A 254 -5.81 24.09 -20.92
CA SER A 254 -4.88 24.12 -22.04
C SER A 254 -3.94 25.30 -21.87
N GLU A 255 -2.83 25.24 -22.60
CA GLU A 255 -1.84 26.31 -22.55
C GLU A 255 -2.48 27.64 -22.93
N ASN A 256 -2.63 28.52 -21.93
CA ASN A 256 -3.17 29.87 -22.03
C ASN A 256 -4.70 29.90 -22.18
N TYR A 257 -5.39 28.77 -22.02
CA TYR A 257 -6.83 28.78 -22.20
C TYR A 257 -7.48 27.72 -21.30
N ILE A 258 -8.79 27.88 -21.09
CA ILE A 258 -9.62 26.88 -20.44
C ILE A 258 -10.91 26.76 -21.23
N THR A 259 -11.35 25.52 -21.48
CA THR A 259 -12.43 25.25 -22.43
C THR A 259 -13.46 24.32 -21.81
N TYR A 260 -14.64 24.84 -21.50
CA TYR A 260 -15.80 24.00 -21.23
C TYR A 260 -16.33 23.50 -22.56
N LYS A 261 -16.34 22.17 -22.75
CA LYS A 261 -16.74 21.54 -23.99
C LYS A 261 -17.60 20.31 -23.67
N ASN A 262 -18.80 20.56 -23.15
CA ASN A 262 -19.78 19.49 -23.00
C ASN A 262 -20.27 19.06 -24.37
N PHE A 263 -20.56 17.77 -24.50
CA PHE A 263 -20.94 17.20 -25.79
C PHE A 263 -22.45 17.15 -25.97
N GLY A 264 -22.87 17.14 -27.22
CA GLY A 264 -24.26 17.32 -27.58
C GLY A 264 -24.44 18.63 -28.33
N ASP A 265 -25.46 19.40 -27.97
CA ASP A 265 -25.69 20.71 -28.55
C ASP A 265 -25.03 21.83 -27.75
N GLN A 266 -24.11 21.49 -26.84
CA GLN A 266 -23.42 22.50 -26.05
C GLN A 266 -22.28 23.10 -26.87
N PRO A 267 -22.25 24.41 -27.08
CA PRO A 267 -21.13 25.01 -27.82
C PRO A 267 -19.89 25.15 -26.95
N ASP A 268 -18.73 25.04 -27.59
CA ASP A 268 -17.47 25.17 -26.89
C ASP A 268 -17.31 26.59 -26.37
N ILE A 269 -17.03 26.71 -25.07
CA ILE A 269 -16.82 28.00 -24.42
C ILE A 269 -15.38 28.04 -23.91
N ARG A 270 -14.62 29.03 -24.36
CA ARG A 270 -13.23 29.17 -24.00
C ARG A 270 -12.99 30.50 -23.30
N CYS A 271 -11.96 30.53 -22.46
CA CYS A 271 -11.55 31.76 -21.80
C CYS A 271 -10.02 31.75 -21.68
N PRO A 272 -9.35 32.85 -22.02
CA PRO A 272 -7.89 32.89 -21.89
C PRO A 272 -7.47 32.91 -20.42
N ILE A 273 -6.29 32.36 -20.16
CA ILE A 273 -5.72 32.34 -18.82
C ILE A 273 -5.24 33.74 -18.47
N PRO A 274 -5.78 34.37 -17.42
CA PRO A 274 -5.31 35.70 -17.04
C PRO A 274 -3.84 35.67 -16.64
N ARG A 275 -3.12 36.73 -17.00
CA ARG A 275 -1.71 36.86 -16.69
C ARG A 275 -1.50 38.03 -15.73
N ARG A 276 -0.46 37.92 -14.90
CA ARG A 276 -0.17 38.96 -13.94
C ARG A 276 0.31 40.23 -14.64
N ARG A 277 0.05 41.37 -14.00
CA ARG A 277 0.44 42.65 -14.56
C ARG A 277 1.96 42.79 -14.56
N ASN A 278 2.53 43.03 -15.74
CA ASN A 278 3.97 43.23 -15.92
C ASN A 278 4.76 42.00 -15.46
N ASP A 279 4.58 40.92 -16.20
CA ASP A 279 5.30 39.68 -15.93
C ASP A 279 6.77 39.86 -16.26
N LEU A 280 7.63 39.67 -15.25
CA LEU A 280 9.07 39.68 -15.49
C LEU A 280 9.52 38.45 -16.28
N ASP A 281 8.62 37.53 -16.59
CA ASP A 281 8.95 36.33 -17.34
C ASP A 281 9.07 36.65 -18.82
N ASP A 282 9.73 35.76 -19.55
CA ASP A 282 9.82 35.87 -21.00
C ASP A 282 8.43 35.69 -21.60
N PRO A 283 7.91 36.67 -22.34
CA PRO A 283 6.55 36.52 -22.89
C PRO A 283 6.38 35.36 -23.85
N GLU A 284 7.47 34.84 -24.41
CA GLU A 284 7.37 33.69 -25.32
C GLU A 284 6.91 32.43 -24.60
N ARG A 285 7.06 32.37 -23.28
CA ARG A 285 6.69 31.19 -22.52
C ARG A 285 5.19 31.18 -22.25
N GLY A 286 4.58 30.01 -22.37
CA GLY A 286 3.16 29.84 -22.13
C GLY A 286 2.83 29.82 -20.65
N MET A 287 1.60 29.39 -20.36
CA MET A 287 1.12 29.33 -18.98
C MET A 287 0.01 28.30 -18.91
N ILE A 288 0.15 27.34 -17.99
CA ILE A 288 -0.83 26.28 -17.79
C ILE A 288 -1.20 26.23 -16.31
N PHE A 289 -2.21 25.43 -16.01
CA PHE A 289 -2.57 25.11 -14.63
C PHE A 289 -1.90 23.81 -14.22
N VAL A 290 -1.49 23.73 -12.96
CA VAL A 290 -0.74 22.58 -12.46
C VAL A 290 -1.67 21.61 -11.74
N CYS A 291 -2.73 22.14 -11.13
CA CYS A 291 -3.67 21.32 -10.39
C CYS A 291 -5.00 22.06 -10.31
N SER A 292 -6.02 21.35 -9.82
CA SER A 292 -7.34 21.92 -9.69
C SER A 292 -8.09 21.23 -8.56
N ALA A 293 -8.75 22.02 -7.71
CA ALA A 293 -9.65 21.53 -6.69
C ALA A 293 -11.09 21.81 -7.10
N THR A 294 -12.01 21.07 -6.51
CA THR A 294 -13.43 21.19 -6.84
C THR A 294 -14.25 21.10 -5.56
N HIS A 295 -15.15 22.07 -5.36
CA HIS A 295 -16.05 22.08 -4.22
C HIS A 295 -17.49 22.08 -4.73
N LYS A 296 -18.28 21.13 -4.25
CA LYS A 296 -19.66 20.96 -4.67
C LYS A 296 -20.58 21.18 -3.47
N THR A 297 -21.54 22.08 -3.63
CA THR A 297 -22.53 22.36 -2.60
C THR A 297 -23.91 22.05 -3.16
N LYS A 298 -24.86 21.79 -2.24
CA LYS A 298 -26.24 21.65 -2.65
C LYS A 298 -26.77 22.93 -3.30
N SER A 299 -26.20 24.08 -2.93
CA SER A 299 -26.61 25.36 -3.50
C SER A 299 -25.85 25.65 -4.79
N MET A 300 -24.53 25.87 -4.66
CA MET A 300 -23.69 26.30 -5.76
C MET A 300 -22.57 25.29 -5.99
N PHE A 301 -21.61 25.69 -6.82
CA PHE A 301 -20.37 24.96 -7.02
C PHE A 301 -19.37 25.90 -7.67
N PHE A 302 -18.09 25.59 -7.50
CA PHE A 302 -17.02 26.39 -8.11
C PHE A 302 -15.76 25.53 -8.18
N PHE A 303 -14.70 26.12 -8.75
CA PHE A 303 -13.44 25.44 -8.92
C PHE A 303 -12.30 26.36 -8.49
N LEU A 304 -11.16 25.76 -8.21
CA LEU A 304 -9.94 26.48 -7.88
C LEU A 304 -8.81 25.93 -8.75
N ALA A 305 -8.30 26.76 -9.65
CA ALA A 305 -7.27 26.33 -10.60
C ALA A 305 -6.02 27.17 -10.40
N GLN A 306 -4.90 26.51 -10.14
CA GLN A 306 -3.63 27.17 -9.86
C GLN A 306 -2.73 27.13 -11.09
N THR A 307 -2.05 28.25 -11.35
CA THR A 307 -1.17 28.36 -12.50
C THR A 307 0.24 27.89 -12.14
N GLU A 308 1.16 27.99 -13.11
CA GLU A 308 2.55 27.65 -12.85
C GLU A 308 3.18 28.63 -11.85
N GLN A 309 2.70 29.86 -11.83
CA GLN A 309 3.19 30.86 -10.88
C GLN A 309 2.56 30.74 -9.51
N GLY A 310 1.67 29.78 -9.30
CA GLY A 310 1.01 29.64 -8.02
C GLY A 310 -0.24 30.47 -7.87
N ASP A 311 -0.83 30.92 -8.98
CA ASP A 311 -2.01 31.78 -8.95
C ASP A 311 -3.26 30.91 -8.89
N ILE A 312 -3.94 30.94 -7.75
CA ILE A 312 -5.21 30.24 -7.57
C ILE A 312 -6.34 31.15 -8.03
N PHE A 313 -7.10 30.68 -9.02
CA PHE A 313 -8.28 31.36 -9.53
C PHE A 313 -9.52 30.59 -9.12
N LYS A 314 -10.58 31.34 -8.80
CA LYS A 314 -11.89 30.77 -8.50
C LYS A 314 -12.74 30.81 -9.77
N ILE A 315 -12.99 29.64 -10.35
CA ILE A 315 -13.70 29.53 -11.62
C ILE A 315 -15.15 29.18 -11.33
N THR A 316 -16.07 30.03 -11.81
CA THR A 316 -17.50 29.83 -11.66
C THR A 316 -18.14 29.79 -13.04
N LEU A 317 -19.20 29.00 -13.17
CA LEU A 317 -19.93 28.85 -14.42
C LEU A 317 -21.35 29.38 -14.26
N GLU A 318 -21.72 30.31 -15.14
CA GLU A 318 -23.09 30.77 -15.24
C GLU A 318 -23.87 29.84 -16.17
N THR A 319 -25.10 29.52 -15.80
CA THR A 319 -25.89 28.53 -16.51
C THR A 319 -27.30 29.03 -16.76
N ASP A 320 -27.85 28.65 -17.91
CA ASP A 320 -29.24 28.94 -18.27
C ASP A 320 -29.86 27.68 -18.83
N GLU A 321 -31.08 27.36 -18.38
CA GLU A 321 -31.79 26.14 -18.77
C GLU A 321 -30.89 24.96 -18.43
N ASP A 322 -30.44 24.17 -19.40
CA ASP A 322 -29.51 23.07 -19.16
C ASP A 322 -28.16 23.31 -19.81
N MET A 323 -27.90 24.51 -20.33
CA MET A 323 -26.67 24.82 -21.03
C MET A 323 -25.89 25.88 -20.26
N VAL A 324 -24.58 25.92 -20.50
CA VAL A 324 -23.70 26.88 -19.86
C VAL A 324 -23.56 28.12 -20.74
N THR A 325 -23.46 29.28 -20.11
CA THR A 325 -23.38 30.55 -20.82
C THR A 325 -21.98 31.13 -20.87
N GLU A 326 -21.26 31.13 -19.74
CA GLU A 326 -19.95 31.76 -19.68
C GLU A 326 -19.12 31.13 -18.56
N ILE A 327 -17.80 31.24 -18.72
CA ILE A 327 -16.84 30.79 -17.71
C ILE A 327 -16.33 32.03 -17.00
N ARG A 328 -16.62 32.16 -15.71
CA ARG A 328 -16.24 33.34 -14.93
C ARG A 328 -15.05 32.99 -14.05
N LEU A 329 -13.88 33.51 -14.39
CA LEU A 329 -12.68 33.36 -13.59
C LEU A 329 -12.50 34.59 -12.71
N LYS A 330 -11.82 34.40 -11.58
CA LYS A 330 -11.55 35.50 -10.66
C LYS A 330 -10.31 35.15 -9.85
N TYR A 331 -9.40 36.12 -9.71
CA TYR A 331 -8.17 35.92 -8.96
C TYR A 331 -8.47 35.67 -7.50
N PHE A 332 -8.19 34.45 -7.02
CA PHE A 332 -8.46 34.10 -5.62
C PHE A 332 -7.26 34.46 -4.75
N ASP A 333 -6.14 33.77 -4.92
CA ASP A 333 -4.97 34.07 -4.09
C ASP A 333 -3.72 33.49 -4.74
N THR A 334 -2.64 33.39 -3.97
CA THR A 334 -1.38 32.84 -4.45
C THR A 334 -0.75 32.00 -3.35
N VAL A 335 -0.45 30.75 -3.66
CA VAL A 335 0.24 29.84 -2.75
C VAL A 335 1.38 29.18 -3.53
N PRO A 336 2.32 28.49 -2.88
CA PRO A 336 3.35 27.76 -3.63
C PRO A 336 2.73 26.76 -4.60
N VAL A 337 3.52 26.38 -5.60
CA VAL A 337 3.05 25.46 -6.64
C VAL A 337 2.69 24.13 -6.00
N ALA A 338 1.42 23.76 -6.09
CA ALA A 338 0.90 22.57 -5.44
C ALA A 338 0.74 21.42 -6.43
N ALA A 339 0.97 20.20 -5.93
CA ALA A 339 0.68 19.00 -6.69
C ALA A 339 -0.77 18.54 -6.55
N ALA A 340 -1.45 18.98 -5.49
CA ALA A 340 -2.85 18.65 -5.28
C ALA A 340 -3.45 19.64 -4.29
N MET A 341 -4.75 19.89 -4.44
CA MET A 341 -5.48 20.76 -3.53
C MET A 341 -6.80 20.11 -3.16
N CYS A 342 -7.24 20.34 -1.92
CA CYS A 342 -8.45 19.76 -1.38
C CYS A 342 -9.26 20.85 -0.70
N VAL A 343 -10.49 21.06 -1.16
CA VAL A 343 -11.40 22.02 -0.54
C VAL A 343 -12.35 21.23 0.35
N LEU A 344 -12.19 21.40 1.66
CA LEU A 344 -13.01 20.71 2.64
C LEU A 344 -14.10 21.62 3.17
N LYS A 345 -15.16 20.99 3.70
CA LYS A 345 -16.20 21.74 4.37
C LYS A 345 -15.63 22.41 5.63
N THR A 346 -16.46 23.23 6.26
CA THR A 346 -16.06 24.07 7.40
C THR A 346 -14.94 25.04 7.04
N GLY A 347 -14.77 25.33 5.74
CA GLY A 347 -13.83 26.33 5.28
C GLY A 347 -12.36 26.03 5.56
N PHE A 348 -11.79 25.12 4.79
CA PHE A 348 -10.37 24.82 4.87
C PHE A 348 -9.86 24.38 3.51
N LEU A 349 -8.67 24.85 3.15
CA LEU A 349 -8.01 24.49 1.91
C LEU A 349 -6.68 23.83 2.23
N PHE A 350 -6.47 22.62 1.74
CA PHE A 350 -5.23 21.90 1.92
C PHE A 350 -4.39 22.03 0.66
N VAL A 351 -3.17 22.54 0.81
CA VAL A 351 -2.26 22.78 -0.29
C VAL A 351 -1.04 21.90 -0.08
N ALA A 352 -0.96 20.79 -0.82
CA ALA A 352 0.19 19.90 -0.79
C ALA A 352 1.15 20.35 -1.89
N SER A 353 2.15 21.14 -1.51
CA SER A 353 3.09 21.68 -2.47
C SER A 353 3.85 20.56 -3.18
N GLU A 354 4.14 20.77 -4.47
CA GLU A 354 4.89 19.77 -5.23
C GLU A 354 6.29 19.60 -4.66
N PHE A 355 6.83 20.62 -4.01
CA PHE A 355 8.11 20.55 -3.32
C PHE A 355 8.05 21.44 -2.09
N GLY A 356 8.85 21.09 -1.09
CA GLY A 356 8.90 21.88 0.13
C GLY A 356 7.73 21.61 1.06
N ASN A 357 7.60 22.50 2.04
CA ASN A 357 6.61 22.33 3.08
C ASN A 357 5.19 22.39 2.51
N HIS A 358 4.27 21.74 3.21
CA HIS A 358 2.86 21.73 2.86
C HIS A 358 2.11 22.71 3.75
N TYR A 359 0.91 23.10 3.33
CA TYR A 359 0.19 24.15 4.01
C TYR A 359 -1.29 23.80 4.16
N LEU A 360 -1.88 24.32 5.24
CA LEU A 360 -3.31 24.21 5.50
C LEU A 360 -3.84 25.58 5.85
N TYR A 361 -4.72 26.10 5.00
CA TYR A 361 -5.33 27.42 5.17
C TYR A 361 -6.79 27.29 5.58
N GLN A 362 -7.31 28.38 6.14
CA GLN A 362 -8.74 28.51 6.43
C GLN A 362 -9.35 29.50 5.46
N ILE A 363 -10.48 29.13 4.87
CA ILE A 363 -11.18 29.99 3.93
C ILE A 363 -11.97 31.03 4.72
N ALA A 364 -11.52 32.29 4.66
CA ALA A 364 -12.23 33.37 5.34
C ALA A 364 -13.34 33.94 4.48
N HIS A 365 -13.06 34.24 3.21
CA HIS A 365 -14.05 34.73 2.27
C HIS A 365 -14.06 33.83 1.05
N LEU A 366 -15.23 33.72 0.42
CA LEU A 366 -15.34 32.90 -0.79
C LEU A 366 -14.62 33.51 -1.99
N GLY A 367 -14.14 34.75 -1.88
CA GLY A 367 -13.46 35.42 -2.97
C GLY A 367 -14.28 36.49 -3.64
N ASP A 368 -15.58 36.61 -3.34
CA ASP A 368 -16.45 37.60 -3.92
C ASP A 368 -16.73 38.71 -2.90
N ASP A 369 -17.72 39.55 -3.20
CA ASP A 369 -18.12 40.68 -2.37
C ASP A 369 -17.04 41.75 -2.27
N ASP A 370 -15.87 41.50 -2.87
CA ASP A 370 -14.83 42.50 -2.94
C ASP A 370 -14.89 43.20 -4.30
N GLU A 371 -14.00 44.18 -4.49
CA GLU A 371 -13.99 44.98 -5.71
C GLU A 371 -12.87 44.57 -6.66
N GLU A 372 -12.52 43.28 -6.69
CA GLU A 372 -11.52 42.83 -7.65
C GLU A 372 -12.17 42.50 -8.99
N PRO A 373 -11.43 42.61 -10.09
CA PRO A 373 -12.01 42.34 -11.40
C PRO A 373 -12.36 40.87 -11.56
N GLU A 374 -13.49 40.62 -12.21
CA GLU A 374 -13.99 39.27 -12.47
C GLU A 374 -14.09 39.09 -13.97
N PHE A 375 -13.30 38.17 -14.52
CA PHE A 375 -13.22 37.97 -15.96
C PHE A 375 -14.24 36.95 -16.43
N SER A 376 -14.75 37.16 -17.64
CA SER A 376 -15.73 36.29 -18.25
C SER A 376 -15.24 35.85 -19.63
N SER A 377 -15.79 34.72 -20.10
CA SER A 377 -15.43 34.23 -21.42
C SER A 377 -16.05 35.07 -22.52
N ALA A 378 -17.21 35.67 -22.25
CA ALA A 378 -17.91 36.48 -23.26
C ALA A 378 -17.27 37.84 -23.48
N MET A 379 -16.33 38.24 -22.62
CA MET A 379 -15.68 39.53 -22.80
C MET A 379 -14.80 39.50 -24.05
N PRO A 380 -14.97 40.44 -24.98
CA PRO A 380 -14.16 40.42 -26.21
C PRO A 380 -12.79 41.06 -25.98
N LEU A 381 -11.79 40.48 -26.63
CA LEU A 381 -10.42 40.96 -26.55
C LEU A 381 -9.57 40.21 -27.57
N GLU A 382 -8.54 40.88 -28.07
CA GLU A 382 -7.59 40.28 -28.99
C GLU A 382 -6.34 41.15 -29.14
N ASP A 385 -3.98 39.98 -27.03
CA ASP A 385 -4.22 40.58 -25.71
C ASP A 385 -4.98 39.63 -24.80
N THR A 386 -4.57 39.59 -23.54
CA THR A 386 -5.22 38.78 -22.51
C THR A 386 -5.59 39.67 -21.33
N PHE A 387 -6.27 39.07 -20.36
CA PHE A 387 -6.63 39.80 -19.15
C PHE A 387 -5.39 39.99 -18.27
N PHE A 388 -5.46 40.99 -17.41
CA PHE A 388 -4.37 41.31 -16.50
C PHE A 388 -4.92 41.57 -15.10
N PHE A 389 -4.13 41.21 -14.09
CA PHE A 389 -4.52 41.38 -12.70
C PHE A 389 -3.29 41.67 -11.87
N GLN A 390 -3.52 42.08 -10.62
CA GLN A 390 -2.45 42.48 -9.72
C GLN A 390 -2.27 41.44 -8.63
N PRO A 391 -1.12 40.77 -8.56
CA PRO A 391 -0.87 39.82 -7.46
C PRO A 391 -0.75 40.55 -6.14
N ARG A 392 -1.58 40.16 -5.17
CA ARG A 392 -1.63 40.79 -3.87
C ARG A 392 -1.33 39.76 -2.78
N PRO A 393 -0.96 40.21 -1.58
CA PRO A 393 -0.77 39.27 -0.48
C PRO A 393 -2.05 38.52 -0.15
N LEU A 394 -1.91 37.52 0.73
CA LEU A 394 -3.04 36.67 1.09
C LEU A 394 -4.13 37.49 1.77
N LYS A 395 -5.30 37.55 1.14
CA LYS A 395 -6.44 38.26 1.71
C LYS A 395 -7.72 37.43 1.74
N ASN A 396 -7.77 36.27 1.07
CA ASN A 396 -8.89 35.37 1.18
C ASN A 396 -8.60 34.15 2.04
N LEU A 397 -7.33 33.83 2.27
CA LEU A 397 -6.93 32.70 3.09
C LEU A 397 -6.09 33.17 4.27
N VAL A 398 -6.00 32.31 5.27
CA VAL A 398 -5.13 32.53 6.43
C VAL A 398 -4.39 31.23 6.71
N LEU A 399 -3.06 31.32 6.85
CA LEU A 399 -2.26 30.13 7.09
C LEU A 399 -2.54 29.61 8.50
N VAL A 400 -3.05 28.38 8.58
CA VAL A 400 -3.43 27.78 9.85
C VAL A 400 -2.41 26.75 10.31
N ASP A 401 -1.86 25.96 9.39
CA ASP A 401 -0.82 25.01 9.76
C ASP A 401 0.16 24.84 8.61
N GLU A 402 1.39 24.47 8.96
CA GLU A 402 2.44 24.23 7.99
C GLU A 402 3.15 22.93 8.34
N LEU A 403 3.17 21.99 7.40
CA LEU A 403 3.82 20.71 7.59
C LEU A 403 5.23 20.77 7.00
N ASP A 404 6.22 20.51 7.85
CA ASP A 404 7.62 20.57 7.41
C ASP A 404 7.92 19.37 6.52
N SER A 405 8.28 19.64 5.26
CA SER A 405 8.67 18.61 4.31
C SER A 405 10.08 18.89 3.83
N LEU A 406 10.92 17.84 3.84
CA LEU A 406 12.31 17.96 3.47
C LEU A 406 12.55 17.79 1.97
N SER A 407 11.58 17.28 1.23
CA SER A 407 11.71 17.11 -0.21
C SER A 407 11.85 18.47 -0.88
N PRO A 408 12.82 18.60 -1.80
CA PRO A 408 13.76 17.55 -2.18
C PRO A 408 15.14 17.70 -1.52
N ILE A 409 15.69 16.62 -1.00
CA ILE A 409 16.98 16.65 -0.32
C ILE A 409 18.08 16.41 -1.35
N LEU A 410 18.90 17.42 -1.60
CA LEU A 410 19.94 17.35 -2.62
C LEU A 410 21.33 17.11 -2.06
N PHE A 411 21.62 17.58 -0.85
CA PHE A 411 22.91 17.27 -0.21
C PHE A 411 22.70 17.13 1.28
N CYS A 412 23.60 16.40 1.92
CA CYS A 412 23.47 16.12 3.35
C CYS A 412 24.84 15.78 3.93
N GLN A 413 25.16 16.40 5.06
CA GLN A 413 26.38 16.12 5.80
C GLN A 413 26.01 15.91 7.26
N ILE A 414 26.29 14.71 7.78
CA ILE A 414 25.99 14.36 9.16
C ILE A 414 27.25 14.59 9.98
N ALA A 415 27.26 15.66 10.77
CA ALA A 415 28.45 16.02 11.51
C ALA A 415 28.06 16.80 12.76
N ASP A 416 29.01 16.92 13.67
CA ASP A 416 28.79 17.58 14.96
C ASP A 416 29.35 19.00 14.94
N LEU A 417 28.77 19.83 14.06
CA LEU A 417 29.20 21.21 13.95
C LEU A 417 28.84 22.02 15.18
N ALA A 418 27.77 21.65 15.89
CA ALA A 418 27.38 22.32 17.11
C ALA A 418 28.17 21.77 18.29
N ASN A 419 27.97 22.39 19.46
CA ASN A 419 28.70 22.01 20.67
C ASN A 419 28.20 20.72 21.29
N GLU A 420 27.05 20.20 20.84
CA GLU A 420 26.48 18.99 21.41
C GLU A 420 27.35 17.78 21.07
N ASP A 421 26.95 16.60 21.57
CA ASP A 421 27.67 15.36 21.33
C ASP A 421 27.09 14.55 20.18
N THR A 422 25.78 14.38 20.15
CA THR A 422 25.15 13.66 19.05
C THR A 422 25.29 14.47 17.77
N PRO A 423 25.76 13.88 16.67
CA PRO A 423 25.90 14.62 15.43
C PRO A 423 24.56 15.08 14.90
N GLN A 424 24.58 16.21 14.20
CA GLN A 424 23.40 16.76 13.55
C GLN A 424 23.41 16.42 12.07
N LEU A 425 22.24 16.52 11.45
CA LEU A 425 22.09 16.29 10.02
C LEU A 425 21.91 17.64 9.33
N TYR A 426 22.99 18.12 8.69
CA TYR A 426 22.95 19.38 7.97
C TYR A 426 22.52 19.08 6.53
N VAL A 427 21.31 19.51 6.19
CA VAL A 427 20.63 19.09 4.97
C VAL A 427 20.43 20.29 4.06
N ALA A 428 21.07 20.27 2.90
CA ALA A 428 20.83 21.25 1.84
C ALA A 428 19.71 20.73 0.96
N CYS A 429 18.55 21.39 1.00
CA CYS A 429 17.36 20.86 0.37
C CYS A 429 16.37 21.98 0.09
N GLY A 430 15.64 21.86 -1.00
CA GLY A 430 14.56 22.80 -1.29
C GLY A 430 14.34 22.92 -2.79
N ARG A 431 13.52 23.92 -3.14
CA ARG A 431 13.07 24.12 -4.50
C ARG A 431 13.14 25.60 -4.83
N GLY A 432 14.11 25.98 -5.66
CA GLY A 432 14.24 27.34 -6.13
C GLY A 432 14.38 28.35 -5.00
N PRO A 433 13.49 29.34 -4.99
CA PRO A 433 13.54 30.36 -3.93
C PRO A 433 13.17 29.83 -2.56
N ARG A 434 12.34 28.78 -2.50
CA ARG A 434 11.94 28.18 -1.24
C ARG A 434 12.95 27.17 -0.72
N SER A 435 14.14 27.11 -1.31
CA SER A 435 15.19 26.23 -0.84
C SER A 435 15.69 26.68 0.52
N SER A 436 16.43 25.80 1.19
CA SER A 436 16.89 26.07 2.54
C SER A 436 17.97 25.08 2.93
N LEU A 437 18.74 25.46 3.95
CA LEU A 437 19.65 24.58 4.66
C LEU A 437 19.06 24.35 6.05
N ARG A 438 18.60 23.12 6.29
CA ARG A 438 17.92 22.79 7.53
C ARG A 438 18.79 21.87 8.37
N VAL A 439 18.90 22.19 9.66
CA VAL A 439 19.64 21.37 10.61
C VAL A 439 18.65 20.45 11.31
N LEU A 440 19.01 19.17 11.40
CA LEU A 440 18.13 18.14 11.94
C LEU A 440 18.76 17.55 13.19
N ARG A 441 18.02 17.62 14.30
CA ARG A 441 18.36 16.94 15.54
C ARG A 441 17.21 16.02 15.91
N HIS A 442 17.51 14.76 16.19
CA HIS A 442 16.49 13.79 16.56
C HIS A 442 16.26 13.86 18.07
N GLY A 443 15.11 14.40 18.45
CA GLY A 443 14.76 14.51 19.86
C GLY A 443 13.33 14.93 20.08
N LEU A 444 13.11 15.78 21.08
CA LEU A 444 11.78 16.28 21.41
C LEU A 444 11.63 17.70 20.88
N GLU A 445 10.54 17.94 20.15
CA GLU A 445 10.31 19.24 19.55
C GLU A 445 10.14 20.30 20.64
N VAL A 446 10.86 21.41 20.49
CA VAL A 446 10.83 22.51 21.44
C VAL A 446 10.14 23.70 20.79
N SER A 447 9.04 24.15 21.39
CA SER A 447 8.30 25.31 20.90
C SER A 447 8.78 26.54 21.65
N GLU A 448 9.50 27.41 20.94
CA GLU A 448 10.01 28.65 21.53
C GLU A 448 8.84 29.60 21.77
N MET A 449 8.42 29.72 23.03
CA MET A 449 7.34 30.63 23.36
C MET A 449 7.82 32.07 23.39
N ALA A 450 9.05 32.31 23.85
CA ALA A 450 9.59 33.66 23.86
C ALA A 450 11.12 33.60 23.88
N VAL A 451 11.73 34.67 23.38
CA VAL A 451 13.18 34.83 23.45
C VAL A 451 13.52 36.30 23.72
N SER A 452 14.27 36.55 24.79
CA SER A 452 14.72 37.90 25.13
C SER A 452 16.19 37.82 25.52
N GLU A 453 17.00 38.65 24.86
CA GLU A 453 18.44 38.63 25.11
C GLU A 453 18.76 39.35 26.43
N LEU A 454 19.77 38.82 27.14
CA LEU A 454 20.13 39.36 28.44
C LEU A 454 21.54 39.96 28.41
N PRO A 455 21.75 41.09 29.09
CA PRO A 455 23.09 41.66 29.18
C PRO A 455 23.96 40.84 30.13
N GLY A 456 25.27 40.95 29.93
CA GLY A 456 26.21 40.20 30.74
C GLY A 456 26.05 38.70 30.53
N ASN A 457 26.66 37.95 31.44
CA ASN A 457 26.60 36.49 31.40
C ASN A 457 25.73 35.99 32.55
N PRO A 458 24.45 35.68 32.31
CA PRO A 458 23.61 35.13 33.37
C PRO A 458 24.02 33.70 33.69
N ASN A 459 23.93 33.36 34.98
CA ASN A 459 24.30 32.01 35.41
C ASN A 459 23.15 31.22 36.02
N ALA A 460 22.08 31.87 36.49
CA ALA A 460 21.00 31.10 37.09
C ALA A 460 19.65 31.76 36.79
N VAL A 461 18.57 31.02 37.10
CA VAL A 461 17.21 31.49 36.88
C VAL A 461 16.23 30.59 37.65
N TRP A 462 15.20 31.20 38.22
CA TRP A 462 14.14 30.46 38.92
C TRP A 462 12.80 31.11 38.60
N THR A 463 11.73 30.38 38.91
CA THR A 463 10.37 30.86 38.71
C THR A 463 9.59 30.62 40.00
N VAL A 464 9.07 31.69 40.60
CA VAL A 464 8.43 31.63 41.90
C VAL A 464 7.01 32.14 41.79
N ARG A 465 6.08 31.42 42.42
CA ARG A 465 4.70 31.85 42.53
C ARG A 465 4.57 32.94 43.60
N ARG A 466 3.41 33.57 43.64
CA ARG A 466 3.10 34.53 44.70
C ARG A 466 2.32 33.87 45.84
N HIS A 467 1.51 32.86 45.53
CA HIS A 467 0.75 32.13 46.53
C HIS A 467 0.78 30.66 46.15
N ILE A 468 0.54 29.79 47.15
CA ILE A 468 0.55 28.36 46.89
C ILE A 468 -0.65 27.96 46.06
N GLU A 469 -1.79 28.62 46.24
CA GLU A 469 -2.99 28.33 45.46
C GLU A 469 -2.96 28.94 44.07
N ASP A 470 -1.92 29.72 43.74
CA ASP A 470 -1.81 30.32 42.41
C ASP A 470 -1.58 29.23 41.37
N GLU A 471 -2.46 29.16 40.37
CA GLU A 471 -2.30 28.20 39.29
C GLU A 471 -1.17 28.57 38.33
N PHE A 472 -0.69 29.81 38.38
CA PHE A 472 0.38 30.27 37.52
C PHE A 472 1.44 31.00 38.34
N ASP A 473 2.66 31.01 37.82
CA ASP A 473 3.77 31.64 38.51
C ASP A 473 3.62 33.16 38.50
N ALA A 474 4.56 33.84 39.17
CA ALA A 474 4.45 35.29 39.32
C ALA A 474 5.75 36.01 39.01
N TYR A 475 6.89 35.37 39.27
CA TYR A 475 8.18 36.03 39.10
C TYR A 475 9.19 35.10 38.46
N ILE A 476 10.07 35.70 37.64
CA ILE A 476 11.22 35.01 37.06
C ILE A 476 12.47 35.76 37.49
N ILE A 477 13.39 35.06 38.15
CA ILE A 477 14.59 35.67 38.72
C ILE A 477 15.81 35.14 37.96
N VAL A 478 16.70 36.04 37.58
CA VAL A 478 17.89 35.70 36.80
C VAL A 478 19.12 36.19 37.57
N SER A 479 20.06 35.29 37.83
CA SER A 479 21.28 35.60 38.56
C SER A 479 22.44 35.72 37.58
N PHE A 480 23.10 36.87 37.58
CA PHE A 480 24.30 37.18 36.83
C PHE A 480 25.53 37.03 37.73
N VAL A 481 26.65 37.60 37.31
CA VAL A 481 27.91 37.45 38.05
C VAL A 481 27.93 38.36 39.28
N ASN A 482 27.42 39.59 39.15
CA ASN A 482 27.42 40.54 40.24
C ASN A 482 26.03 41.05 40.60
N ALA A 483 24.98 40.56 39.95
CA ALA A 483 23.64 41.08 40.18
C ALA A 483 22.60 40.03 39.87
N THR A 484 21.42 40.21 40.44
CA THR A 484 20.25 39.42 40.11
C THR A 484 19.09 40.36 39.78
N LEU A 485 18.23 39.88 38.88
CA LEU A 485 17.18 40.69 38.28
C LEU A 485 15.86 39.94 38.42
N VAL A 486 14.79 40.69 38.68
CA VAL A 486 13.45 40.12 38.89
C VAL A 486 12.53 40.64 37.81
N LEU A 487 11.75 39.74 37.21
CA LEU A 487 10.77 40.07 36.19
C LEU A 487 9.40 39.58 36.63
N SER A 488 8.39 40.43 36.50
CA SER A 488 7.01 40.05 36.78
C SER A 488 6.35 39.57 35.49
N ILE A 489 5.91 38.31 35.49
CA ILE A 489 5.32 37.71 34.30
C ILE A 489 3.84 38.08 34.20
N GLY A 490 3.54 39.37 34.20
CA GLY A 490 2.20 39.85 33.97
C GLY A 490 1.82 39.76 32.50
N GLU A 491 0.99 40.71 32.06
CA GLU A 491 0.59 40.73 30.67
C GLU A 491 1.74 41.15 29.75
N THR A 492 2.70 41.90 30.26
CA THR A 492 3.78 42.47 29.45
C THR A 492 5.17 42.01 29.88
N VAL A 493 5.27 40.98 30.72
CA VAL A 493 6.52 40.44 31.27
C VAL A 493 7.58 41.52 31.45
N GLU A 494 7.27 42.56 32.22
CA GLU A 494 8.17 43.69 32.36
C GLU A 494 9.03 43.58 33.61
N GLU A 495 10.19 44.22 33.56
CA GLU A 495 11.09 44.29 34.71
C GLU A 495 10.43 45.03 35.86
N VAL A 496 10.55 44.47 37.06
CA VAL A 496 10.01 45.05 38.28
C VAL A 496 11.15 45.23 39.28
N THR A 497 10.92 46.07 40.28
CA THR A 497 11.94 46.33 41.28
C THR A 497 11.37 46.45 42.69
N ASP A 498 10.16 47.00 42.83
CA ASP A 498 9.66 47.29 44.17
C ASP A 498 9.08 46.05 44.84
N SER A 499 8.22 45.30 44.13
CA SER A 499 7.59 44.13 44.71
C SER A 499 8.64 43.14 45.21
N GLY A 500 9.58 42.75 44.36
CA GLY A 500 10.74 42.04 44.82
C GLY A 500 11.67 42.95 45.59
N PHE A 501 12.50 42.34 46.44
CA PHE A 501 13.50 43.09 47.18
C PHE A 501 14.88 42.54 46.89
N LEU A 502 15.18 41.31 47.34
CA LEU A 502 16.38 40.57 46.98
C LEU A 502 17.59 41.44 47.28
N GLY A 503 18.49 41.67 46.32
CA GLY A 503 19.64 42.54 46.59
C GLY A 503 20.48 42.66 45.34
N THR A 504 21.60 43.36 45.50
CA THR A 504 22.53 43.54 44.40
C THR A 504 23.38 42.30 44.15
N THR A 505 23.61 41.47 45.17
CA THR A 505 24.54 40.37 45.07
C THR A 505 23.94 39.18 44.31
N PRO A 506 24.78 38.30 43.78
CA PRO A 506 24.26 37.08 43.13
C PRO A 506 23.38 36.28 44.07
N THR A 507 22.45 35.52 43.49
CA THR A 507 21.50 34.72 44.25
C THR A 507 21.74 33.24 44.00
N LEU A 508 21.71 32.46 45.08
CA LEU A 508 21.84 31.01 44.98
C LEU A 508 20.49 30.31 44.85
N SER A 509 19.42 30.89 45.38
CA SER A 509 18.11 30.27 45.25
C SER A 509 17.01 31.29 45.49
N CYS A 510 15.87 31.04 44.86
CA CYS A 510 14.64 31.80 45.10
C CYS A 510 13.48 30.81 45.16
N SER A 511 12.79 30.74 46.29
CA SER A 511 11.70 29.80 46.43
C SER A 511 10.56 30.44 47.20
N LEU A 512 9.37 29.88 47.03
CA LEU A 512 8.20 30.26 47.82
C LEU A 512 8.18 29.37 49.05
N LEU A 513 8.61 29.91 50.19
CA LEU A 513 8.67 29.12 51.41
C LEU A 513 7.29 29.00 52.05
N GLY A 514 6.79 30.09 52.61
CA GLY A 514 5.47 30.08 53.21
C GLY A 514 4.39 29.83 52.16
N ASP A 515 3.14 29.91 52.63
CA ASP A 515 2.02 29.94 51.70
C ASP A 515 2.15 31.11 50.73
N ASP A 516 2.71 32.22 51.22
CA ASP A 516 2.87 33.45 50.45
C ASP A 516 4.21 34.12 50.68
N ALA A 517 5.11 33.50 51.43
CA ALA A 517 6.40 34.08 51.77
C ALA A 517 7.46 33.64 50.78
N LEU A 518 8.36 34.56 50.43
CA LEU A 518 9.45 34.30 49.52
C LEU A 518 10.77 34.25 50.28
N VAL A 519 11.68 33.40 49.81
CA VAL A 519 12.98 33.20 50.44
C VAL A 519 14.05 33.23 49.36
N GLN A 520 15.04 34.10 49.55
CA GLN A 520 16.19 34.22 48.68
C GLN A 520 17.44 33.79 49.43
N VAL A 521 18.27 32.98 48.79
CA VAL A 521 19.54 32.53 49.35
C VAL A 521 20.64 33.08 48.47
N TYR A 522 21.52 33.89 49.07
CA TYR A 522 22.67 34.50 48.40
C TYR A 522 23.91 34.25 49.23
N PRO A 523 25.10 34.35 48.63
CA PRO A 523 26.31 33.93 49.36
C PRO A 523 26.55 34.69 50.65
N ASP A 524 26.06 35.93 50.75
CA ASP A 524 26.25 36.72 51.95
C ASP A 524 25.15 36.53 52.98
N GLY A 525 24.17 35.69 52.73
CA GLY A 525 23.16 35.41 53.72
C GLY A 525 21.83 35.03 53.07
N ILE A 526 20.79 35.08 53.90
CA ILE A 526 19.44 34.64 53.54
C ILE A 526 18.48 35.79 53.79
N ARG A 527 17.67 36.11 52.78
CA ARG A 527 16.64 37.13 52.92
C ARG A 527 15.26 36.47 52.88
N HIS A 528 14.45 36.77 53.89
CA HIS A 528 13.06 36.32 53.93
C HIS A 528 12.12 37.52 53.78
N ILE A 529 11.17 37.37 52.86
CA ILE A 529 10.22 38.41 52.50
C ILE A 529 8.83 37.86 52.77
N ARG A 530 8.20 38.37 53.82
CA ARG A 530 6.81 38.00 54.10
C ARG A 530 5.88 38.69 53.10
N ALA A 531 4.69 38.11 52.94
CA ALA A 531 3.66 38.75 52.13
C ALA A 531 3.41 40.16 52.61
N ASP A 532 3.07 40.30 53.89
CA ASP A 532 3.21 41.60 54.56
C ASP A 532 4.67 42.01 54.50
N LYS A 533 4.94 43.13 53.83
CA LYS A 533 6.33 43.50 53.55
C LYS A 533 7.11 43.73 54.84
N ARG A 534 7.56 42.63 55.44
CA ARG A 534 8.51 42.65 56.54
C ARG A 534 9.66 41.72 56.17
N VAL A 535 10.88 42.23 56.25
CA VAL A 535 12.07 41.52 55.78
C VAL A 535 12.87 41.04 56.99
N ASN A 536 13.18 39.75 57.01
CA ASN A 536 14.06 39.18 58.02
C ASN A 536 15.35 38.76 57.34
N GLU A 537 16.48 39.27 57.83
CA GLU A 537 17.78 39.12 57.20
C GLU A 537 18.69 38.26 58.06
N TRP A 538 19.41 37.34 57.43
CA TRP A 538 20.29 36.40 58.11
C TRP A 538 21.69 36.55 57.51
N LYS A 539 22.60 37.15 58.27
CA LYS A 539 23.98 37.31 57.82
C LYS A 539 24.76 36.02 58.01
N THR A 540 25.74 35.82 57.16
CA THR A 540 26.56 34.61 57.23
C THR A 540 27.50 34.71 58.43
N PRO A 541 27.61 33.67 59.25
CA PRO A 541 28.41 33.78 60.48
C PRO A 541 29.90 33.93 60.16
N GLY A 542 30.49 34.99 60.72
CA GLY A 542 31.89 35.23 60.50
C GLY A 542 32.18 35.68 59.07
N LYS A 543 33.42 35.46 58.66
CA LYS A 543 33.89 35.82 57.32
C LYS A 543 33.45 34.82 56.26
N LYS A 544 32.71 33.78 56.62
CA LYS A 544 32.33 32.76 55.67
C LYS A 544 31.30 33.28 54.67
N THR A 545 31.00 32.45 53.67
CA THR A 545 29.94 32.71 52.70
C THR A 545 29.19 31.42 52.45
N ILE A 546 27.99 31.56 51.89
CA ILE A 546 27.16 30.40 51.58
C ILE A 546 27.60 29.81 50.24
N VAL A 547 28.07 28.57 50.27
CA VAL A 547 28.54 27.94 49.03
C VAL A 547 27.38 27.33 48.26
N LYS A 548 26.56 26.51 48.91
CA LYS A 548 25.47 25.85 48.24
C LYS A 548 24.20 25.92 49.09
N CYS A 549 23.09 25.48 48.51
CA CYS A 549 21.80 25.60 49.17
C CYS A 549 20.86 24.51 48.64
N ALA A 550 19.76 24.31 49.38
CA ALA A 550 18.74 23.35 49.01
C ALA A 550 17.47 23.77 49.74
N VAL A 551 16.46 24.20 48.98
CA VAL A 551 15.24 24.77 49.55
C VAL A 551 14.09 23.77 49.47
N ASN A 552 12.93 24.17 49.96
CA ASN A 552 11.78 23.29 50.09
C ASN A 552 10.57 24.17 50.38
N GLN A 553 9.40 23.54 50.42
CA GLN A 553 8.19 24.27 50.80
C GLN A 553 8.22 24.66 52.27
N ARG A 554 8.95 23.91 53.12
CA ARG A 554 9.01 24.26 54.53
C ARG A 554 10.38 24.00 55.14
N GLN A 555 11.43 23.89 54.32
CA GLN A 555 12.78 23.61 54.82
C GLN A 555 13.79 24.38 53.98
N VAL A 556 14.88 24.81 54.62
CA VAL A 556 15.96 25.54 53.95
C VAL A 556 17.28 25.07 54.54
N VAL A 557 18.08 24.36 53.75
CA VAL A 557 19.39 23.89 54.18
C VAL A 557 20.46 24.62 53.37
N ILE A 558 21.50 25.09 54.05
CA ILE A 558 22.58 25.81 53.37
C ILE A 558 23.93 25.19 53.76
N ALA A 559 24.88 25.28 52.83
CA ALA A 559 26.22 24.76 53.02
C ALA A 559 27.22 25.91 52.86
N LEU A 560 27.99 26.17 53.91
CA LEU A 560 28.96 27.25 53.98
C LEU A 560 30.37 26.70 53.83
N THR A 561 31.30 27.62 53.49
CA THR A 561 32.69 27.27 53.28
C THR A 561 33.23 26.44 54.42
N GLY A 562 34.13 25.51 54.09
CA GLY A 562 34.56 24.50 55.04
C GLY A 562 33.56 23.38 55.22
N GLY A 563 32.46 23.37 54.48
CA GLY A 563 31.46 22.34 54.57
C GLY A 563 30.65 22.38 55.84
N GLU A 564 30.16 23.56 56.21
CA GLU A 564 29.38 23.72 57.44
C GLU A 564 27.90 23.88 57.07
N LEU A 565 27.09 22.90 57.48
CA LEU A 565 25.67 22.90 57.16
C LEU A 565 24.89 23.67 58.22
N VAL A 566 23.97 24.51 57.75
CA VAL A 566 23.04 25.24 58.62
C VAL A 566 21.63 24.93 58.16
N TYR A 567 20.75 24.58 59.10
CA TYR A 567 19.43 24.07 58.80
C TYR A 567 18.37 25.00 59.40
N PHE A 568 17.41 25.39 58.56
CA PHE A 568 16.29 26.24 58.94
C PHE A 568 14.99 25.50 58.65
N GLU A 569 14.06 25.54 59.59
CA GLU A 569 12.74 24.96 59.40
C GLU A 569 11.67 25.96 59.81
N MET A 570 10.63 26.07 58.99
CA MET A 570 9.55 27.02 59.23
C MET A 570 8.48 26.40 60.12
N ASP A 571 8.09 27.13 61.16
CA ASP A 571 6.99 26.71 62.02
C ASP A 571 5.66 27.12 61.39
N PRO A 572 4.56 26.48 61.79
CA PRO A 572 3.25 26.85 61.22
C PRO A 572 2.86 28.30 61.46
N SER A 573 3.49 28.99 62.42
CA SER A 573 3.23 30.41 62.57
C SER A 573 3.81 31.21 61.42
N GLY A 574 4.92 30.75 60.85
CA GLY A 574 5.42 31.32 59.61
C GLY A 574 6.90 31.65 59.58
N GLN A 575 7.52 31.90 60.73
CA GLN A 575 8.91 32.31 60.73
C GLN A 575 9.82 31.08 60.56
N LEU A 576 11.10 31.34 60.34
CA LEU A 576 12.11 30.30 60.27
C LEU A 576 12.82 30.17 61.60
N ASN A 577 13.14 28.93 61.95
CA ASN A 577 13.87 28.61 63.17
C ASN A 577 15.10 27.83 62.79
N GLU A 578 16.27 28.34 63.17
CA GLU A 578 17.52 27.66 62.91
C GLU A 578 17.74 26.56 63.94
N TYR A 579 18.21 25.40 63.47
CA TYR A 579 18.47 24.29 64.36
C TYR A 579 19.59 24.64 65.33
N THR A 580 19.59 23.97 66.47
CA THR A 580 20.54 24.23 67.55
C THR A 580 21.89 23.54 67.34
N GLU A 581 22.22 23.16 66.11
CA GLU A 581 23.48 22.46 65.86
C GLU A 581 23.86 22.66 64.39
N ARG A 582 25.17 22.80 64.15
CA ARG A 582 25.72 22.91 62.80
C ARG A 582 26.73 21.80 62.62
N LYS A 583 26.52 20.96 61.60
CA LYS A 583 27.38 19.82 61.33
C LYS A 583 28.39 20.16 60.25
N GLU A 584 29.63 19.72 60.45
CA GLU A 584 30.68 19.85 59.44
C GLU A 584 30.83 18.54 58.69
N MET A 585 31.25 18.65 57.43
CA MET A 585 31.43 17.50 56.56
C MET A 585 32.90 17.14 56.44
N SER A 586 33.15 15.94 55.90
CA SER A 586 34.53 15.49 55.69
C SER A 586 35.27 16.41 54.73
N ALA A 587 34.55 17.01 53.78
CA ALA A 587 35.14 17.97 52.84
C ALA A 587 34.08 19.01 52.49
N ASP A 588 34.44 19.90 51.58
CA ASP A 588 33.52 20.95 51.16
C ASP A 588 32.34 20.36 50.39
N VAL A 589 31.25 21.12 50.35
CA VAL A 589 30.02 20.68 49.70
C VAL A 589 29.93 21.34 48.33
N VAL A 590 29.61 20.54 47.31
CA VAL A 590 29.53 21.03 45.94
C VAL A 590 28.12 21.03 45.38
N CYS A 591 27.18 20.30 45.99
CA CYS A 591 25.80 20.28 45.51
C CYS A 591 24.92 19.64 46.57
N MET A 592 23.66 20.07 46.62
CA MET A 592 22.69 19.53 47.56
C MET A 592 21.34 19.41 46.88
N SER A 593 20.49 18.54 47.45
CA SER A 593 19.13 18.37 46.98
C SER A 593 18.25 17.96 48.15
N LEU A 594 17.00 18.43 48.12
CA LEU A 594 16.04 18.14 49.18
C LEU A 594 14.69 17.87 48.54
N ALA A 595 14.15 16.67 48.78
CA ALA A 595 12.89 16.28 48.16
C ALA A 595 11.76 17.18 48.63
N ASN A 596 10.79 17.40 47.74
CA ASN A 596 9.61 18.17 48.10
C ASN A 596 8.81 17.44 49.17
N VAL A 597 8.10 18.22 49.98
CA VAL A 597 7.30 17.68 51.08
C VAL A 597 6.00 17.10 50.52
N PRO A 598 5.60 15.91 50.93
CA PRO A 598 4.30 15.37 50.51
C PRO A 598 3.18 16.27 51.00
N PRO A 599 2.01 16.23 50.34
CA PRO A 599 0.91 17.12 50.75
C PRO A 599 0.43 16.89 52.17
N GLY A 600 0.49 15.65 52.66
CA GLY A 600 0.02 15.35 53.99
C GLY A 600 1.01 15.67 55.09
N GLU A 601 2.28 15.34 54.86
CA GLU A 601 3.31 15.53 55.88
C GLU A 601 3.65 17.01 56.02
N GLN A 602 4.56 17.31 56.95
CA GLN A 602 5.00 18.67 57.20
C GLN A 602 6.49 18.88 56.97
N ARG A 603 7.24 17.83 56.61
CA ARG A 603 8.66 17.97 56.30
C ARG A 603 9.14 16.71 55.61
N SER A 604 10.08 16.88 54.69
CA SER A 604 10.76 15.76 54.05
C SER A 604 11.93 15.32 54.93
N ARG A 605 12.26 14.03 54.85
CA ARG A 605 13.25 13.46 55.75
C ARG A 605 14.66 13.47 55.18
N PHE A 606 14.83 13.11 53.91
CA PHE A 606 16.15 12.83 53.37
C PHE A 606 16.75 14.05 52.70
N LEU A 607 18.06 14.24 52.90
CA LEU A 607 18.80 15.36 52.34
C LEU A 607 20.07 14.83 51.69
N ALA A 608 20.19 15.01 50.38
CA ALA A 608 21.37 14.56 49.65
C ALA A 608 22.41 15.66 49.61
N VAL A 609 23.64 15.32 49.98
CA VAL A 609 24.75 16.28 50.01
C VAL A 609 25.93 15.68 49.27
N GLY A 610 26.42 16.38 48.25
CA GLY A 610 27.59 15.96 47.50
C GLY A 610 28.82 16.70 47.96
N LEU A 611 29.93 15.96 48.07
CA LEU A 611 31.15 16.49 48.64
C LEU A 611 32.28 16.47 47.62
N VAL A 612 33.32 17.28 47.87
CA VAL A 612 34.56 17.17 47.13
C VAL A 612 35.26 15.85 47.39
N ASP A 613 34.78 15.09 48.39
CA ASP A 613 35.19 13.73 48.67
C ASP A 613 34.83 12.79 47.52
N ASN A 614 34.18 13.34 46.49
CA ASN A 614 33.62 12.54 45.40
C ASN A 614 32.65 11.51 45.93
N THR A 615 31.87 11.89 46.93
CA THR A 615 30.89 11.03 47.56
C THR A 615 29.61 11.83 47.80
N VAL A 616 28.48 11.11 47.81
CA VAL A 616 27.18 11.68 48.15
C VAL A 616 26.70 11.02 49.43
N ARG A 617 26.07 11.81 50.29
CA ARG A 617 25.64 11.35 51.61
C ARG A 617 24.19 11.72 51.84
N ILE A 618 23.43 10.80 52.41
CA ILE A 618 22.04 11.03 52.78
C ILE A 618 21.98 11.35 54.27
N ILE A 619 21.30 12.44 54.61
CA ILE A 619 21.21 12.92 55.98
C ILE A 619 19.75 13.10 56.34
N SER A 620 19.35 12.57 57.49
CA SER A 620 17.98 12.71 57.96
C SER A 620 17.75 14.12 58.49
N LEU A 621 16.52 14.59 58.32
CA LEU A 621 16.09 15.89 58.84
C LEU A 621 14.96 15.79 59.84
N ASP A 622 14.53 14.58 60.20
CA ASP A 622 13.56 14.43 61.27
C ASP A 622 14.21 14.81 62.60
N PRO A 623 13.46 15.41 63.52
CA PRO A 623 14.06 15.82 64.81
C PRO A 623 14.58 14.67 65.65
N SER A 624 14.22 13.43 65.31
CA SER A 624 14.72 12.29 66.08
C SER A 624 16.21 12.08 65.85
N ASP A 625 16.66 12.18 64.60
CA ASP A 625 18.05 12.01 64.21
C ASP A 625 18.48 13.14 63.28
N CYS A 626 18.25 14.38 63.71
CA CYS A 626 18.52 15.53 62.86
C CYS A 626 20.00 15.69 62.60
N LEU A 627 20.36 15.90 61.34
CA LEU A 627 21.76 16.06 60.92
C LEU A 627 22.59 14.85 61.28
N GLN A 628 22.04 13.65 61.05
CA GLN A 628 22.76 12.42 61.33
C GLN A 628 23.01 11.66 60.03
N PRO A 629 24.18 11.04 59.89
CA PRO A 629 24.45 10.25 58.68
C PRO A 629 23.53 9.05 58.60
N LEU A 630 23.00 8.80 57.40
CA LEU A 630 22.14 7.65 57.13
C LEU A 630 22.79 6.64 56.21
N SER A 631 23.30 7.10 55.06
CA SER A 631 24.01 6.25 54.11
C SER A 631 24.85 7.09 53.15
N MET A 632 26.14 6.77 53.04
CA MET A 632 27.01 7.46 52.11
C MET A 632 27.23 6.59 50.86
N GLN A 633 27.98 7.14 49.92
CA GLN A 633 28.24 6.43 48.67
C GLN A 633 29.33 7.11 47.86
N ALA A 634 30.28 6.33 47.36
CA ALA A 634 31.37 6.83 46.54
C ALA A 634 30.95 6.92 45.08
N LEU A 635 31.49 7.92 44.38
CA LEU A 635 31.17 8.19 43.00
C LEU A 635 32.43 8.20 42.14
N PRO A 636 32.32 7.81 40.86
CA PRO A 636 33.52 7.78 39.99
C PRO A 636 34.14 9.14 39.74
N ALA A 637 33.47 10.24 40.09
CA ALA A 637 34.02 11.57 39.88
C ALA A 637 33.31 12.54 40.82
N GLN A 638 33.75 13.79 40.81
CA GLN A 638 33.18 14.80 41.69
C GLN A 638 31.77 15.16 41.24
N PRO A 639 30.81 15.22 42.15
CA PRO A 639 29.43 15.50 41.74
C PRO A 639 29.25 16.95 41.30
N GLU A 640 28.26 17.16 40.43
CA GLU A 640 27.88 18.48 39.98
C GLU A 640 26.46 18.88 40.38
N SER A 641 25.53 17.93 40.44
CA SER A 641 24.17 18.25 40.86
C SER A 641 23.51 16.99 41.42
N LEU A 642 22.52 17.20 42.26
CA LEU A 642 21.71 16.14 42.85
C LEU A 642 20.24 16.49 42.73
N CYS A 643 19.38 15.48 42.67
CA CYS A 643 17.94 15.73 42.59
C CYS A 643 17.19 14.49 43.06
N ILE A 644 16.52 14.60 44.20
CA ILE A 644 15.62 13.56 44.69
C ILE A 644 14.26 13.78 44.06
N VAL A 645 13.64 12.71 43.56
CA VAL A 645 12.36 12.80 42.88
C VAL A 645 11.58 11.52 43.12
N GLU A 646 10.26 11.62 43.04
CA GLU A 646 9.37 10.48 43.23
C GLU A 646 8.93 9.96 41.87
N MET A 647 9.31 8.72 41.55
CA MET A 647 8.95 8.07 40.30
C MET A 647 9.33 8.89 39.08
N PHE A 664 7.70 5.37 44.26
CA PHE A 664 9.07 5.05 44.62
C PHE A 664 9.89 6.34 44.73
N LEU A 665 11.09 6.23 45.27
CA LEU A 665 11.99 7.37 45.44
C LEU A 665 13.29 7.12 44.72
N TYR A 666 13.75 8.11 43.95
CA TYR A 666 14.97 8.03 43.18
C TYR A 666 15.85 9.23 43.46
N LEU A 667 17.15 8.98 43.63
CA LEU A 667 18.16 10.01 43.71
C LEU A 667 18.92 10.05 42.38
N ASN A 668 18.84 11.19 41.70
CA ASN A 668 19.56 11.42 40.45
C ASN A 668 20.84 12.20 40.77
N ILE A 669 21.96 11.75 40.20
CA ILE A 669 23.27 12.31 40.48
C ILE A 669 23.94 12.63 39.16
N GLY A 670 24.26 13.92 38.95
CA GLY A 670 24.99 14.33 37.76
C GLY A 670 26.41 14.75 38.10
N LEU A 671 27.40 14.08 37.51
CA LEU A 671 28.77 14.26 37.94
C LEU A 671 29.47 15.37 37.16
N GLN A 672 30.74 15.62 37.50
CA GLN A 672 31.52 16.64 36.82
C GLN A 672 31.83 16.22 35.38
N ASN A 673 32.25 14.97 35.19
CA ASN A 673 32.20 14.39 33.86
C ASN A 673 30.75 14.10 33.49
N GLY A 674 30.54 13.72 32.24
CA GLY A 674 29.19 13.68 31.71
C GLY A 674 28.29 12.57 32.20
N VAL A 675 28.70 11.83 33.23
CA VAL A 675 27.93 10.68 33.67
C VAL A 675 26.79 11.10 34.58
N LEU A 676 25.69 10.37 34.47
CA LEU A 676 24.47 10.55 35.25
C LEU A 676 24.05 9.20 35.83
N LEU A 677 23.53 9.23 37.06
CA LEU A 677 23.20 8.02 37.80
C LEU A 677 21.80 8.15 38.39
N ARG A 678 21.02 7.08 38.26
CA ARG A 678 19.75 6.93 38.97
C ARG A 678 19.92 5.87 40.03
N THR A 679 19.59 6.22 41.27
CA THR A 679 19.67 5.29 42.39
C THR A 679 18.33 5.23 43.10
N VAL A 680 18.05 4.08 43.73
CA VAL A 680 16.86 3.90 44.56
C VAL A 680 17.26 4.09 46.01
N LEU A 681 16.40 4.74 46.78
CA LEU A 681 16.71 4.93 48.20
C LEU A 681 15.42 5.02 49.00
N ASP A 682 15.54 4.73 50.30
CA ASP A 682 14.47 4.93 51.27
C ASP A 682 15.17 5.13 52.62
N PRO A 683 15.14 4.23 53.63
CA PRO A 683 16.10 4.42 54.73
C PRO A 683 17.56 4.27 54.32
N VAL A 684 17.87 3.63 53.19
CA VAL A 684 19.24 3.52 52.70
C VAL A 684 19.22 3.68 51.18
N THR A 685 20.40 3.99 50.64
CA THR A 685 20.60 3.99 49.21
C THR A 685 20.67 2.55 48.68
N GLY A 686 20.04 2.31 47.54
CA GLY A 686 20.04 0.98 46.96
C GLY A 686 20.89 0.84 45.71
N ASP A 687 20.51 -0.06 44.82
CA ASP A 687 21.23 -0.25 43.57
C ASP A 687 20.98 0.93 42.63
N LEU A 688 21.78 1.00 41.56
CA LEU A 688 21.72 2.15 40.67
C LEU A 688 22.05 1.71 39.24
N SER A 689 21.77 2.61 38.31
CA SER A 689 22.20 2.46 36.92
C SER A 689 22.68 3.81 36.43
N ASP A 690 23.69 3.80 35.55
CA ASP A 690 24.31 5.03 35.11
C ASP A 690 24.53 5.01 33.60
N THR A 691 24.70 6.21 33.04
CA THR A 691 24.97 6.36 31.62
C THR A 691 25.71 7.67 31.40
N ARG A 692 26.56 7.69 30.38
CA ARG A 692 27.30 8.89 30.02
C ARG A 692 26.48 9.71 29.03
N THR A 693 26.27 10.99 29.36
CA THR A 693 25.43 11.86 28.55
C THR A 693 26.25 12.61 27.51
N GLY A 697 29.75 12.59 27.20
CA GLY A 697 30.00 13.47 28.33
C GLY A 697 30.13 14.92 27.93
N SER A 698 31.39 15.38 27.85
CA SER A 698 31.75 16.67 27.28
C SER A 698 31.32 17.86 28.14
N ARG A 699 30.32 17.70 28.99
CA ARG A 699 29.80 18.80 29.78
C ARG A 699 29.35 18.31 31.14
N PRO A 700 29.50 19.12 32.19
CA PRO A 700 29.03 18.71 33.52
C PRO A 700 27.50 18.65 33.56
N VAL A 701 26.98 17.58 34.15
CA VAL A 701 25.55 17.33 34.16
C VAL A 701 24.91 18.14 35.29
N LYS A 702 23.94 18.99 34.93
CA LYS A 702 23.13 19.71 35.90
C LYS A 702 21.73 19.10 35.91
N LEU A 703 21.04 19.25 37.04
CA LEU A 703 19.73 18.62 37.24
C LEU A 703 18.72 19.67 37.67
N PHE A 704 17.54 19.64 37.05
CA PHE A 704 16.47 20.57 37.39
C PHE A 704 15.15 19.84 37.46
N ARG A 705 14.25 20.34 38.31
CA ARG A 705 12.90 19.82 38.43
C ARG A 705 12.01 20.49 37.39
N VAL A 706 11.28 19.68 36.62
CA VAL A 706 10.34 20.20 35.64
C VAL A 706 9.03 19.44 35.76
N ARG A 707 7.94 20.11 35.41
CA ARG A 707 6.61 19.52 35.42
C ARG A 707 6.26 19.10 34.00
N MET A 708 6.04 17.81 33.79
CA MET A 708 5.72 17.27 32.48
C MET A 708 4.49 16.38 32.58
N GLN A 709 3.47 16.69 31.77
CA GLN A 709 2.24 15.89 31.71
C GLN A 709 1.60 15.73 33.09
N GLY A 710 1.67 16.79 33.90
CA GLY A 710 1.08 16.76 35.22
C GLY A 710 1.84 15.94 36.24
N GLN A 711 3.05 15.47 35.91
CA GLN A 711 3.87 14.69 36.83
C GLN A 711 5.24 15.32 36.95
N GLU A 712 5.99 14.89 37.96
CA GLU A 712 7.34 15.39 38.18
C GLU A 712 8.32 14.64 37.28
N ALA A 713 9.04 15.39 36.46
CA ALA A 713 10.11 14.86 35.62
C ALA A 713 11.38 15.64 35.89
N VAL A 714 12.51 15.05 35.54
CA VAL A 714 13.82 15.65 35.78
C VAL A 714 14.46 16.00 34.46
N LEU A 715 15.06 17.19 34.39
CA LEU A 715 15.74 17.67 33.20
C LEU A 715 17.24 17.75 33.50
N ALA A 716 18.01 16.90 32.83
CA ALA A 716 19.46 16.85 32.99
C ALA A 716 20.12 17.57 31.82
N MET A 717 21.08 18.44 32.12
CA MET A 717 21.70 19.29 31.12
C MET A 717 23.18 18.97 31.02
N SER A 718 23.63 18.66 29.80
CA SER A 718 25.04 18.49 29.50
C SER A 718 25.35 19.15 28.16
N SER A 719 26.00 18.43 27.26
CA SER A 719 26.12 18.91 25.88
C SER A 719 24.76 19.01 25.20
N ARG A 720 23.83 18.15 25.61
CA ARG A 720 22.44 18.26 25.21
C ARG A 720 21.56 18.27 26.45
N SER A 721 20.33 18.76 26.28
CA SER A 721 19.34 18.79 27.35
C SER A 721 18.47 17.55 27.22
N TRP A 722 18.65 16.60 28.13
CA TRP A 722 17.92 15.35 28.16
C TRP A 722 16.82 15.42 29.22
N LEU A 723 15.72 14.72 28.95
CA LEU A 723 14.56 14.70 29.84
C LEU A 723 14.32 13.26 30.28
N SER A 724 14.34 13.04 31.60
CA SER A 724 14.02 11.75 32.19
C SER A 724 12.64 11.85 32.84
N TYR A 725 11.74 10.97 32.42
CA TYR A 725 10.37 10.97 32.92
C TYR A 725 9.82 9.56 32.86
N SER A 726 8.99 9.22 33.85
CA SER A 726 8.40 7.89 33.94
C SER A 726 7.09 7.85 33.16
N TYR A 727 6.89 6.75 32.43
CA TYR A 727 5.69 6.55 31.62
C TYR A 727 5.17 5.14 31.90
N GLN A 728 4.09 5.04 32.69
CA GLN A 728 3.48 3.77 33.05
C GLN A 728 4.49 2.83 33.69
N SER A 729 5.18 3.33 34.72
CA SER A 729 6.21 2.58 35.43
C SER A 729 7.35 2.15 34.51
N ARG A 730 7.57 2.91 33.43
CA ARG A 730 8.65 2.64 32.49
C ARG A 730 9.31 3.97 32.15
N PHE A 731 10.60 4.09 32.44
CA PHE A 731 11.29 5.37 32.34
C PHE A 731 11.70 5.68 30.91
N HIS A 732 11.98 6.96 30.67
CA HIS A 732 12.44 7.44 29.37
C HIS A 732 13.43 8.57 29.59
N LEU A 733 14.47 8.60 28.75
CA LEU A 733 15.55 9.60 28.81
C LEU A 733 15.75 10.12 27.39
N THR A 734 14.88 11.04 26.97
CA THR A 734 14.89 11.53 25.60
C THR A 734 15.52 12.91 25.53
N PRO A 735 16.48 13.13 24.63
CA PRO A 735 17.09 14.45 24.51
C PRO A 735 16.18 15.44 23.79
N LEU A 736 16.46 16.72 24.01
CA LEU A 736 15.72 17.79 23.36
C LEU A 736 16.43 18.19 22.06
N SER A 737 15.67 18.26 20.98
CA SER A 737 16.17 18.74 19.70
C SER A 737 16.35 20.26 19.82
N TYR A 738 17.43 20.65 20.50
CA TYR A 738 17.70 22.04 20.81
C TYR A 738 19.18 22.20 21.09
N GLU A 739 19.62 23.45 21.16
CA GLU A 739 21.03 23.75 21.39
C GLU A 739 21.38 23.59 22.86
N THR A 740 22.63 23.86 23.20
CA THR A 740 23.07 23.81 24.59
C THR A 740 22.34 24.86 25.42
N LEU A 741 22.07 24.49 26.68
CA LEU A 741 21.47 25.41 27.63
C LEU A 741 22.31 25.42 28.91
N GLU A 742 22.18 26.49 29.68
CA GLU A 742 22.99 26.70 30.87
C GLU A 742 22.22 26.62 32.18
N PHE A 743 20.97 27.09 32.20
CA PHE A 743 20.13 26.90 33.39
C PHE A 743 18.68 26.82 32.97
N ALA A 744 17.84 26.30 33.86
CA ALA A 744 16.42 26.14 33.56
C ALA A 744 15.64 25.87 34.84
N SER A 745 14.36 26.23 34.81
CA SER A 745 13.44 25.98 35.90
C SER A 745 12.03 25.88 35.33
N GLY A 746 11.15 25.21 36.08
CA GLY A 746 9.79 25.02 35.61
C GLY A 746 9.03 26.32 35.50
N PHE A 747 8.15 26.38 34.49
CA PHE A 747 7.38 27.58 34.18
C PHE A 747 5.92 27.23 33.96
N ALA A 748 5.04 28.16 34.34
CA ALA A 748 3.61 27.96 34.17
C ALA A 748 2.92 29.32 34.24
N SER A 749 2.38 29.77 33.10
CA SER A 749 1.59 31.00 33.04
C SER A 749 0.40 30.74 32.13
N GLU A 750 -0.45 31.75 31.97
CA GLU A 750 -1.58 31.61 31.05
C GLU A 750 -1.11 31.57 29.60
N GLN A 751 -0.02 32.27 29.30
CA GLN A 751 0.55 32.20 27.95
C GLN A 751 1.10 30.82 27.66
N CYS A 752 1.69 30.16 28.66
CA CYS A 752 2.26 28.83 28.51
C CYS A 752 1.94 28.04 29.77
N PRO A 753 0.89 27.20 29.75
CA PRO A 753 0.45 26.55 30.99
C PRO A 753 1.48 25.61 31.60
N GLU A 754 2.37 25.04 30.80
CA GLU A 754 3.35 24.09 31.33
C GLU A 754 4.60 24.15 30.43
N GLY A 755 5.52 25.05 30.79
CA GLY A 755 6.73 25.23 30.03
C GLY A 755 7.99 25.25 30.87
N ILE A 756 9.09 25.73 30.31
CA ILE A 756 10.38 25.77 30.99
C ILE A 756 11.06 27.09 30.67
N VAL A 757 11.59 27.75 31.69
CA VAL A 757 12.42 28.95 31.51
C VAL A 757 13.87 28.51 31.53
N ALA A 758 14.58 28.75 30.42
CA ALA A 758 15.98 28.33 30.31
C ALA A 758 16.82 29.49 29.80
N ILE A 759 17.99 29.67 30.42
CA ILE A 759 18.95 30.67 30.00
C ILE A 759 20.15 29.96 29.39
N SER A 760 20.57 30.42 28.23
CA SER A 760 21.82 30.04 27.60
C SER A 760 22.72 31.26 27.54
N THR A 761 23.93 31.07 27.02
CA THR A 761 24.94 32.12 27.00
C THR A 761 24.41 33.40 26.37
N ASN A 762 24.13 34.41 27.20
CA ASN A 762 23.67 35.73 26.77
C ASN A 762 22.29 35.66 26.11
N THR A 763 21.41 34.81 26.64
CA THR A 763 20.06 34.73 26.09
C THR A 763 19.12 34.06 27.09
N LEU A 764 17.92 34.62 27.22
CA LEU A 764 16.85 34.07 28.06
C LEU A 764 15.73 33.59 27.15
N ARG A 765 15.24 32.37 27.41
CA ARG A 765 14.29 31.71 26.54
C ARG A 765 13.16 31.09 27.35
N ILE A 766 11.94 31.27 26.87
CA ILE A 766 10.74 30.63 27.41
C ILE A 766 10.32 29.56 26.41
N LEU A 767 10.49 28.30 26.79
CA LEU A 767 10.28 27.15 25.91
C LEU A 767 9.13 26.30 26.43
N ALA A 768 8.72 25.34 25.59
CA ALA A 768 7.65 24.42 25.94
C ALA A 768 7.85 23.11 25.20
N LEU A 769 7.48 22.02 25.85
CA LEU A 769 7.59 20.67 25.29
C LEU A 769 6.18 20.14 25.07
N GLU A 770 5.58 20.52 23.94
CA GLU A 770 4.21 20.12 23.64
C GLU A 770 4.16 18.67 23.15
N LYS A 771 4.93 18.35 22.11
CA LYS A 771 4.95 17.00 21.56
C LYS A 771 5.79 16.08 22.46
N LEU A 772 5.28 14.87 22.67
CA LEU A 772 5.97 13.88 23.50
C LEU A 772 6.80 12.90 22.69
N GLY A 773 6.48 12.70 21.41
CA GLY A 773 7.22 11.75 20.59
C GLY A 773 8.51 12.36 20.06
N ALA A 774 9.55 11.54 19.99
CA ALA A 774 10.86 11.94 19.51
C ALA A 774 10.95 11.71 18.00
N VAL A 775 11.33 12.76 17.27
CA VAL A 775 11.43 12.73 15.82
C VAL A 775 12.60 13.61 15.39
N PHE A 776 12.86 13.63 14.08
CA PHE A 776 13.84 14.53 13.49
C PHE A 776 13.23 15.93 13.42
N ASN A 777 13.63 16.80 14.35
CA ASN A 777 13.18 18.18 14.32
C ASN A 777 14.22 19.06 13.64
N GLN A 778 13.76 20.17 13.08
CA GLN A 778 14.55 20.95 12.14
C GLN A 778 14.62 22.41 12.59
N VAL A 779 15.65 23.09 12.07
CA VAL A 779 15.69 24.55 12.04
C VAL A 779 16.12 24.95 10.64
N ALA A 780 15.36 25.85 10.02
CA ALA A 780 15.47 26.13 8.59
C ALA A 780 16.16 27.47 8.36
N PHE A 781 17.18 27.46 7.49
CA PHE A 781 17.86 28.67 7.07
C PHE A 781 17.56 28.92 5.61
N PRO A 782 16.82 29.98 5.26
CA PRO A 782 16.42 30.17 3.86
C PRO A 782 17.61 30.46 2.96
N LEU A 783 17.48 30.05 1.70
CA LEU A 783 18.44 30.31 0.65
C LEU A 783 17.76 31.08 -0.48
N GLN A 784 18.51 31.34 -1.55
CA GLN A 784 18.00 32.06 -2.71
C GLN A 784 17.73 31.16 -3.90
N TYR A 785 18.67 30.28 -4.23
CA TYR A 785 18.54 29.38 -5.37
C TYR A 785 18.69 27.94 -4.89
N THR A 786 18.50 27.00 -5.82
CA THR A 786 18.53 25.58 -5.49
C THR A 786 19.96 25.12 -5.22
N PRO A 787 20.25 24.60 -4.03
CA PRO A 787 21.64 24.23 -3.72
C PRO A 787 22.03 22.90 -4.35
N ARG A 788 23.30 22.81 -4.77
CA ARG A 788 23.83 21.60 -5.37
C ARG A 788 24.80 20.85 -4.48
N LYS A 789 25.59 21.55 -3.67
CA LYS A 789 26.59 20.91 -2.82
C LYS A 789 27.10 21.94 -1.82
N PHE A 790 27.53 21.46 -0.66
CA PHE A 790 28.21 22.29 0.31
C PHE A 790 29.31 21.49 0.98
N VAL A 791 30.38 22.20 1.36
CA VAL A 791 31.57 21.57 1.94
C VAL A 791 31.75 22.07 3.36
N ILE A 792 32.53 21.32 4.13
CA ILE A 792 32.83 21.64 5.52
C ILE A 792 34.21 22.28 5.59
N HIS A 793 34.28 23.49 6.14
CA HIS A 793 35.56 24.15 6.38
C HIS A 793 36.12 23.68 7.72
N PRO A 794 37.25 22.99 7.74
CA PRO A 794 37.72 22.40 9.02
C PRO A 794 37.96 23.42 10.12
N GLU A 795 38.61 24.54 9.81
CA GLU A 795 38.90 25.53 10.84
C GLU A 795 37.65 26.30 11.25
N SER A 796 37.03 26.99 10.28
CA SER A 796 35.91 27.87 10.60
C SER A 796 34.63 27.11 10.92
N ASN A 797 34.56 25.83 10.55
CA ASN A 797 33.35 25.01 10.71
C ASN A 797 32.16 25.59 9.96
N ASN A 798 32.41 26.47 9.00
CA ASN A 798 31.34 27.11 8.24
C ASN A 798 31.08 26.33 6.95
N LEU A 799 30.14 26.83 6.14
CA LEU A 799 29.67 26.13 4.96
C LEU A 799 29.84 27.00 3.72
N ILE A 800 30.32 26.38 2.66
CA ILE A 800 30.44 26.99 1.33
C ILE A 800 29.45 26.28 0.43
N ILE A 801 28.34 26.94 0.13
CA ILE A 801 27.24 26.34 -0.61
C ILE A 801 27.15 26.98 -1.99
N ILE A 802 26.92 26.17 -3.00
CA ILE A 802 26.68 26.64 -4.37
C ILE A 802 25.21 26.46 -4.69
N GLU A 803 24.57 27.52 -5.15
CA GLU A 803 23.14 27.54 -5.42
C GLU A 803 22.91 27.88 -6.88
N THR A 804 22.53 26.88 -7.68
CA THR A 804 22.39 27.01 -9.13
C THR A 804 20.96 26.66 -9.53
N ASP A 805 20.40 27.46 -10.45
CA ASP A 805 19.05 27.25 -10.93
C ASP A 805 18.94 27.54 -12.42
N HIS A 806 18.19 26.69 -13.11
CA HIS A 806 17.86 26.83 -14.52
C HIS A 806 16.74 27.85 -14.69
N ASN A 807 16.60 28.34 -15.93
CA ASN A 807 15.49 29.23 -16.32
C ASN A 807 15.38 30.42 -15.39
N ALA A 808 16.52 31.00 -15.01
CA ALA A 808 16.51 32.02 -13.97
C ALA A 808 17.30 33.25 -14.40
N TYR A 809 16.94 34.37 -13.79
CA TYR A 809 17.68 35.62 -13.88
C TYR A 809 18.51 35.79 -12.61
N THR A 810 19.69 36.39 -12.77
CA THR A 810 20.39 36.84 -11.57
C THR A 810 19.80 38.16 -11.10
N GLU A 811 20.18 38.57 -9.88
CA GLU A 811 19.62 39.79 -9.32
C GLU A 811 19.93 41.00 -10.20
N ALA A 812 21.14 41.07 -10.73
CA ALA A 812 21.49 42.15 -11.65
C ALA A 812 20.62 42.11 -12.90
N THR A 813 20.58 40.96 -13.58
CA THR A 813 19.81 40.84 -14.81
C THR A 813 18.34 41.13 -14.57
N LYS A 814 17.78 40.57 -13.49
CA LYS A 814 16.40 40.90 -13.12
C LYS A 814 16.23 42.41 -12.97
N ALA A 815 17.21 43.06 -12.35
CA ALA A 815 17.14 44.51 -12.19
C ALA A 815 17.13 45.23 -13.54
N GLN A 816 18.00 44.82 -14.47
CA GLN A 816 18.04 45.48 -15.77
C GLN A 816 16.75 45.25 -16.54
N ARG A 817 16.17 44.05 -16.45
CA ARG A 817 14.94 43.81 -17.20
C ARG A 817 13.76 44.53 -16.56
N LYS A 818 13.77 44.73 -15.25
CA LYS A 818 12.73 45.53 -14.62
C LYS A 818 12.86 47.00 -14.98
N GLN A 819 14.08 47.54 -14.95
CA GLN A 819 14.32 48.91 -15.36
C GLN A 819 13.94 49.12 -16.83
N GLN A 820 14.46 48.26 -17.70
CA GLN A 820 14.12 48.32 -19.12
C GLN A 820 12.62 48.22 -19.35
N MET A 821 11.94 47.35 -18.58
CA MET A 821 10.49 47.25 -18.69
C MET A 821 9.81 48.54 -18.25
N ALA A 822 10.39 49.25 -17.28
CA ALA A 822 9.87 50.56 -16.94
C ALA A 822 10.06 51.55 -18.09
N GLU A 823 11.21 51.48 -18.76
CA GLU A 823 11.48 52.39 -19.86
C GLU A 823 10.54 52.13 -21.03
N GLU A 824 10.31 50.86 -21.38
CA GLU A 824 9.29 50.51 -22.36
C GLU A 824 7.91 50.97 -21.89
N MET A 825 7.67 50.90 -20.58
CA MET A 825 6.37 51.22 -20.02
C MET A 825 6.07 52.71 -20.12
N VAL A 826 7.08 53.56 -19.99
CA VAL A 826 6.88 55.00 -20.12
C VAL A 826 6.53 55.40 -21.54
N GLU A 827 6.89 54.57 -22.52
CA GLU A 827 6.78 54.97 -23.93
C GLU A 827 5.35 55.27 -24.34
N ALA A 828 4.37 54.64 -23.70
CA ALA A 828 2.97 54.91 -24.02
C ALA A 828 2.65 56.38 -23.78
N ALA A 829 1.79 56.92 -24.65
CA ALA A 829 1.53 58.37 -24.63
C ALA A 829 0.96 58.82 -23.29
N GLY A 830 -0.06 58.13 -22.80
CA GLY A 830 -0.68 58.47 -21.53
C GLY A 830 -1.35 59.82 -21.53
N GLU A 835 -0.13 61.35 -17.40
CA GLU A 835 1.29 61.04 -17.21
C GLU A 835 1.49 60.07 -16.04
N LEU A 836 0.46 59.26 -15.77
CA LEU A 836 0.50 58.28 -14.70
C LEU A 836 1.51 57.16 -14.93
N ALA A 837 2.25 57.17 -16.04
CA ALA A 837 3.26 56.15 -16.25
C ALA A 837 4.36 56.22 -15.19
N ALA A 838 4.69 57.43 -14.73
CA ALA A 838 5.70 57.57 -13.69
C ALA A 838 5.19 57.11 -12.34
N GLU A 839 3.88 57.21 -12.11
CA GLU A 839 3.29 56.72 -10.86
C GLU A 839 3.20 55.19 -10.87
N MET A 840 2.67 54.63 -11.96
CA MET A 840 2.67 53.18 -12.12
C MET A 840 4.08 52.62 -12.03
N ALA A 841 5.07 53.35 -12.53
CA ALA A 841 6.46 52.96 -12.39
C ALA A 841 6.99 53.18 -10.98
N ALA A 842 6.39 54.11 -10.23
CA ALA A 842 6.75 54.24 -8.82
C ALA A 842 6.31 53.02 -8.03
N ALA A 843 5.04 52.63 -8.17
CA ALA A 843 4.55 51.46 -7.48
C ALA A 843 5.23 50.19 -7.98
N PHE A 844 5.54 50.14 -9.28
CA PHE A 844 6.11 48.92 -9.86
C PHE A 844 7.58 48.76 -9.48
N LEU A 845 8.37 49.83 -9.63
CA LEU A 845 9.78 49.74 -9.27
C LEU A 845 9.98 49.62 -7.76
N ASN A 846 9.18 50.34 -6.98
CA ASN A 846 9.35 50.31 -5.53
C ASN A 846 9.16 48.89 -4.98
N GLU A 847 8.21 48.15 -5.54
CA GLU A 847 7.81 46.86 -4.99
C GLU A 847 8.48 45.73 -5.77
N ASN A 848 9.40 45.02 -5.11
CA ASN A 848 9.89 43.73 -5.57
C ASN A 848 9.19 42.66 -4.74
N LEU A 849 8.24 41.97 -5.36
CA LEU A 849 7.43 40.99 -4.64
C LEU A 849 8.31 39.90 -4.04
N PRO A 850 7.94 39.38 -2.87
CA PRO A 850 8.71 38.29 -2.27
C PRO A 850 8.67 37.04 -3.14
N GLU A 851 9.87 36.60 -3.57
CA GLU A 851 9.98 35.45 -4.45
C GLU A 851 9.72 34.14 -3.75
N SER A 852 9.68 34.12 -2.41
CA SER A 852 9.48 32.87 -1.69
C SER A 852 8.05 32.37 -1.84
N ILE A 853 7.07 33.28 -1.86
CA ILE A 853 5.66 32.92 -1.89
C ILE A 853 5.04 33.18 -3.26
N PHE A 854 5.35 34.31 -3.88
CA PHE A 854 4.82 34.66 -5.20
C PHE A 854 5.64 34.06 -6.33
N GLY A 855 6.58 33.18 -6.04
CA GLY A 855 7.39 32.56 -7.07
C GLY A 855 8.49 33.48 -7.58
N ALA A 856 9.53 32.86 -8.12
CA ALA A 856 10.67 33.60 -8.67
C ALA A 856 10.50 33.78 -10.16
N PRO A 857 10.71 34.99 -10.69
CA PRO A 857 10.65 35.20 -12.14
C PRO A 857 11.59 34.25 -12.89
N LYS A 858 11.01 33.53 -13.85
CA LYS A 858 11.74 32.53 -14.62
C LYS A 858 11.70 32.90 -16.10
N ALA A 859 12.80 32.67 -16.81
CA ALA A 859 12.83 32.98 -18.23
C ALA A 859 14.04 32.34 -18.88
N GLY A 860 13.94 32.12 -20.19
CA GLY A 860 15.04 31.64 -20.99
C GLY A 860 15.30 30.16 -20.86
N ASN A 861 15.49 29.49 -22.00
CA ASN A 861 15.87 28.07 -21.98
C ASN A 861 17.36 27.89 -21.72
N GLY A 862 18.16 28.93 -21.94
CA GLY A 862 19.59 28.85 -21.69
C GLY A 862 20.05 29.66 -20.50
N GLN A 863 19.17 30.50 -19.97
CA GLN A 863 19.52 31.31 -18.81
C GLN A 863 19.78 30.44 -17.59
N TRP A 864 20.51 31.00 -16.64
CA TRP A 864 20.83 30.32 -15.39
C TRP A 864 20.93 31.37 -14.29
N ALA A 865 21.20 30.90 -13.07
CA ALA A 865 21.52 31.81 -11.97
C ALA A 865 22.24 31.01 -10.90
N SER A 866 23.47 31.40 -10.58
CA SER A 866 24.29 30.71 -9.60
C SER A 866 24.85 31.70 -8.60
N VAL A 867 24.93 31.28 -7.34
CA VAL A 867 25.40 32.12 -6.25
C VAL A 867 26.22 31.26 -5.29
N ILE A 868 27.39 31.76 -4.89
CA ILE A 868 28.22 31.12 -3.88
C ILE A 868 27.91 31.79 -2.54
N ARG A 869 27.79 30.99 -1.49
CA ARG A 869 27.42 31.52 -0.18
C ARG A 869 28.31 30.91 0.90
N VAL A 870 28.79 31.76 1.80
CA VAL A 870 29.49 31.34 3.01
C VAL A 870 28.56 31.59 4.17
N MET A 871 28.11 30.51 4.82
CA MET A 871 27.11 30.56 5.87
C MET A 871 27.60 29.86 7.12
N ASN A 872 27.36 30.48 8.28
CA ASN A 872 27.65 29.86 9.57
C ASN A 872 26.55 28.87 9.93
N PRO A 873 26.88 27.61 10.23
CA PRO A 873 25.83 26.64 10.57
C PRO A 873 25.27 26.80 11.97
N ILE A 874 25.94 27.55 12.86
CA ILE A 874 25.43 27.71 14.22
C ILE A 874 24.20 28.60 14.23
N GLN A 875 24.30 29.78 13.63
CA GLN A 875 23.16 30.66 13.46
C GLN A 875 22.64 30.53 12.03
N GLY A 876 21.82 31.47 11.60
CA GLY A 876 21.34 31.53 10.24
C GLY A 876 22.00 32.57 9.37
N ASN A 877 23.05 33.23 9.87
CA ASN A 877 23.65 34.34 9.16
C ASN A 877 24.50 33.86 7.99
N THR A 878 24.41 34.58 6.88
CA THR A 878 25.28 34.35 5.72
C THR A 878 26.54 35.21 5.88
N LEU A 879 27.70 34.56 5.86
CA LEU A 879 28.95 35.28 6.09
C LEU A 879 29.42 36.02 4.85
N ASP A 880 29.33 35.37 3.68
CA ASP A 880 29.73 36.02 2.44
C ASP A 880 28.76 35.62 1.33
N LEU A 881 28.63 36.51 0.34
CA LEU A 881 27.74 36.27 -0.79
C LEU A 881 28.47 36.66 -2.08
N VAL A 882 28.43 35.76 -3.06
CA VAL A 882 29.10 35.96 -4.35
C VAL A 882 28.06 35.69 -5.43
N GLN A 883 27.50 36.75 -6.01
CA GLN A 883 26.58 36.60 -7.14
C GLN A 883 27.38 36.44 -8.42
N LEU A 884 27.19 35.31 -9.10
CA LEU A 884 27.92 35.04 -10.33
C LEU A 884 27.26 35.75 -11.50
N GLU A 885 27.79 35.51 -12.69
CA GLU A 885 27.31 36.18 -13.90
C GLU A 885 25.93 35.65 -14.29
N GLN A 886 25.43 36.07 -15.43
CA GLN A 886 24.07 35.74 -15.83
C GLN A 886 23.94 34.28 -16.23
N ASN A 887 24.72 33.85 -17.23
CA ASN A 887 24.62 32.50 -17.77
C ASN A 887 25.69 31.57 -17.24
N GLU A 888 26.09 31.75 -15.98
CA GLU A 888 27.06 30.88 -15.33
C GLU A 888 26.34 30.00 -14.31
N ALA A 889 26.66 28.71 -14.32
CA ALA A 889 25.94 27.73 -13.50
C ALA A 889 26.95 26.83 -12.80
N ALA A 890 27.08 26.97 -11.48
CA ALA A 890 28.05 26.19 -10.72
C ALA A 890 27.47 24.82 -10.37
N PHE A 891 28.28 23.77 -10.55
CA PHE A 891 27.87 22.40 -10.27
C PHE A 891 28.80 21.66 -9.33
N SER A 892 29.93 22.24 -8.94
CA SER A 892 30.86 21.59 -8.03
C SER A 892 31.55 22.66 -7.19
N VAL A 893 32.06 22.22 -6.04
CA VAL A 893 32.72 23.12 -5.09
C VAL A 893 33.53 22.28 -4.13
N ALA A 894 34.61 22.87 -3.61
CA ALA A 894 35.46 22.20 -2.64
C ALA A 894 36.29 23.24 -1.89
N VAL A 895 36.72 22.87 -0.69
CA VAL A 895 37.59 23.70 0.14
C VAL A 895 38.76 22.85 0.57
N CYS A 896 39.98 23.29 0.25
CA CYS A 896 41.17 22.50 0.53
C CYS A 896 42.40 23.40 0.50
N ARG A 897 43.52 22.83 0.91
CA ARG A 897 44.82 23.47 0.83
C ARG A 897 45.60 22.92 -0.36
N PHE A 898 46.70 23.61 -0.69
CA PHE A 898 47.57 23.20 -1.77
C PHE A 898 48.98 22.98 -1.24
N SER A 899 49.67 21.98 -1.80
CA SER A 899 51.01 21.65 -1.32
C SER A 899 52.02 22.74 -1.69
N ASN A 900 51.80 23.45 -2.78
CA ASN A 900 52.75 24.48 -3.20
C ASN A 900 52.62 25.76 -2.37
N THR A 901 51.43 26.03 -1.83
CA THR A 901 51.20 27.19 -0.99
C THR A 901 51.27 26.78 0.49
N GLY A 902 51.10 27.77 1.36
CA GLY A 902 51.09 27.54 2.79
C GLY A 902 49.78 26.94 3.25
N GLU A 903 49.42 27.24 4.50
CA GLU A 903 48.18 26.75 5.09
C GLU A 903 46.98 27.64 4.78
N ASP A 904 46.96 28.25 3.59
CA ASP A 904 45.87 29.12 3.19
C ASP A 904 44.76 28.30 2.55
N TRP A 905 43.53 28.58 2.96
CA TRP A 905 42.37 27.85 2.45
C TRP A 905 41.91 28.45 1.13
N TYR A 906 41.61 27.58 0.16
CA TYR A 906 41.15 28.03 -1.15
C TYR A 906 39.84 27.36 -1.51
N VAL A 907 38.98 28.10 -2.20
CA VAL A 907 37.64 27.63 -2.56
C VAL A 907 37.57 27.57 -4.08
N LEU A 908 37.59 26.36 -4.62
CA LEU A 908 37.43 26.14 -6.06
C LEU A 908 35.98 25.84 -6.37
N VAL A 909 35.43 26.53 -7.38
CA VAL A 909 34.03 26.38 -7.75
C VAL A 909 33.96 26.08 -9.24
N GLY A 910 33.43 24.92 -9.60
CA GLY A 910 33.27 24.54 -10.99
C GLY A 910 31.98 25.12 -11.55
N VAL A 911 32.10 25.84 -12.67
CA VAL A 911 30.99 26.55 -13.28
C VAL A 911 30.89 26.17 -14.75
N ALA A 912 29.71 26.37 -15.32
CA ALA A 912 29.42 26.08 -16.72
C ALA A 912 28.87 27.33 -17.39
N LYS A 913 29.22 27.49 -18.66
CA LYS A 913 28.87 28.67 -19.44
C LYS A 913 27.90 28.28 -20.57
N ASP A 914 26.71 28.88 -20.52
CA ASP A 914 25.67 28.72 -21.53
C ASP A 914 25.22 27.27 -21.66
N LEU A 915 25.02 26.61 -20.52
CA LEU A 915 24.51 25.25 -20.52
C LEU A 915 23.10 25.21 -21.09
N ILE A 916 22.91 24.42 -22.14
CA ILE A 916 21.59 24.14 -22.69
C ILE A 916 21.36 22.64 -22.61
N LEU A 917 20.32 22.24 -21.90
CA LEU A 917 19.95 20.84 -21.78
C LEU A 917 18.71 20.56 -22.63
N ASN A 918 18.65 19.35 -23.18
CA ASN A 918 17.59 18.98 -24.12
C ASN A 918 17.41 19.97 -25.27
N PRO A 919 18.28 19.89 -26.30
CA PRO A 919 19.43 18.99 -26.43
C PRO A 919 20.67 19.49 -25.69
N ARG A 920 21.45 18.57 -25.13
CA ARG A 920 22.64 18.95 -24.37
C ARG A 920 23.65 19.65 -25.28
N SER A 921 23.99 20.90 -24.92
CA SER A 921 24.99 21.67 -25.64
C SER A 921 25.56 22.71 -24.69
N VAL A 922 26.88 22.73 -24.54
CA VAL A 922 27.55 23.63 -23.62
C VAL A 922 28.52 24.51 -24.40
N ALA A 923 28.48 25.81 -24.11
CA ALA A 923 29.43 26.73 -24.73
C ALA A 923 30.78 26.64 -24.05
N GLY A 924 30.81 26.66 -22.73
CA GLY A 924 32.08 26.58 -22.04
C GLY A 924 31.96 26.19 -20.59
N GLY A 925 33.06 26.41 -19.87
CA GLY A 925 33.09 26.17 -18.44
C GLY A 925 34.16 27.01 -17.80
N PHE A 926 34.04 27.20 -16.50
CA PHE A 926 35.00 27.98 -15.74
C PHE A 926 35.30 27.25 -14.43
N VAL A 927 36.39 27.67 -13.79
CA VAL A 927 36.75 27.20 -12.45
C VAL A 927 37.21 28.43 -11.67
N TYR A 928 36.39 28.91 -10.76
CA TYR A 928 36.75 30.04 -9.90
C TYR A 928 37.63 29.55 -8.77
N THR A 929 38.59 30.39 -8.39
CA THR A 929 39.45 30.12 -7.24
C THR A 929 39.34 31.29 -6.27
N TYR A 930 39.13 30.97 -4.99
CA TYR A 930 38.91 31.99 -3.96
C TYR A 930 39.87 31.78 -2.80
N LYS A 931 40.11 32.88 -2.07
CA LYS A 931 41.14 32.93 -1.03
C LYS A 931 40.61 32.59 0.35
N LEU A 932 39.31 32.73 0.61
CA LEU A 932 38.70 32.41 1.89
C LEU A 932 39.52 32.93 3.07
N VAL A 933 39.58 34.25 3.23
CA VAL A 933 40.38 34.85 4.29
C VAL A 933 39.47 35.14 5.48
N ASN A 934 40.06 35.62 6.58
CA ASN A 934 39.33 35.93 7.81
C ASN A 934 38.70 34.66 8.39
N ASN A 935 39.52 33.62 8.49
CA ASN A 935 39.13 32.27 8.91
C ASN A 935 37.73 31.89 8.42
N GLY A 936 37.58 31.76 7.10
CA GLY A 936 36.33 31.31 6.52
C GLY A 936 35.16 32.24 6.72
N GLU A 937 35.33 33.52 6.42
CA GLU A 937 34.26 34.50 6.55
C GLU A 937 34.08 35.42 5.35
N LYS A 938 35.02 35.42 4.40
CA LYS A 938 34.88 36.22 3.19
C LYS A 938 35.66 35.57 2.07
N LEU A 939 35.14 35.70 0.85
CA LEU A 939 35.77 35.17 -0.34
C LEU A 939 36.41 36.30 -1.13
N GLU A 940 37.71 36.16 -1.40
CA GLU A 940 38.45 37.12 -2.22
C GLU A 940 38.80 36.48 -3.55
N PHE A 941 38.46 37.16 -4.64
CA PHE A 941 38.70 36.63 -5.98
C PHE A 941 40.20 36.45 -6.22
N LEU A 942 40.57 35.27 -6.69
CA LEU A 942 41.96 35.02 -7.07
C LEU A 942 42.06 35.01 -8.59
N HIS A 943 41.67 33.91 -9.23
CA HIS A 943 41.59 33.86 -10.68
C HIS A 943 40.43 32.98 -11.09
N LYS A 944 40.13 33.01 -12.39
CA LYS A 944 38.99 32.33 -13.00
C LYS A 944 39.52 31.56 -14.22
N THR A 945 39.85 30.29 -14.00
CA THR A 945 40.50 29.51 -15.05
C THR A 945 39.45 28.93 -16.00
N PRO A 946 39.44 29.31 -17.27
CA PRO A 946 38.45 28.77 -18.20
C PRO A 946 38.79 27.35 -18.63
N VAL A 947 37.76 26.67 -19.13
CA VAL A 947 37.91 25.29 -19.60
C VAL A 947 36.78 25.02 -20.60
N GLU A 948 36.96 23.97 -21.41
CA GLU A 948 36.10 23.76 -22.57
C GLU A 948 34.75 23.18 -22.19
N GLU A 949 34.73 22.13 -21.37
CA GLU A 949 33.51 21.45 -20.98
C GLU A 949 33.19 21.79 -19.53
N VAL A 950 31.95 21.53 -19.13
CA VAL A 950 31.53 21.80 -17.76
C VAL A 950 32.28 20.90 -16.79
N PRO A 951 32.95 21.45 -15.78
CA PRO A 951 33.55 20.59 -14.74
C PRO A 951 32.60 20.39 -13.57
N ALA A 952 32.01 19.19 -13.48
CA ALA A 952 31.04 18.88 -12.43
C ALA A 952 31.65 18.04 -11.31
N ALA A 953 32.95 18.14 -11.09
CA ALA A 953 33.62 17.32 -10.09
C ALA A 953 34.95 17.96 -9.70
N ILE A 954 35.11 18.24 -8.41
CA ILE A 954 36.34 18.83 -7.87
C ILE A 954 36.64 18.14 -6.55
N ALA A 955 37.86 17.60 -6.42
CA ALA A 955 38.23 16.85 -5.23
C ALA A 955 39.67 17.13 -4.81
N PRO A 956 39.92 17.40 -3.54
CA PRO A 956 41.30 17.54 -3.07
C PRO A 956 42.04 16.21 -3.15
N PHE A 957 43.24 16.24 -3.71
CA PHE A 957 44.00 15.02 -3.95
C PHE A 957 45.48 15.33 -3.88
N GLN A 958 46.13 14.88 -2.80
CA GLN A 958 47.58 14.91 -2.64
C GLN A 958 48.16 16.29 -2.96
N GLY A 959 47.75 17.27 -2.16
CA GLY A 959 48.23 18.63 -2.31
C GLY A 959 47.80 19.33 -3.58
N ARG A 960 47.16 18.65 -4.52
CA ARG A 960 46.64 19.24 -5.74
C ARG A 960 45.13 19.00 -5.79
N VAL A 961 44.53 19.24 -6.95
CA VAL A 961 43.08 19.14 -7.08
C VAL A 961 42.74 18.36 -8.34
N LEU A 962 41.98 17.27 -8.18
CA LEU A 962 41.43 16.55 -9.31
C LEU A 962 40.16 17.23 -9.79
N ILE A 963 40.11 17.58 -11.07
CA ILE A 963 38.94 18.22 -11.67
C ILE A 963 38.49 17.38 -12.86
N GLY A 964 37.19 17.06 -12.88
CA GLY A 964 36.62 16.31 -13.98
C GLY A 964 35.86 17.19 -14.96
N VAL A 965 36.51 17.54 -16.06
CA VAL A 965 35.90 18.35 -17.11
C VAL A 965 35.42 17.41 -18.20
N GLY A 966 34.10 17.31 -18.37
CA GLY A 966 33.55 16.38 -19.35
C GLY A 966 33.92 14.95 -19.00
N LYS A 967 34.26 14.19 -20.03
CA LYS A 967 34.77 12.84 -19.85
C LYS A 967 36.27 12.82 -19.57
N LEU A 968 36.88 13.96 -19.29
CA LEU A 968 38.32 14.08 -19.09
C LEU A 968 38.59 14.35 -17.61
N LEU A 969 39.29 13.44 -16.96
CA LEU A 969 39.69 13.58 -15.56
C LEU A 969 41.12 14.12 -15.52
N ARG A 970 41.29 15.32 -15.00
CA ARG A 970 42.56 16.02 -15.05
C ARG A 970 43.09 16.30 -13.65
N VAL A 971 44.41 16.14 -13.51
CA VAL A 971 45.12 16.54 -12.29
C VAL A 971 45.57 17.98 -12.46
N TYR A 972 45.11 18.84 -11.56
CA TYR A 972 45.32 20.29 -11.63
C TYR A 972 46.14 20.77 -10.43
N ASP A 973 47.02 21.73 -10.70
CA ASP A 973 47.81 22.42 -9.68
C ASP A 973 47.52 23.91 -9.75
N LEU A 974 47.86 24.62 -8.67
CA LEU A 974 47.56 26.04 -8.56
C LEU A 974 48.70 26.86 -9.14
N GLY A 975 48.34 27.85 -9.96
CA GLY A 975 49.29 28.83 -10.46
C GLY A 975 48.88 30.24 -10.06
N LYS A 976 49.80 31.20 -10.17
CA LYS A 976 49.49 32.56 -9.77
C LYS A 976 48.59 33.26 -10.79
N LYS A 977 48.47 32.72 -12.01
CA LYS A 977 47.62 33.30 -13.04
C LYS A 977 46.45 32.41 -13.41
N LYS A 978 46.65 31.10 -13.49
CA LYS A 978 45.58 30.17 -13.80
C LYS A 978 45.94 28.80 -13.26
N LEU A 979 44.97 27.91 -13.25
CA LEU A 979 45.17 26.54 -12.78
C LEU A 979 45.86 25.73 -13.87
N LEU A 980 47.09 25.29 -13.60
CA LEU A 980 47.89 24.60 -14.59
C LEU A 980 47.49 23.13 -14.68
N ARG A 981 47.22 22.68 -15.90
CA ARG A 981 46.87 21.28 -16.13
C ARG A 981 48.12 20.42 -16.02
N LYS A 982 48.17 19.57 -14.99
CA LYS A 982 49.33 18.71 -14.76
C LYS A 982 49.15 17.30 -15.27
N CYS A 983 47.91 16.81 -15.39
CA CYS A 983 47.68 15.50 -15.98
C CYS A 983 46.26 15.44 -16.53
N GLU A 984 46.01 14.41 -17.34
CA GLU A 984 44.72 14.25 -18.00
C GLU A 984 44.54 12.78 -18.38
N ASN A 985 43.29 12.32 -18.30
CA ASN A 985 42.87 11.00 -18.76
C ASN A 985 41.54 11.15 -19.47
N LYS A 986 41.46 10.69 -20.72
CA LYS A 986 40.29 10.89 -21.54
C LYS A 986 39.63 9.58 -21.97
N HIS A 987 40.00 8.46 -21.36
CA HIS A 987 39.39 7.18 -21.67
C HIS A 987 38.09 6.94 -20.90
N ILE A 988 37.59 7.96 -20.20
CA ILE A 988 36.33 7.84 -19.50
C ILE A 988 35.19 7.88 -20.51
N ALA A 989 34.20 7.01 -20.32
CA ALA A 989 33.16 6.77 -21.31
C ALA A 989 32.36 8.03 -21.67
N ASN A 990 31.48 8.47 -20.78
CA ASN A 990 30.47 9.47 -21.14
C ASN A 990 30.75 10.82 -20.46
N TYR A 991 30.57 10.91 -19.14
CA TYR A 991 30.59 12.18 -18.45
C TYR A 991 30.83 11.94 -16.97
N ILE A 992 31.56 12.85 -16.34
CA ILE A 992 31.95 12.73 -14.94
C ILE A 992 30.95 13.47 -14.08
N SER A 993 30.25 12.74 -13.20
CA SER A 993 29.29 13.35 -12.28
C SER A 993 29.87 13.64 -10.91
N GLY A 994 30.77 12.79 -10.42
CA GLY A 994 31.41 13.00 -9.13
C GLY A 994 32.70 12.22 -9.05
N ILE A 995 33.50 12.55 -8.04
CA ILE A 995 34.78 11.90 -7.83
C ILE A 995 35.14 11.98 -6.35
N GLN A 996 35.53 10.85 -5.78
CA GLN A 996 36.05 10.78 -4.43
C GLN A 996 37.30 9.93 -4.42
N THR A 997 38.26 10.30 -3.57
CA THR A 997 39.58 9.67 -3.57
C THR A 997 39.95 9.25 -2.16
N ILE A 998 40.43 8.00 -2.03
CA ILE A 998 41.12 7.56 -0.83
C ILE A 998 42.52 8.14 -0.89
N GLY A 999 43.35 7.85 0.11
CA GLY A 999 44.69 8.43 0.16
C GLY A 999 45.55 8.16 -1.06
N HIS A 1000 45.24 7.11 -1.81
CA HIS A 1000 46.08 6.73 -2.95
C HIS A 1000 45.30 6.59 -4.25
N ARG A 1001 44.10 6.01 -4.21
CA ARG A 1001 43.35 5.68 -5.41
C ARG A 1001 42.39 6.81 -5.78
N VAL A 1002 41.75 6.67 -6.94
CA VAL A 1002 40.79 7.64 -7.47
C VAL A 1002 39.56 6.89 -7.95
N ILE A 1003 38.40 7.24 -7.40
CA ILE A 1003 37.12 6.65 -7.77
C ILE A 1003 36.33 7.73 -8.48
N VAL A 1004 35.93 7.47 -9.73
CA VAL A 1004 35.15 8.44 -10.49
C VAL A 1004 33.80 7.84 -10.84
N SER A 1005 32.76 8.69 -10.83
CA SER A 1005 31.40 8.27 -11.10
C SER A 1005 31.02 8.73 -12.51
N ASP A 1006 31.01 7.79 -13.44
CA ASP A 1006 30.48 8.07 -14.77
C ASP A 1006 28.96 8.23 -14.67
N VAL A 1007 28.43 9.16 -15.47
CA VAL A 1007 27.00 9.47 -15.39
C VAL A 1007 26.17 8.24 -15.71
N GLN A 1008 26.65 7.40 -16.64
CA GLN A 1008 25.90 6.24 -17.10
C GLN A 1008 26.65 4.93 -16.94
N GLU A 1009 27.98 4.95 -16.84
CA GLU A 1009 28.78 3.73 -16.86
C GLU A 1009 29.42 3.43 -15.51
N SER A 1010 28.64 3.61 -14.44
CA SER A 1010 29.01 3.15 -13.09
C SER A 1010 30.30 3.85 -12.63
N PHE A 1011 31.02 3.21 -11.71
CA PHE A 1011 32.26 3.76 -11.18
C PHE A 1011 33.45 3.24 -11.98
N ILE A 1012 34.53 4.01 -11.95
CA ILE A 1012 35.80 3.58 -12.52
C ILE A 1012 36.91 3.81 -11.49
N TRP A 1013 37.89 2.92 -11.52
CA TRP A 1013 39.02 2.87 -10.59
C TRP A 1013 40.29 3.26 -11.31
N VAL A 1014 40.89 4.38 -10.89
CA VAL A 1014 42.04 5.00 -11.52
C VAL A 1014 43.15 5.13 -10.47
N ARG A 1015 44.39 4.90 -10.90
CA ARG A 1015 45.56 5.14 -10.07
C ARG A 1015 46.40 6.26 -10.67
N TYR A 1016 47.01 7.06 -9.79
CA TYR A 1016 47.86 8.18 -10.20
C TYR A 1016 49.31 7.78 -9.97
N LYS A 1017 50.06 7.58 -11.06
CA LYS A 1017 51.49 7.35 -10.98
C LYS A 1017 52.21 8.67 -10.74
N ARG A 1018 52.86 8.79 -9.58
CA ARG A 1018 53.50 10.05 -9.21
C ARG A 1018 54.72 10.37 -10.07
N ASN A 1019 55.35 9.36 -10.67
CA ASN A 1019 56.60 9.58 -11.39
C ASN A 1019 56.36 10.34 -12.70
N GLU A 1020 55.28 10.02 -13.41
CA GLU A 1020 55.03 10.61 -14.72
C GLU A 1020 53.76 11.44 -14.79
N ASN A 1021 53.02 11.59 -13.68
CA ASN A 1021 51.71 12.23 -13.66
C ASN A 1021 50.81 11.60 -14.71
N GLN A 1022 50.51 10.31 -14.50
CA GLN A 1022 49.71 9.53 -15.42
C GLN A 1022 48.56 8.89 -14.67
N LEU A 1023 47.34 9.07 -15.19
CA LEU A 1023 46.13 8.47 -14.61
C LEU A 1023 45.84 7.20 -15.39
N ILE A 1024 46.17 6.05 -14.80
CA ILE A 1024 45.98 4.75 -15.42
C ILE A 1024 44.70 4.15 -14.87
N ILE A 1025 43.77 3.82 -15.77
CA ILE A 1025 42.52 3.18 -15.39
C ILE A 1025 42.80 1.70 -15.16
N PHE A 1026 42.65 1.25 -13.91
CA PHE A 1026 42.94 -0.14 -13.57
C PHE A 1026 41.71 -0.95 -13.21
N ALA A 1027 40.53 -0.33 -13.11
CA ALA A 1027 39.34 -1.15 -12.93
C ALA A 1027 38.10 -0.38 -13.39
N ASP A 1028 37.03 -1.15 -13.63
CA ASP A 1028 35.72 -0.59 -13.91
C ASP A 1028 34.66 -1.61 -13.51
N ASP A 1029 33.41 -1.33 -13.85
CA ASP A 1029 32.28 -2.16 -13.42
C ASP A 1029 31.74 -2.99 -14.58
N THR A 1030 31.16 -4.14 -14.22
CA THR A 1030 30.55 -5.02 -15.21
C THR A 1030 29.16 -4.56 -15.63
N TYR A 1031 28.49 -3.75 -14.81
CA TYR A 1031 27.16 -3.25 -15.10
C TYR A 1031 27.18 -1.73 -15.30
N PRO A 1032 26.28 -1.21 -16.13
CA PRO A 1032 26.12 0.24 -16.21
C PRO A 1032 25.20 0.75 -15.10
N ARG A 1033 25.61 1.86 -14.48
CA ARG A 1033 24.87 2.43 -13.36
C ARG A 1033 24.78 3.93 -13.53
N TRP A 1034 23.55 4.46 -13.54
CA TRP A 1034 23.31 5.89 -13.58
C TRP A 1034 23.56 6.44 -12.17
N VAL A 1035 24.83 6.74 -11.88
CA VAL A 1035 25.22 7.08 -10.52
C VAL A 1035 24.76 8.50 -10.19
N THR A 1036 24.34 8.70 -8.94
CA THR A 1036 24.01 10.00 -8.39
C THR A 1036 24.95 10.44 -7.28
N THR A 1037 25.38 9.52 -6.43
CA THR A 1037 26.32 9.80 -5.36
C THR A 1037 26.90 8.47 -4.90
N ALA A 1038 27.96 8.56 -4.10
CA ALA A 1038 28.63 7.36 -3.60
C ALA A 1038 29.47 7.74 -2.38
N SER A 1039 30.08 6.73 -1.78
CA SER A 1039 30.98 6.92 -0.65
C SER A 1039 31.84 5.67 -0.52
N LEU A 1040 33.09 5.88 -0.12
CA LEU A 1040 34.07 4.80 -0.01
C LEU A 1040 33.94 4.17 1.37
N LEU A 1041 33.44 2.93 1.41
CA LEU A 1041 33.31 2.23 2.68
C LEU A 1041 34.66 1.79 3.22
N ASP A 1042 35.60 1.45 2.34
CA ASP A 1042 36.96 1.11 2.73
C ASP A 1042 37.86 1.32 1.51
N TYR A 1043 39.06 0.71 1.54
CA TYR A 1043 40.02 0.86 0.46
C TYR A 1043 39.65 0.06 -0.78
N ASP A 1044 38.68 -0.86 -0.68
CA ASP A 1044 38.33 -1.73 -1.80
C ASP A 1044 36.88 -1.60 -2.24
N THR A 1045 35.95 -1.29 -1.34
CA THR A 1045 34.53 -1.27 -1.66
C THR A 1045 34.01 0.15 -1.74
N VAL A 1046 32.98 0.34 -2.57
CA VAL A 1046 32.32 1.62 -2.76
C VAL A 1046 30.82 1.38 -2.74
N ALA A 1047 30.09 2.22 -2.00
CA ALA A 1047 28.63 2.17 -1.97
C ALA A 1047 28.09 3.33 -2.79
N GLY A 1048 27.23 3.01 -3.77
CA GLY A 1048 26.75 4.01 -4.69
C GLY A 1048 25.24 4.01 -4.81
N ALA A 1049 24.70 5.19 -5.10
CA ALA A 1049 23.28 5.39 -5.34
C ALA A 1049 22.99 5.35 -6.83
N ASP A 1050 21.71 5.48 -7.17
CA ASP A 1050 21.24 5.31 -8.54
C ASP A 1050 20.20 6.38 -8.85
N LYS A 1051 20.20 6.85 -10.09
CA LYS A 1051 19.15 7.75 -10.54
C LYS A 1051 17.78 7.11 -10.43
N PHE A 1052 17.69 5.80 -10.65
CA PHE A 1052 16.44 5.06 -10.57
C PHE A 1052 16.12 4.60 -9.15
N GLY A 1053 16.78 5.17 -8.14
CA GLY A 1053 16.45 4.86 -6.77
C GLY A 1053 17.00 3.56 -6.23
N ASN A 1054 18.15 3.12 -6.74
CA ASN A 1054 18.79 1.90 -6.27
C ASN A 1054 20.03 2.24 -5.46
N ILE A 1055 20.51 1.25 -4.71
CA ILE A 1055 21.74 1.36 -3.93
C ILE A 1055 22.51 0.07 -4.10
N CYS A 1056 23.83 0.18 -4.26
CA CYS A 1056 24.67 -0.98 -4.49
C CYS A 1056 25.98 -0.81 -3.73
N VAL A 1057 26.67 -1.94 -3.52
CA VAL A 1057 28.02 -1.95 -2.98
C VAL A 1057 28.87 -2.81 -3.90
N VAL A 1058 29.91 -2.22 -4.49
CA VAL A 1058 30.79 -2.88 -5.44
C VAL A 1058 32.18 -2.99 -4.82
N ARG A 1059 32.82 -4.14 -5.01
CA ARG A 1059 34.07 -4.45 -4.33
C ARG A 1059 35.09 -4.99 -5.31
N LEU A 1060 36.35 -4.57 -5.15
CA LEU A 1060 37.43 -5.09 -5.96
C LEU A 1060 37.78 -6.51 -5.54
N PRO A 1061 38.38 -7.30 -6.44
CA PRO A 1061 38.94 -8.58 -6.05
C PRO A 1061 39.93 -8.40 -4.91
N PRO A 1062 39.96 -9.33 -3.96
CA PRO A 1062 40.76 -9.10 -2.74
C PRO A 1062 42.25 -8.93 -3.02
N ASN A 1063 42.84 -9.82 -3.81
CA ASN A 1063 44.27 -9.74 -4.13
C ASN A 1063 44.42 -8.97 -5.43
N THR A 1064 44.59 -7.66 -5.32
CA THR A 1064 44.74 -6.80 -6.49
C THR A 1064 45.76 -5.71 -6.20
N ASN A 1065 46.33 -5.19 -7.28
CA ASN A 1065 47.23 -4.04 -7.21
C ASN A 1065 46.90 -3.10 -8.37
N ASP A 1066 47.20 -1.82 -8.18
CA ASP A 1066 46.86 -0.82 -9.17
C ASP A 1066 47.73 -0.88 -10.42
N GLU A 1067 48.71 -1.79 -10.47
CA GLU A 1067 49.55 -1.93 -11.65
C GLU A 1067 48.86 -2.71 -12.76
N VAL A 1068 48.05 -3.70 -12.39
CA VAL A 1068 47.32 -4.53 -13.35
C VAL A 1068 46.22 -3.69 -13.99
N ASP A 1069 45.64 -4.20 -15.09
CA ASP A 1069 44.65 -3.45 -15.85
C ASP A 1069 43.40 -4.30 -16.08
N SER A 1070 42.31 -3.61 -16.42
CA SER A 1070 41.06 -4.24 -16.86
C SER A 1070 40.50 -5.19 -15.80
N GLN A 1071 40.47 -4.72 -14.55
CA GLN A 1071 39.88 -5.49 -13.47
C GLN A 1071 38.37 -5.29 -13.45
N LYS A 1072 37.62 -6.39 -13.42
CA LYS A 1072 36.17 -6.35 -13.33
C LYS A 1072 35.77 -6.30 -11.87
N ALA A 1073 35.18 -5.19 -11.44
CA ALA A 1073 34.75 -5.02 -10.07
C ALA A 1073 33.44 -5.78 -9.84
N GLU A 1074 33.45 -6.71 -8.89
CA GLU A 1074 32.28 -7.52 -8.61
C GLU A 1074 31.32 -6.77 -7.69
N VAL A 1075 30.02 -6.97 -7.92
CA VAL A 1075 28.99 -6.32 -7.13
C VAL A 1075 28.60 -7.24 -5.99
N ILE A 1076 28.76 -6.78 -4.76
CA ILE A 1076 28.43 -7.57 -3.58
C ILE A 1076 27.13 -7.13 -2.92
N MET A 1077 26.51 -6.04 -3.39
CA MET A 1077 25.23 -5.65 -2.83
C MET A 1077 24.38 -4.92 -3.87
N ASN A 1078 23.12 -5.35 -4.00
CA ASN A 1078 22.11 -4.67 -4.79
C ASN A 1078 20.84 -4.53 -3.97
N TYR A 1079 20.18 -3.37 -4.06
CA TYR A 1079 18.95 -3.15 -3.32
C TYR A 1079 18.20 -1.93 -3.84
N HIS A 1080 16.95 -2.12 -4.29
CA HIS A 1080 16.13 -1.02 -4.77
C HIS A 1080 15.42 -0.38 -3.58
N VAL A 1081 15.76 0.88 -3.30
CA VAL A 1081 15.15 1.58 -2.18
C VAL A 1081 13.74 2.03 -2.53
N GLY A 1082 13.50 2.41 -3.78
CA GLY A 1082 12.21 2.92 -4.21
C GLY A 1082 12.12 4.43 -4.23
N GLU A 1083 13.12 5.12 -3.69
CA GLU A 1083 13.21 6.57 -3.73
C GLU A 1083 14.64 6.95 -4.09
N THR A 1084 14.79 7.94 -4.96
CA THR A 1084 16.10 8.27 -5.51
C THR A 1084 17.01 8.84 -4.43
N VAL A 1085 18.13 8.16 -4.19
CA VAL A 1085 19.07 8.53 -3.14
C VAL A 1085 20.09 9.51 -3.69
N LEU A 1086 20.39 10.56 -2.91
CA LEU A 1086 21.34 11.58 -3.33
C LEU A 1086 22.44 11.84 -2.31
N SER A 1087 22.54 11.04 -1.24
CA SER A 1087 23.63 11.19 -0.30
C SER A 1087 23.79 9.90 0.50
N LEU A 1088 24.96 9.28 0.39
CA LEU A 1088 25.38 8.17 1.22
C LEU A 1088 26.52 8.63 2.11
N GLN A 1089 26.47 8.24 3.39
CA GLN A 1089 27.50 8.66 4.34
C GLN A 1089 27.62 7.60 5.43
N LYS A 1090 28.84 7.08 5.61
CA LYS A 1090 29.13 6.18 6.71
C LYS A 1090 29.41 7.00 7.96
N THR A 1091 28.57 6.85 8.98
CA THR A 1091 28.73 7.65 10.19
C THR A 1091 28.05 6.94 11.35
N THR A 1092 28.37 7.42 12.56
CA THR A 1092 27.74 6.95 13.79
C THR A 1092 26.69 7.96 14.22
N LEU A 1093 25.47 7.48 14.46
CA LEU A 1093 24.36 8.39 14.75
C LEU A 1093 24.38 8.86 16.20
N ILE A 1094 24.73 7.99 17.14
CA ILE A 1094 24.71 8.34 18.56
C ILE A 1094 26.04 7.94 19.19
N PRO A 1095 26.47 8.60 20.26
CA PRO A 1095 27.70 8.18 20.96
C PRO A 1095 27.54 6.80 21.57
N GLY A 1096 28.53 5.93 21.35
CA GLY A 1096 28.51 4.58 21.86
C GLY A 1096 27.95 3.55 20.90
N GLY A 1097 27.19 3.97 19.90
CA GLY A 1097 26.62 3.06 18.92
C GLY A 1097 27.65 2.60 17.91
N SER A 1098 27.15 1.91 16.89
CA SER A 1098 27.97 1.35 15.84
C SER A 1098 27.82 2.16 14.55
N GLU A 1099 28.76 1.97 13.63
CA GLU A 1099 28.72 2.67 12.37
C GLU A 1099 27.55 2.19 11.51
N SER A 1100 26.82 3.14 10.94
CA SER A 1100 25.73 2.84 10.02
C SER A 1100 25.90 3.66 8.75
N LEU A 1101 25.30 3.17 7.67
CA LEU A 1101 25.38 3.82 6.36
C LEU A 1101 24.11 4.61 6.16
N VAL A 1102 24.12 5.87 6.58
CA VAL A 1102 22.95 6.72 6.49
C VAL A 1102 22.85 7.32 5.09
N TYR A 1103 21.66 7.24 4.50
CA TYR A 1103 21.41 7.83 3.20
C TYR A 1103 20.21 8.77 3.30
N THR A 1104 20.20 9.77 2.42
CA THR A 1104 19.04 10.64 2.25
C THR A 1104 18.43 10.40 0.88
N THR A 1105 17.20 10.88 0.70
CA THR A 1105 16.49 10.62 -0.54
C THR A 1105 15.86 11.90 -1.07
N LEU A 1106 15.47 11.85 -2.35
CA LEU A 1106 14.92 13.01 -3.05
C LEU A 1106 13.49 13.31 -2.64
N SER A 1107 12.81 12.40 -1.95
CA SER A 1107 11.46 12.63 -1.47
C SER A 1107 11.43 13.13 -0.03
N GLY A 1108 12.56 13.57 0.51
CA GLY A 1108 12.61 14.07 1.86
C GLY A 1108 12.64 13.00 2.93
N GLY A 1109 13.33 11.89 2.67
CA GLY A 1109 13.38 10.78 3.60
C GLY A 1109 14.81 10.45 4.00
N ILE A 1110 14.96 9.93 5.22
CA ILE A 1110 16.25 9.54 5.76
C ILE A 1110 16.19 8.06 6.11
N GLY A 1111 17.12 7.29 5.53
CA GLY A 1111 17.21 5.88 5.81
C GLY A 1111 18.62 5.51 6.24
N ILE A 1112 18.77 4.25 6.67
CA ILE A 1112 20.05 3.71 7.08
C ILE A 1112 20.18 2.28 6.61
N LEU A 1113 21.40 1.90 6.27
CA LEU A 1113 21.78 0.51 6.04
C LEU A 1113 22.70 0.06 7.16
N VAL A 1114 22.45 -1.15 7.66
CA VAL A 1114 23.07 -1.62 8.90
C VAL A 1114 23.69 -3.00 8.68
N PRO A 1115 24.97 -3.19 9.00
CA PRO A 1115 25.58 -4.51 8.82
C PRO A 1115 25.19 -5.48 9.94
N PHE A 1116 25.10 -6.76 9.56
CA PHE A 1116 24.86 -7.81 10.54
C PHE A 1116 26.14 -8.19 11.25
N THR A 1117 25.99 -8.60 12.51
CA THR A 1117 27.14 -9.00 13.32
C THR A 1117 27.42 -10.48 13.29
N SER A 1118 26.41 -11.30 12.95
CA SER A 1118 26.60 -12.75 12.90
C SER A 1118 25.65 -13.34 11.87
N HIS A 1119 25.96 -14.57 11.45
CA HIS A 1119 25.13 -15.24 10.46
C HIS A 1119 23.80 -15.69 11.05
N GLU A 1120 23.74 -15.93 12.36
CA GLU A 1120 22.49 -16.33 13.00
C GLU A 1120 21.44 -15.25 12.85
N ASP A 1121 21.82 -13.99 13.11
CA ASP A 1121 20.88 -12.89 12.92
C ASP A 1121 20.47 -12.76 11.47
N HIS A 1122 21.41 -12.98 10.54
CA HIS A 1122 21.10 -12.93 9.12
C HIS A 1122 20.00 -13.94 8.76
N ASP A 1123 20.17 -15.19 9.20
CA ASP A 1123 19.15 -16.20 8.93
C ASP A 1123 17.83 -15.84 9.62
N PHE A 1124 17.90 -15.27 10.82
CA PHE A 1124 16.70 -14.92 11.55
C PHE A 1124 15.88 -13.87 10.81
N PHE A 1125 16.47 -12.68 10.60
CA PHE A 1125 15.76 -11.62 9.89
C PHE A 1125 15.38 -12.04 8.48
N GLN A 1126 16.17 -12.90 7.86
CA GLN A 1126 15.84 -13.39 6.52
C GLN A 1126 14.55 -14.22 6.55
N HIS A 1127 14.44 -15.13 7.53
CA HIS A 1127 13.21 -15.91 7.67
C HIS A 1127 12.03 -15.01 8.02
N VAL A 1128 12.27 -13.98 8.83
CA VAL A 1128 11.22 -12.99 9.09
C VAL A 1128 10.74 -12.38 7.79
N GLU A 1129 11.68 -11.99 6.92
CA GLU A 1129 11.33 -11.41 5.63
C GLU A 1129 10.48 -12.37 4.81
N MET A 1130 10.93 -13.63 4.71
CA MET A 1130 10.19 -14.61 3.92
C MET A 1130 8.77 -14.81 4.45
N HIS A 1131 8.63 -14.88 5.78
CA HIS A 1131 7.31 -15.11 6.36
C HIS A 1131 6.38 -13.91 6.12
N LEU A 1132 6.86 -12.70 6.41
CA LEU A 1132 6.01 -11.54 6.22
C LEU A 1132 5.72 -11.24 4.76
N ARG A 1133 6.54 -11.77 3.84
CA ARG A 1133 6.24 -11.60 2.42
C ARG A 1133 4.96 -12.32 2.02
N SER A 1134 4.59 -13.37 2.76
CA SER A 1134 3.38 -14.14 2.47
C SER A 1134 2.24 -13.86 3.43
N GLU A 1135 2.52 -13.69 4.72
CA GLU A 1135 1.47 -13.42 5.69
C GLU A 1135 1.07 -11.95 5.74
N HIS A 1136 1.86 -11.06 5.14
CA HIS A 1136 1.59 -9.61 5.19
C HIS A 1136 2.02 -8.99 3.87
N PRO A 1137 1.40 -9.39 2.77
CA PRO A 1137 1.84 -8.94 1.44
C PRO A 1137 1.62 -7.45 1.27
N PRO A 1138 2.39 -6.81 0.40
CA PRO A 1138 2.26 -5.36 0.22
C PRO A 1138 0.82 -4.95 -0.11
N LEU A 1139 0.46 -3.75 0.32
CA LEU A 1139 -0.93 -3.32 0.32
C LEU A 1139 -1.49 -3.23 -1.11
N CYS A 1140 -0.69 -2.74 -2.05
CA CYS A 1140 -1.17 -2.48 -3.41
C CYS A 1140 -0.78 -3.59 -4.38
N GLY A 1141 -0.90 -4.85 -3.96
CA GLY A 1141 -0.72 -5.98 -4.83
C GLY A 1141 0.69 -6.22 -5.32
N ARG A 1142 1.65 -5.37 -4.97
CA ARG A 1142 3.01 -5.54 -5.44
C ARG A 1142 3.66 -6.74 -4.77
N ASP A 1143 4.59 -7.38 -5.47
CA ASP A 1143 5.40 -8.45 -4.91
C ASP A 1143 6.64 -7.81 -4.28
N HIS A 1144 6.84 -8.06 -2.99
CA HIS A 1144 7.93 -7.42 -2.26
C HIS A 1144 9.29 -7.78 -2.85
N LEU A 1145 9.53 -9.08 -3.06
CA LEU A 1145 10.80 -9.52 -3.61
C LEU A 1145 11.04 -8.93 -5.00
N SER A 1146 9.98 -8.81 -5.80
CA SER A 1146 10.13 -8.18 -7.11
C SER A 1146 10.34 -6.68 -7.00
N PHE A 1147 9.67 -6.05 -6.02
CA PHE A 1147 9.83 -4.61 -5.85
C PHE A 1147 11.26 -4.25 -5.47
N ARG A 1148 11.83 -4.98 -4.49
CA ARG A 1148 13.22 -4.73 -4.13
C ARG A 1148 14.19 -5.21 -5.20
N SER A 1149 13.73 -6.04 -6.13
CA SER A 1149 14.51 -6.45 -7.30
C SER A 1149 14.06 -5.70 -8.55
N TYR A 1150 13.80 -4.40 -8.44
CA TYR A 1150 13.20 -3.65 -9.54
C TYR A 1150 14.09 -3.67 -10.78
N TYR A 1151 15.35 -3.30 -10.64
CA TYR A 1151 16.30 -3.27 -11.74
C TYR A 1151 17.40 -4.30 -11.61
N PHE A 1152 17.85 -4.58 -10.38
CA PHE A 1152 18.82 -5.63 -10.10
C PHE A 1152 18.26 -6.53 -9.02
N PRO A 1153 18.48 -7.85 -9.13
CA PRO A 1153 18.02 -8.75 -8.07
C PRO A 1153 18.66 -8.39 -6.73
N VAL A 1154 17.88 -8.57 -5.65
CA VAL A 1154 18.38 -8.27 -4.32
C VAL A 1154 19.57 -9.15 -4.01
N LYS A 1155 20.60 -8.56 -3.40
CA LYS A 1155 21.80 -9.30 -3.01
C LYS A 1155 22.21 -8.83 -1.62
N ASN A 1156 21.88 -9.64 -0.61
CA ASN A 1156 22.38 -9.46 0.76
C ASN A 1156 21.83 -8.19 1.40
N VAL A 1157 20.51 -7.98 1.29
CA VAL A 1157 19.82 -6.93 2.00
C VAL A 1157 18.48 -7.48 2.50
N ILE A 1158 18.16 -7.17 3.76
CA ILE A 1158 16.89 -7.53 4.37
C ILE A 1158 16.09 -6.25 4.58
N ASP A 1159 14.83 -6.26 4.15
CA ASP A 1159 13.96 -5.10 4.25
C ASP A 1159 13.44 -4.98 5.68
N GLY A 1160 14.04 -4.09 6.46
CA GLY A 1160 13.60 -3.88 7.82
C GLY A 1160 12.28 -3.14 7.93
N ASP A 1161 11.93 -2.36 6.91
CA ASP A 1161 10.62 -1.71 6.92
C ASP A 1161 9.50 -2.74 6.82
N LEU A 1162 9.73 -3.82 6.06
CA LEU A 1162 8.77 -4.91 6.03
C LEU A 1162 8.81 -5.69 7.34
N CYS A 1163 10.00 -5.89 7.92
CA CYS A 1163 10.11 -6.67 9.14
C CYS A 1163 9.40 -5.99 10.30
N GLU A 1164 9.53 -4.67 10.43
CA GLU A 1164 8.88 -3.96 11.52
C GLU A 1164 7.36 -3.95 11.40
N GLN A 1165 6.80 -4.35 10.25
CA GLN A 1165 5.37 -4.55 10.15
C GLN A 1165 4.90 -5.79 10.89
N PHE A 1166 5.83 -6.59 11.44
CA PHE A 1166 5.45 -7.71 12.29
C PHE A 1166 4.55 -7.24 13.43
N ASN A 1167 4.78 -6.04 13.95
CA ASN A 1167 3.99 -5.49 15.02
C ASN A 1167 2.59 -5.05 14.56
N SER A 1168 2.36 -4.97 13.26
CA SER A 1168 1.07 -4.55 12.73
C SER A 1168 0.18 -5.72 12.31
N MET A 1169 0.70 -6.95 12.30
CA MET A 1169 -0.10 -8.09 11.88
C MET A 1169 -1.11 -8.46 12.94
N GLU A 1170 -2.01 -9.38 12.57
CA GLU A 1170 -2.95 -9.91 13.54
C GLU A 1170 -2.23 -10.77 14.57
N PRO A 1171 -2.75 -10.86 15.80
CA PRO A 1171 -2.06 -11.64 16.84
C PRO A 1171 -1.85 -13.10 16.47
N ASN A 1172 -2.78 -13.71 15.73
CA ASN A 1172 -2.60 -15.10 15.34
C ASN A 1172 -1.44 -15.24 14.35
N LYS A 1173 -1.28 -14.26 13.45
CA LYS A 1173 -0.15 -14.30 12.52
C LYS A 1173 1.17 -14.06 13.23
N GLN A 1174 1.17 -13.17 14.23
CA GLN A 1174 2.36 -12.99 15.05
C GLN A 1174 2.71 -14.28 15.78
N LYS A 1175 1.70 -14.99 16.28
CA LYS A 1175 1.95 -16.26 16.97
C LYS A 1175 2.49 -17.31 16.01
N ASN A 1176 1.95 -17.38 14.79
CA ASN A 1176 2.42 -18.37 13.83
C ASN A 1176 3.84 -18.09 13.38
N VAL A 1177 4.12 -16.84 12.96
CA VAL A 1177 5.44 -16.50 12.47
C VAL A 1177 6.47 -16.62 13.60
N SER A 1178 6.10 -16.22 14.81
CA SER A 1178 7.02 -16.33 15.94
C SER A 1178 7.31 -17.78 16.30
N GLU A 1179 6.26 -18.60 16.39
CA GLU A 1179 6.45 -20.00 16.74
C GLU A 1179 7.19 -20.76 15.65
N GLU A 1180 7.11 -20.30 14.40
CA GLU A 1180 7.90 -20.92 13.34
C GLU A 1180 9.39 -20.65 13.54
N LEU A 1181 9.73 -19.53 14.18
CA LEU A 1181 11.10 -19.22 14.54
C LEU A 1181 11.46 -19.70 15.95
N ASP A 1182 10.59 -20.50 16.57
CA ASP A 1182 10.77 -20.97 17.94
C ASP A 1182 10.96 -19.81 18.91
N ARG A 1183 10.11 -18.79 18.77
CA ARG A 1183 10.14 -17.62 19.63
C ARG A 1183 8.71 -17.19 19.92
N THR A 1184 8.57 -16.07 20.61
CA THR A 1184 7.29 -15.45 20.92
C THR A 1184 7.23 -14.06 20.29
N PRO A 1185 6.04 -13.53 20.03
CA PRO A 1185 5.92 -12.22 19.36
C PRO A 1185 6.68 -11.12 20.09
N PRO A 1186 6.57 -11.01 21.43
CA PRO A 1186 7.36 -9.96 22.11
C PRO A 1186 8.85 -10.12 21.92
N GLU A 1187 9.35 -11.36 21.84
CA GLU A 1187 10.77 -11.57 21.59
C GLU A 1187 11.16 -11.07 20.21
N VAL A 1188 10.34 -11.37 19.20
CA VAL A 1188 10.62 -10.87 17.84
C VAL A 1188 10.62 -9.35 17.84
N SER A 1189 9.64 -8.73 18.50
CA SER A 1189 9.58 -7.28 18.54
C SER A 1189 10.82 -6.69 19.22
N LYS A 1190 11.26 -7.28 20.33
CA LYS A 1190 12.45 -6.78 21.01
C LYS A 1190 13.69 -6.94 20.14
N LYS A 1191 13.83 -8.08 19.47
CA LYS A 1191 14.97 -8.28 18.58
C LYS A 1191 14.94 -7.30 17.42
N LEU A 1192 13.76 -6.86 17.00
CA LEU A 1192 13.67 -5.82 15.98
C LEU A 1192 14.09 -4.47 16.55
N GLU A 1193 13.68 -4.17 17.79
CA GLU A 1193 14.08 -2.92 18.42
C GLU A 1193 15.58 -2.87 18.69
N ASP A 1194 16.23 -4.03 18.80
CA ASP A 1194 17.67 -4.06 19.09
C ASP A 1194 18.46 -3.34 18.01
N ILE A 1195 18.05 -3.49 16.74
CA ILE A 1195 18.77 -2.83 15.65
C ILE A 1195 18.76 -1.33 15.84
N ARG A 1196 17.59 -0.76 16.14
CA ARG A 1196 17.50 0.68 16.38
C ARG A 1196 18.26 1.08 17.64
N THR A 1197 18.26 0.23 18.66
CA THR A 1197 19.02 0.53 19.87
C THR A 1197 20.52 0.58 19.58
N ARG A 1198 21.01 -0.25 18.66
CA ARG A 1198 22.44 -0.34 18.39
C ARG A 1198 22.90 0.72 17.40
N TYR A 1199 22.08 1.02 16.38
CA TYR A 1199 22.50 1.88 15.29
C TYR A 1199 21.72 3.18 15.20
N ALA A 1200 20.51 3.25 15.75
CA ALA A 1200 19.70 4.45 15.63
C ALA A 1200 19.44 5.08 17.00
N PHE A 1201 18.20 5.48 17.25
CA PHE A 1201 17.83 6.20 18.46
C PHE A 1201 16.92 5.34 19.32
N ASP A 1202 17.38 5.01 20.52
CA ASP A 1202 16.57 4.33 21.52
C ASP A 1202 16.69 5.11 22.83
N TYR A 1203 15.55 5.60 23.33
CA TYR A 1203 15.54 6.44 24.52
C TYR A 1203 14.89 5.76 25.72
N LYS A 1204 14.71 4.45 25.66
CA LYS A 1204 14.20 3.71 26.81
C LYS A 1204 15.24 3.70 27.92
N ASP A 1205 14.78 3.90 29.15
CA ASP A 1205 15.68 3.96 30.29
C ASP A 1205 15.33 2.91 31.33
N ASP A 1206 15.29 1.65 30.91
CA ASP A 1206 14.98 0.52 31.79
C ASP A 1206 13.64 0.72 32.51
N GLN B 14 2.95 -12.40 -29.17
CA GLN B 14 3.99 -11.40 -29.00
C GLN B 14 3.80 -10.24 -29.97
N SER B 15 3.19 -10.52 -31.13
CA SER B 15 2.96 -9.48 -32.12
C SER B 15 2.00 -8.43 -31.60
N LYS B 16 1.03 -8.82 -30.78
CA LYS B 16 0.04 -7.90 -30.24
C LYS B 16 0.57 -7.08 -29.06
N TYR B 17 1.79 -7.35 -28.59
CA TYR B 17 2.36 -6.61 -27.47
C TYR B 17 3.21 -5.47 -28.03
N ILE B 18 2.80 -4.24 -27.75
CA ILE B 18 3.52 -3.07 -28.26
C ILE B 18 4.92 -3.03 -27.65
N GLY B 19 5.91 -2.74 -28.50
CA GLY B 19 7.31 -2.73 -28.11
C GLY B 19 8.08 -3.95 -28.53
N THR B 20 7.38 -5.06 -28.80
CA THR B 20 8.03 -6.25 -29.32
C THR B 20 8.61 -5.99 -30.71
N GLY B 21 9.70 -6.70 -31.02
CA GLY B 21 10.39 -6.52 -32.27
C GLY B 21 10.62 -7.85 -32.99
N HIS B 22 11.19 -7.74 -34.19
CA HIS B 22 11.45 -8.90 -35.04
C HIS B 22 12.73 -8.65 -35.81
N ALA B 23 13.01 -9.51 -36.80
CA ALA B 23 14.26 -9.41 -37.54
C ALA B 23 14.28 -8.18 -38.44
N ASP B 24 13.16 -7.86 -39.08
CA ASP B 24 13.06 -6.69 -39.95
C ASP B 24 12.71 -5.41 -39.19
N THR B 25 13.16 -5.29 -37.94
CA THR B 25 12.89 -4.12 -37.13
C THR B 25 14.04 -3.13 -37.30
N THR B 26 13.74 -1.92 -37.73
CA THR B 26 14.76 -0.91 -37.95
C THR B 26 15.25 -0.35 -36.61
N LYS B 27 16.41 0.30 -36.67
CA LYS B 27 16.98 0.93 -35.48
C LYS B 27 16.08 2.06 -34.98
N TRP B 28 15.45 2.78 -35.91
CA TRP B 28 14.54 3.85 -35.53
C TRP B 28 13.35 3.33 -34.74
N GLU B 29 12.82 2.17 -35.15
CA GLU B 29 11.70 1.57 -34.41
C GLU B 29 12.13 1.15 -33.01
N TRP B 30 13.32 0.55 -32.90
CA TRP B 30 13.81 0.12 -31.59
C TRP B 30 13.99 1.31 -30.65
N LEU B 31 14.63 2.38 -31.14
CA LEU B 31 14.92 3.50 -30.25
C LEU B 31 13.71 4.39 -30.01
N VAL B 32 12.72 4.40 -30.90
CA VAL B 32 11.48 5.08 -30.57
C VAL B 32 10.69 4.26 -29.56
N ASN B 33 10.79 2.93 -29.63
CA ASN B 33 10.15 2.09 -28.62
C ASN B 33 10.75 2.34 -27.25
N GLN B 34 12.09 2.29 -27.15
CA GLN B 34 12.71 2.51 -25.84
C GLN B 34 12.62 3.97 -25.40
N HIS B 35 12.46 4.91 -26.34
CA HIS B 35 12.23 6.30 -25.97
C HIS B 35 10.85 6.48 -25.34
N ARG B 36 9.82 5.92 -25.97
CA ARG B 36 8.48 6.01 -25.39
C ARG B 36 8.39 5.26 -24.07
N ASP B 37 8.99 4.07 -24.00
CA ASP B 37 9.07 3.35 -22.72
C ASP B 37 9.74 4.21 -21.66
N SER B 38 10.84 4.86 -22.01
CA SER B 38 11.56 5.70 -21.05
C SER B 38 10.69 6.85 -20.57
N TYR B 39 9.99 7.53 -21.49
CA TYR B 39 9.15 8.65 -21.08
C TYR B 39 8.02 8.18 -20.19
N CYS B 40 7.41 7.03 -20.49
CA CYS B 40 6.37 6.49 -19.63
C CYS B 40 6.91 6.16 -18.25
N SER B 41 8.14 5.63 -18.19
CA SER B 41 8.75 5.35 -16.89
C SER B 41 9.01 6.65 -16.11
N TYR B 42 9.38 7.72 -16.81
CA TYR B 42 9.51 9.01 -16.15
C TYR B 42 8.18 9.46 -15.59
N MET B 43 7.09 9.25 -16.34
CA MET B 43 5.76 9.54 -15.83
C MET B 43 5.47 8.74 -14.56
N GLY B 44 5.88 7.48 -14.54
CA GLY B 44 5.58 6.61 -13.41
C GLY B 44 6.36 6.90 -12.15
N HIS B 45 7.67 6.67 -12.18
CA HIS B 45 8.49 6.78 -10.97
C HIS B 45 8.55 8.24 -10.52
N PHE B 46 8.06 8.51 -9.31
CA PHE B 46 7.89 9.88 -8.84
C PHE B 46 9.22 10.60 -8.72
N ASP B 47 10.21 9.96 -8.10
CA ASP B 47 11.47 10.65 -7.82
C ASP B 47 12.26 10.93 -9.09
N LEU B 48 12.05 10.14 -10.14
CA LEU B 48 12.68 10.45 -11.43
C LEU B 48 12.13 11.75 -12.00
N LEU B 49 10.80 11.86 -12.07
CA LEU B 49 10.16 13.10 -12.48
C LEU B 49 10.57 14.27 -11.58
N ASN B 50 10.83 13.99 -10.30
CA ASN B 50 11.30 15.04 -9.40
C ASN B 50 12.69 15.51 -9.80
N TYR B 51 13.62 14.57 -10.00
CA TYR B 51 14.97 14.93 -10.44
C TYR B 51 14.93 15.76 -11.71
N PHE B 52 14.12 15.33 -12.69
CA PHE B 52 14.04 16.07 -13.95
C PHE B 52 13.43 17.44 -13.75
N ALA B 53 12.38 17.55 -12.94
CA ALA B 53 11.76 18.84 -12.67
C ALA B 53 12.66 19.75 -11.84
N ILE B 54 13.66 19.20 -11.17
CA ILE B 54 14.61 20.04 -10.45
C ILE B 54 15.72 20.53 -11.39
N ALA B 55 16.22 19.64 -12.24
CA ALA B 55 17.26 20.01 -13.21
C ALA B 55 16.83 21.22 -14.02
N GLU B 56 15.83 21.04 -14.89
CA GLU B 56 15.20 22.16 -15.57
C GLU B 56 14.12 22.74 -14.66
N ASN B 57 14.26 24.02 -14.32
CA ASN B 57 13.38 24.67 -13.34
C ASN B 57 11.98 24.78 -13.92
N GLU B 58 11.27 23.65 -13.90
CA GLU B 58 9.89 23.59 -14.35
C GLU B 58 9.09 22.74 -13.37
N SER B 59 7.81 23.07 -13.23
CA SER B 59 6.94 22.30 -12.35
C SER B 59 6.74 20.89 -12.91
N LYS B 60 6.28 19.99 -12.03
CA LYS B 60 6.05 18.61 -12.44
C LYS B 60 5.06 18.52 -13.59
N ALA B 61 3.99 19.33 -13.53
CA ALA B 61 2.96 19.28 -14.57
C ALA B 61 3.53 19.64 -15.93
N ARG B 62 4.37 20.66 -16.00
CA ARG B 62 4.94 21.06 -17.28
C ARG B 62 5.94 20.04 -17.80
N VAL B 63 6.70 19.40 -16.91
CA VAL B 63 7.63 18.36 -17.33
C VAL B 63 6.87 17.16 -17.89
N ARG B 64 5.81 16.74 -17.21
CA ARG B 64 4.97 15.67 -17.74
C ARG B 64 4.35 16.06 -19.06
N PHE B 65 3.98 17.35 -19.21
CA PHE B 65 3.38 17.81 -20.46
C PHE B 65 4.38 17.70 -21.60
N ASN B 66 5.60 18.18 -21.40
CA ASN B 66 6.63 18.05 -22.42
C ASN B 66 6.92 16.59 -22.74
N LEU B 67 6.95 15.74 -21.71
CA LEU B 67 7.17 14.32 -21.94
C LEU B 67 6.04 13.69 -22.74
N MET B 68 4.82 14.23 -22.64
CA MET B 68 3.72 13.72 -23.45
C MET B 68 3.78 14.25 -24.87
N GLU B 69 4.18 15.51 -25.04
CA GLU B 69 4.38 16.05 -26.39
C GLU B 69 5.49 15.32 -27.13
N LYS B 70 6.50 14.83 -26.40
CA LYS B 70 7.57 14.07 -27.02
C LYS B 70 7.12 12.71 -27.53
N MET B 71 5.93 12.25 -27.15
CA MET B 71 5.50 10.91 -27.52
C MET B 71 5.12 10.80 -28.99
N LEU B 72 4.70 11.91 -29.60
CA LEU B 72 4.36 11.89 -31.03
C LEU B 72 5.52 11.44 -31.88
N GLN B 73 6.68 12.07 -31.70
CA GLN B 73 7.88 11.75 -32.47
C GLN B 73 9.09 12.01 -31.60
N PRO B 74 9.47 11.05 -30.76
CA PRO B 74 10.58 11.28 -29.81
C PRO B 74 11.90 11.55 -30.49
N CYS B 75 12.17 10.86 -31.60
CA CYS B 75 13.43 11.00 -32.33
C CYS B 75 13.23 11.83 -33.59
N GLY B 76 12.55 11.28 -34.59
CA GLY B 76 12.31 11.98 -35.84
C GLY B 76 11.67 11.06 -36.85
N PRO B 77 11.36 11.60 -38.03
CA PRO B 77 10.76 10.75 -39.06
C PRO B 77 11.78 9.74 -39.58
N PRO B 78 11.32 8.56 -40.03
CA PRO B 78 12.22 7.52 -40.52
C PRO B 78 12.91 7.89 -41.82
N ASN C 11 -15.26 -25.63 -47.37
CA ASN C 11 -16.02 -26.88 -47.32
C ASN C 11 -16.98 -26.86 -46.15
N LEU C 12 -17.99 -27.74 -46.20
CA LEU C 12 -18.99 -27.76 -45.15
C LEU C 12 -18.56 -28.68 -44.00
N PRO C 13 -18.80 -28.27 -42.76
CA PRO C 13 -18.50 -29.15 -41.62
C PRO C 13 -19.52 -30.28 -41.48
N PHE C 14 -19.50 -30.96 -40.34
CA PHE C 14 -20.37 -32.10 -40.13
C PHE C 14 -21.80 -31.65 -39.85
N LEU C 15 -22.76 -32.37 -40.41
CA LEU C 15 -24.18 -32.10 -40.20
C LEU C 15 -24.77 -33.14 -39.26
N LYS C 16 -25.59 -32.67 -38.34
CA LYS C 16 -26.34 -33.54 -37.45
C LYS C 16 -27.71 -33.84 -38.04
N PRO C 17 -28.37 -34.91 -37.60
CA PRO C 17 -29.68 -35.25 -38.19
C PRO C 17 -30.71 -34.15 -38.03
N ASP C 18 -30.70 -33.44 -36.90
CA ASP C 18 -31.63 -32.34 -36.70
C ASP C 18 -31.23 -31.10 -37.50
N ASP C 19 -30.03 -31.06 -38.06
CA ASP C 19 -29.59 -29.93 -38.86
C ASP C 19 -30.01 -30.03 -40.33
N ILE C 20 -30.49 -31.20 -40.77
CA ILE C 20 -30.99 -31.32 -42.13
C ILE C 20 -32.20 -30.44 -42.34
N GLN C 21 -33.02 -30.26 -41.30
CA GLN C 21 -34.22 -29.44 -41.40
C GLN C 21 -33.89 -27.98 -41.70
N TYR C 22 -32.70 -27.52 -41.30
CA TYR C 22 -32.35 -26.11 -41.40
C TYR C 22 -31.25 -25.82 -42.40
N PHE C 23 -30.51 -26.82 -42.87
CA PHE C 23 -29.39 -26.63 -43.79
C PHE C 23 -29.47 -27.64 -44.93
N ASP C 24 -30.66 -27.88 -45.46
CA ASP C 24 -30.83 -28.89 -46.49
C ASP C 24 -30.36 -28.41 -47.85
N LYS C 25 -30.40 -27.11 -48.12
CA LYS C 25 -30.15 -26.58 -49.45
C LYS C 25 -28.66 -26.34 -49.73
N LEU C 26 -27.77 -26.86 -48.88
CA LEU C 26 -26.34 -26.81 -49.15
C LEU C 26 -25.77 -28.16 -49.58
N LEU C 27 -26.54 -29.24 -49.44
CA LEU C 27 -26.06 -30.56 -49.86
C LEU C 27 -26.05 -30.71 -51.37
N VAL C 28 -26.83 -29.92 -52.09
CA VAL C 28 -26.84 -29.91 -53.54
C VAL C 28 -25.99 -28.75 -54.04
N ASP C 29 -25.05 -29.06 -54.94
CA ASP C 29 -24.20 -28.02 -55.51
C ASP C 29 -24.91 -27.38 -56.71
N VAL C 30 -25.22 -26.09 -56.58
CA VAL C 30 -25.73 -25.29 -57.68
C VAL C 30 -24.87 -24.04 -57.78
N ASP C 31 -24.64 -23.57 -59.00
CA ASP C 31 -23.95 -22.30 -59.19
C ASP C 31 -24.85 -21.19 -58.65
N GLU C 32 -24.33 -20.41 -57.70
CA GLU C 32 -25.16 -19.43 -57.02
C GLU C 32 -25.62 -18.34 -57.98
N SER C 33 -24.76 -17.95 -58.93
CA SER C 33 -25.13 -16.89 -59.86
C SER C 33 -26.17 -17.35 -60.87
N THR C 34 -26.07 -18.60 -61.33
CA THR C 34 -27.03 -19.12 -62.31
C THR C 34 -28.44 -19.07 -61.75
N LEU C 35 -28.62 -19.57 -60.54
CA LEU C 35 -29.91 -19.62 -59.88
C LEU C 35 -29.89 -18.67 -58.68
N SER C 36 -29.95 -17.38 -58.98
CA SER C 36 -29.87 -16.32 -57.95
C SER C 36 -31.11 -15.44 -58.02
N PRO C 37 -32.29 -15.96 -57.64
CA PRO C 37 -33.43 -15.08 -57.46
C PRO C 37 -33.16 -14.12 -56.32
N GLU C 38 -33.56 -12.86 -56.50
CA GLU C 38 -33.48 -11.89 -55.42
C GLU C 38 -34.24 -12.43 -54.22
N GLU C 39 -33.57 -12.44 -53.07
CA GLU C 39 -33.92 -13.00 -51.76
C GLU C 39 -33.66 -14.50 -51.69
N GLN C 40 -33.05 -15.10 -52.72
CA GLN C 40 -32.56 -16.47 -52.63
C GLN C 40 -31.05 -16.53 -52.45
N LYS C 41 -30.44 -15.45 -51.96
CA LYS C 41 -29.07 -15.49 -51.49
C LYS C 41 -28.96 -16.00 -50.06
N GLU C 42 -30.07 -16.51 -49.51
CA GLU C 42 -30.05 -17.12 -48.19
C GLU C 42 -28.95 -18.17 -48.06
N ARG C 43 -28.66 -18.88 -49.15
CA ARG C 43 -27.54 -19.82 -49.17
C ARG C 43 -26.31 -19.21 -48.50
N LYS C 44 -25.91 -18.03 -48.95
CA LYS C 44 -24.83 -17.26 -48.33
C LYS C 44 -24.97 -17.29 -46.82
N ILE C 45 -25.99 -16.62 -46.27
CA ILE C 45 -26.12 -16.56 -44.81
C ILE C 45 -26.18 -17.96 -44.24
N MET C 46 -26.83 -18.89 -44.95
CA MET C 46 -26.88 -20.29 -44.51
C MET C 46 -25.48 -20.77 -44.12
N LYS C 47 -24.54 -20.70 -45.08
CA LYS C 47 -23.19 -21.16 -44.79
C LYS C 47 -22.67 -20.51 -43.52
N LEU C 48 -22.77 -19.18 -43.43
CA LEU C 48 -22.27 -18.48 -42.25
C LEU C 48 -22.91 -19.05 -41.00
N LEU C 49 -24.25 -19.16 -40.99
CA LEU C 49 -24.91 -19.73 -39.83
C LEU C 49 -24.45 -21.16 -39.60
N LEU C 50 -24.40 -21.95 -40.67
CA LEU C 50 -23.94 -23.33 -40.53
C LEU C 50 -22.47 -23.38 -40.12
N LYS C 51 -21.71 -22.32 -40.40
CA LYS C 51 -20.32 -22.27 -39.94
C LYS C 51 -20.22 -21.86 -38.49
N ILE C 52 -21.23 -21.20 -37.94
CA ILE C 52 -21.17 -20.78 -36.55
C ILE C 52 -21.60 -21.90 -35.61
N LYS C 53 -22.76 -22.50 -35.89
CA LYS C 53 -23.27 -23.57 -35.02
C LYS C 53 -22.31 -24.75 -35.01
N ASN C 54 -21.99 -25.29 -36.19
CA ASN C 54 -21.08 -26.41 -36.33
C ASN C 54 -19.79 -25.90 -36.98
N GLY C 55 -18.68 -25.98 -36.25
CA GLY C 55 -17.41 -25.57 -36.80
C GLY C 55 -16.41 -25.26 -35.71
N THR C 56 -15.17 -25.06 -36.16
CA THR C 56 -14.05 -24.75 -35.29
C THR C 56 -14.07 -23.27 -34.90
N PRO C 57 -13.33 -22.88 -33.87
CA PRO C 57 -13.29 -21.47 -33.46
C PRO C 57 -12.91 -20.53 -34.60
N PRO C 58 -11.89 -20.84 -35.41
CA PRO C 58 -11.58 -19.92 -36.52
C PRO C 58 -12.72 -19.76 -37.51
N MET C 59 -13.42 -20.84 -37.84
CA MET C 59 -14.58 -20.74 -38.71
C MET C 59 -15.69 -19.90 -38.05
N ARG C 60 -15.86 -20.05 -36.74
CA ARG C 60 -16.92 -19.31 -36.06
C ARG C 60 -16.63 -17.81 -36.02
N LYS C 61 -15.37 -17.43 -35.77
CA LYS C 61 -15.05 -16.01 -35.75
C LYS C 61 -15.05 -15.43 -37.16
N ALA C 62 -14.57 -16.19 -38.14
CA ALA C 62 -14.56 -15.72 -39.52
C ALA C 62 -15.98 -15.49 -40.03
N ALA C 63 -16.84 -16.51 -39.90
CA ALA C 63 -18.22 -16.35 -40.33
C ALA C 63 -18.95 -15.31 -39.49
N LEU C 64 -18.55 -15.15 -38.23
CA LEU C 64 -19.15 -14.13 -37.39
C LEU C 64 -18.86 -12.73 -37.94
N ARG C 65 -17.58 -12.42 -38.17
CA ARG C 65 -17.24 -11.11 -38.73
C ARG C 65 -17.84 -10.93 -40.12
N GLN C 66 -17.90 -12.00 -40.90
CA GLN C 66 -18.51 -11.91 -42.23
C GLN C 66 -19.99 -11.56 -42.15
N ILE C 67 -20.72 -12.15 -41.19
CA ILE C 67 -22.14 -11.85 -41.09
C ILE C 67 -22.40 -10.54 -40.36
N THR C 68 -21.42 -10.00 -39.64
CA THR C 68 -21.60 -8.69 -39.03
C THR C 68 -21.29 -7.56 -40.01
N ASP C 69 -20.30 -7.76 -40.88
CA ASP C 69 -19.98 -6.73 -41.86
C ASP C 69 -21.11 -6.57 -42.88
N LYS C 70 -21.65 -7.69 -43.38
CA LYS C 70 -22.76 -7.67 -44.33
C LYS C 70 -24.12 -7.71 -43.65
N ALA C 71 -24.20 -7.32 -42.38
CA ALA C 71 -25.47 -7.37 -41.67
C ALA C 71 -26.47 -6.38 -42.26
N ARG C 72 -26.02 -5.18 -42.62
CA ARG C 72 -26.90 -4.22 -43.25
C ARG C 72 -27.33 -4.69 -44.64
N GLU C 73 -26.40 -5.30 -45.39
CA GLU C 73 -26.70 -5.71 -46.76
C GLU C 73 -27.73 -6.83 -46.79
N PHE C 74 -27.67 -7.74 -45.81
CA PHE C 74 -28.57 -8.90 -45.83
C PHE C 74 -29.98 -8.56 -45.37
N GLY C 75 -30.13 -7.53 -44.52
CA GLY C 75 -31.44 -7.16 -44.03
C GLY C 75 -31.91 -8.01 -42.86
N ALA C 76 -32.78 -7.45 -42.02
CA ALA C 76 -33.25 -8.18 -40.84
C ALA C 76 -34.18 -9.33 -41.21
N GLY C 77 -34.92 -9.19 -42.30
CA GLY C 77 -35.88 -10.19 -42.75
C GLY C 77 -35.28 -11.58 -42.88
N PRO C 78 -34.37 -11.76 -43.83
CA PRO C 78 -33.73 -13.08 -43.97
C PRO C 78 -33.03 -13.54 -42.70
N LEU C 79 -32.34 -12.62 -42.02
CA LEU C 79 -31.58 -12.96 -40.81
C LEU C 79 -32.47 -13.63 -39.78
N PHE C 80 -33.49 -12.92 -39.28
CA PHE C 80 -34.33 -13.49 -38.23
C PHE C 80 -35.23 -14.60 -38.77
N ASN C 81 -35.70 -14.48 -40.01
CA ASN C 81 -36.51 -15.54 -40.61
C ASN C 81 -35.75 -16.85 -40.74
N GLN C 82 -34.41 -16.81 -40.72
CA GLN C 82 -33.62 -18.03 -40.74
C GLN C 82 -33.00 -18.37 -39.39
N ILE C 83 -32.93 -17.42 -38.46
CA ILE C 83 -32.30 -17.64 -37.17
C ILE C 83 -33.31 -18.16 -36.15
N LEU C 84 -34.49 -17.56 -36.09
CA LEU C 84 -35.48 -17.97 -35.09
C LEU C 84 -35.84 -19.45 -35.15
N PRO C 85 -35.99 -20.10 -36.32
CA PRO C 85 -36.23 -21.55 -36.30
C PRO C 85 -35.11 -22.34 -35.63
N LEU C 86 -33.85 -21.93 -35.80
CA LEU C 86 -32.76 -22.61 -35.13
C LEU C 86 -32.84 -22.45 -33.61
N LEU C 87 -33.10 -21.22 -33.15
CA LEU C 87 -33.28 -20.98 -31.72
C LEU C 87 -34.54 -21.65 -31.17
N MET C 88 -35.45 -22.09 -32.04
CA MET C 88 -36.66 -22.79 -31.62
C MET C 88 -36.52 -24.31 -31.66
N SER C 89 -35.45 -24.83 -32.27
CA SER C 89 -35.31 -26.28 -32.42
C SER C 89 -35.14 -26.94 -31.06
N PRO C 90 -35.94 -27.97 -30.74
CA PRO C 90 -35.80 -28.63 -29.43
C PRO C 90 -34.49 -29.37 -29.25
N THR C 91 -33.83 -29.75 -30.34
CA THR C 91 -32.55 -30.46 -30.28
C THR C 91 -31.36 -29.52 -30.14
N LEU C 92 -31.59 -28.25 -29.84
CA LEU C 92 -30.52 -27.26 -29.78
C LEU C 92 -29.74 -27.41 -28.48
N GLU C 93 -28.42 -27.50 -28.60
CA GLU C 93 -27.57 -27.54 -27.41
C GLU C 93 -27.51 -26.16 -26.76
N ASP C 94 -27.04 -26.15 -25.50
CA ASP C 94 -26.95 -24.88 -24.77
C ASP C 94 -25.84 -24.00 -25.32
N GLN C 95 -24.70 -24.59 -25.69
CA GLN C 95 -23.62 -23.81 -26.28
C GLN C 95 -24.01 -23.27 -27.64
N GLU C 96 -24.59 -24.11 -28.50
CA GLU C 96 -25.11 -23.64 -29.78
C GLU C 96 -26.06 -22.47 -29.58
N ARG C 97 -26.95 -22.57 -28.58
CA ARG C 97 -27.85 -21.47 -28.27
C ARG C 97 -27.09 -20.22 -27.86
N HIS C 98 -26.00 -20.39 -27.12
CA HIS C 98 -25.18 -19.25 -26.75
C HIS C 98 -24.59 -18.57 -27.97
N LEU C 99 -24.11 -19.36 -28.94
CA LEU C 99 -23.59 -18.80 -30.18
C LEU C 99 -24.67 -18.05 -30.94
N LEU C 100 -25.86 -18.64 -31.05
CA LEU C 100 -26.96 -17.95 -31.69
C LEU C 100 -27.30 -16.64 -30.97
N VAL C 101 -27.13 -16.60 -29.66
CA VAL C 101 -27.37 -15.36 -28.91
C VAL C 101 -26.31 -14.32 -29.28
N LYS C 102 -25.04 -14.72 -29.32
CA LYS C 102 -23.98 -13.76 -29.64
C LYS C 102 -24.13 -13.21 -31.06
N VAL C 103 -24.45 -14.08 -32.02
CA VAL C 103 -24.64 -13.60 -33.38
C VAL C 103 -25.90 -12.73 -33.46
N ILE C 104 -26.92 -13.02 -32.63
CA ILE C 104 -28.09 -12.16 -32.59
C ILE C 104 -27.72 -10.76 -32.10
N ASP C 105 -26.89 -10.68 -31.07
CA ASP C 105 -26.43 -9.37 -30.60
C ASP C 105 -25.63 -8.64 -31.68
N ARG C 106 -24.65 -9.33 -32.26
CA ARG C 106 -23.76 -8.68 -33.22
C ARG C 106 -24.46 -8.30 -34.52
N ILE C 107 -25.58 -8.93 -34.86
CA ILE C 107 -26.36 -8.45 -36.00
C ILE C 107 -27.36 -7.38 -35.57
N LEU C 108 -27.81 -7.40 -34.33
CA LEU C 108 -28.71 -6.35 -33.84
C LEU C 108 -27.98 -5.01 -33.74
N TYR C 109 -26.68 -5.03 -33.45
CA TYR C 109 -25.96 -3.76 -33.32
C TYR C 109 -25.89 -3.02 -34.65
N LYS C 110 -25.70 -3.75 -35.75
CA LYS C 110 -25.64 -3.11 -37.06
C LYS C 110 -27.01 -2.60 -37.49
N LEU C 111 -28.02 -3.47 -37.43
CA LEU C 111 -29.39 -3.11 -37.83
C LEU C 111 -30.02 -2.30 -36.71
N ASP C 112 -29.88 -0.98 -36.79
CA ASP C 112 -30.42 -0.10 -35.77
C ASP C 112 -31.94 -0.01 -35.87
N ASP C 113 -32.43 0.60 -36.97
CA ASP C 113 -33.85 0.82 -37.14
C ASP C 113 -34.55 -0.30 -37.92
N LEU C 114 -33.79 -1.14 -38.62
CA LEU C 114 -34.40 -2.14 -39.49
C LEU C 114 -35.15 -3.22 -38.70
N VAL C 115 -34.81 -3.41 -37.42
CA VAL C 115 -35.43 -4.49 -36.64
C VAL C 115 -36.79 -4.12 -36.08
N ARG C 116 -37.24 -2.87 -36.25
CA ARG C 116 -38.52 -2.46 -35.68
C ARG C 116 -39.69 -3.27 -36.21
N PRO C 117 -39.93 -3.38 -37.51
CA PRO C 117 -41.12 -4.13 -37.98
C PRO C 117 -41.12 -5.59 -37.56
N TYR C 118 -39.98 -6.13 -37.15
CA TYR C 118 -39.88 -7.53 -36.73
C TYR C 118 -39.87 -7.70 -35.22
N VAL C 119 -39.93 -6.60 -34.45
CA VAL C 119 -39.78 -6.68 -33.00
C VAL C 119 -40.74 -7.71 -32.41
N HIS C 120 -42.02 -7.59 -32.71
CA HIS C 120 -43.01 -8.54 -32.21
C HIS C 120 -42.63 -9.96 -32.60
N LYS C 121 -42.29 -10.18 -33.87
CA LYS C 121 -41.94 -11.51 -34.34
C LYS C 121 -40.74 -12.09 -33.59
N ILE C 122 -39.91 -11.24 -32.99
CA ILE C 122 -38.82 -11.71 -32.15
C ILE C 122 -39.35 -12.14 -30.79
N LEU C 123 -40.17 -11.29 -30.17
CA LEU C 123 -40.54 -11.50 -28.76
C LEU C 123 -41.34 -12.78 -28.57
N VAL C 124 -42.26 -13.08 -29.49
CA VAL C 124 -43.06 -14.30 -29.39
C VAL C 124 -42.19 -15.55 -29.43
N VAL C 125 -40.96 -15.43 -29.94
CA VAL C 125 -40.03 -16.54 -29.95
C VAL C 125 -39.09 -16.53 -28.75
N ILE C 126 -38.89 -15.37 -28.12
CA ILE C 126 -37.86 -15.20 -27.11
C ILE C 126 -38.41 -15.18 -25.70
N GLU C 127 -39.55 -14.50 -25.49
CA GLU C 127 -40.13 -14.29 -24.17
C GLU C 127 -40.33 -15.57 -23.35
N PRO C 128 -40.66 -16.72 -23.96
CA PRO C 128 -40.68 -17.95 -23.16
C PRO C 128 -39.38 -18.24 -22.43
N LEU C 129 -38.23 -17.92 -23.04
CA LEU C 129 -36.94 -18.17 -22.39
C LEU C 129 -36.82 -17.47 -21.05
N LEU C 130 -37.61 -16.42 -20.81
CA LEU C 130 -37.56 -15.71 -19.53
C LEU C 130 -38.12 -16.53 -18.37
N ILE C 131 -38.78 -17.66 -18.64
CA ILE C 131 -39.32 -18.50 -17.59
C ILE C 131 -38.81 -19.93 -17.68
N ASP C 132 -37.80 -20.19 -18.52
CA ASP C 132 -37.26 -21.53 -18.65
C ASP C 132 -36.57 -21.96 -17.36
N GLU C 133 -36.54 -23.27 -17.14
CA GLU C 133 -35.88 -23.80 -15.95
C GLU C 133 -34.39 -23.52 -15.97
N ASP C 134 -33.78 -23.54 -17.16
CA ASP C 134 -32.37 -23.26 -17.29
C ASP C 134 -32.11 -21.79 -16.96
N TYR C 135 -31.29 -21.56 -15.93
CA TYR C 135 -30.92 -20.20 -15.56
C TYR C 135 -30.18 -19.50 -16.70
N TYR C 136 -29.27 -20.21 -17.36
CA TYR C 136 -28.51 -19.61 -18.44
C TYR C 136 -29.41 -19.25 -19.62
N ALA C 137 -30.43 -20.06 -19.90
CA ALA C 137 -31.39 -19.73 -20.94
C ALA C 137 -32.13 -18.44 -20.61
N ARG C 138 -32.50 -18.26 -19.33
CA ARG C 138 -33.12 -17.00 -18.91
C ARG C 138 -32.16 -15.83 -19.10
N VAL C 139 -30.87 -16.03 -18.77
CA VAL C 139 -29.88 -14.99 -18.98
C VAL C 139 -29.81 -14.60 -20.45
N GLU C 140 -29.79 -15.59 -21.34
CA GLU C 140 -29.69 -15.31 -22.77
C GLU C 140 -30.94 -14.60 -23.29
N GLY C 141 -32.11 -15.04 -22.84
CA GLY C 141 -33.34 -14.36 -23.23
C GLY C 141 -33.34 -12.90 -22.81
N ARG C 142 -33.00 -12.63 -21.55
CA ARG C 142 -32.89 -11.25 -21.09
C ARG C 142 -31.86 -10.48 -21.91
N GLU C 143 -30.76 -11.14 -22.29
CA GLU C 143 -29.72 -10.47 -23.06
C GLU C 143 -30.23 -10.02 -24.42
N ILE C 144 -30.86 -10.93 -25.17
CA ILE C 144 -31.28 -10.58 -26.52
C ILE C 144 -32.50 -9.65 -26.49
N ILE C 145 -33.33 -9.74 -25.45
CA ILE C 145 -34.41 -8.75 -25.31
C ILE C 145 -33.82 -7.37 -25.03
N SER C 146 -32.75 -7.30 -24.24
CA SER C 146 -32.10 -6.02 -23.99
C SER C 146 -31.49 -5.45 -25.27
N ASN C 147 -30.75 -6.27 -26.01
CA ASN C 147 -30.16 -5.82 -27.27
C ASN C 147 -31.24 -5.39 -28.24
N LEU C 148 -32.39 -6.08 -28.24
CA LEU C 148 -33.51 -5.67 -29.08
C LEU C 148 -34.06 -4.33 -28.63
N ALA C 149 -34.06 -4.08 -27.32
CA ALA C 149 -34.56 -2.80 -26.81
C ALA C 149 -33.59 -1.66 -27.13
N LYS C 150 -32.30 -1.96 -27.31
CA LYS C 150 -31.36 -0.92 -27.69
C LYS C 150 -31.36 -0.67 -29.20
N ALA C 151 -31.50 -1.74 -29.99
CA ALA C 151 -31.56 -1.60 -31.44
C ALA C 151 -32.79 -0.78 -31.84
N ALA C 152 -33.98 -1.33 -31.61
CA ALA C 152 -35.20 -0.57 -31.81
C ALA C 152 -35.31 0.53 -30.75
N GLY C 153 -36.31 1.39 -30.92
CA GLY C 153 -36.51 2.47 -29.98
C GLY C 153 -37.28 2.05 -28.75
N LEU C 154 -37.33 2.95 -27.77
CA LEU C 154 -38.16 2.74 -26.60
C LEU C 154 -39.64 2.73 -26.96
N ALA C 155 -40.07 3.70 -27.78
CA ALA C 155 -41.45 3.75 -28.23
C ALA C 155 -41.80 2.54 -29.11
N THR C 156 -40.79 1.95 -29.76
CA THR C 156 -41.04 0.75 -30.55
C THR C 156 -41.41 -0.42 -29.65
N MET C 157 -40.62 -0.64 -28.60
CA MET C 157 -40.92 -1.72 -27.66
C MET C 157 -42.23 -1.45 -26.93
N ILE C 158 -42.48 -0.19 -26.56
CA ILE C 158 -43.72 0.16 -25.87
C ILE C 158 -44.92 -0.12 -26.75
N SER C 159 -44.89 0.37 -28.00
CA SER C 159 -45.99 0.14 -28.93
C SER C 159 -46.11 -1.33 -29.32
N THR C 160 -45.04 -2.11 -29.19
CA THR C 160 -45.12 -3.52 -29.52
C THR C 160 -45.70 -4.35 -28.38
N MET C 161 -45.42 -3.98 -27.13
CA MET C 161 -45.80 -4.77 -25.98
C MET C 161 -46.98 -4.20 -25.20
N ARG C 162 -47.50 -3.04 -25.59
CA ARG C 162 -48.62 -2.42 -24.88
C ARG C 162 -49.92 -3.22 -24.97
N PRO C 163 -50.30 -3.75 -26.15
CA PRO C 163 -51.58 -4.49 -26.20
C PRO C 163 -51.63 -5.70 -25.29
N ASP C 164 -50.49 -6.30 -24.95
CA ASP C 164 -50.47 -7.47 -24.08
C ASP C 164 -50.56 -7.11 -22.60
N ILE C 165 -50.74 -5.83 -22.27
CA ILE C 165 -50.79 -5.43 -20.87
C ILE C 165 -52.09 -5.89 -20.22
N ASP C 166 -53.22 -5.57 -20.84
CA ASP C 166 -54.53 -5.91 -20.31
C ASP C 166 -55.07 -7.21 -20.90
N ASN C 167 -54.19 -8.11 -21.32
CA ASN C 167 -54.63 -9.41 -21.82
C ASN C 167 -55.30 -10.20 -20.69
N MET C 168 -56.25 -11.06 -21.06
CA MET C 168 -57.04 -11.75 -20.05
C MET C 168 -56.29 -12.93 -19.45
N ASP C 169 -55.36 -13.52 -20.20
CA ASP C 169 -54.58 -14.64 -19.67
C ASP C 169 -53.49 -14.13 -18.73
N GLU C 170 -53.36 -14.80 -17.59
CA GLU C 170 -52.36 -14.39 -16.60
C GLU C 170 -50.94 -14.65 -17.09
N TYR C 171 -50.75 -15.68 -17.91
CA TYR C 171 -49.43 -16.04 -18.41
C TYR C 171 -48.82 -14.90 -19.20
N VAL C 172 -49.53 -14.40 -20.21
CA VAL C 172 -48.99 -13.35 -21.06
C VAL C 172 -48.81 -12.05 -20.30
N ARG C 173 -49.65 -11.80 -19.29
CA ARG C 173 -49.43 -10.63 -18.44
C ARG C 173 -48.13 -10.77 -17.65
N ASN C 174 -47.88 -11.95 -17.10
CA ASN C 174 -46.66 -12.19 -16.34
C ASN C 174 -45.42 -12.02 -17.20
N THR C 175 -45.35 -12.77 -18.31
CA THR C 175 -44.17 -12.70 -19.17
C THR C 175 -44.02 -11.31 -19.79
N THR C 176 -45.13 -10.62 -20.05
CA THR C 176 -45.05 -9.26 -20.55
C THR C 176 -44.44 -8.32 -19.51
N ALA C 177 -44.85 -8.47 -18.25
CA ALA C 177 -44.28 -7.65 -17.18
C ALA C 177 -42.79 -7.91 -17.04
N ARG C 178 -42.38 -9.19 -17.07
CA ARG C 178 -40.96 -9.49 -16.99
C ARG C 178 -40.19 -8.89 -18.16
N ALA C 179 -40.76 -8.96 -19.37
CA ALA C 179 -40.10 -8.37 -20.53
C ALA C 179 -39.94 -6.86 -20.35
N PHE C 180 -40.98 -6.19 -19.85
CA PHE C 180 -40.87 -4.75 -19.59
C PHE C 180 -39.82 -4.45 -18.54
N ALA C 181 -39.64 -5.35 -17.56
CA ALA C 181 -38.53 -5.18 -16.61
C ALA C 181 -37.19 -5.29 -17.32
N VAL C 182 -37.08 -6.23 -18.27
CA VAL C 182 -35.82 -6.40 -19.00
C VAL C 182 -35.50 -5.14 -19.79
N VAL C 183 -36.47 -4.62 -20.55
CA VAL C 183 -36.21 -3.40 -21.31
C VAL C 183 -35.97 -2.22 -20.38
N ALA C 184 -36.54 -2.27 -19.16
CA ALA C 184 -36.23 -1.24 -18.17
C ALA C 184 -34.77 -1.33 -17.74
N SER C 185 -34.23 -2.53 -17.67
CA SER C 185 -32.81 -2.67 -17.35
C SER C 185 -31.92 -2.32 -18.54
N ALA C 186 -32.46 -2.41 -19.77
CA ALA C 186 -31.65 -2.12 -20.95
C ALA C 186 -31.60 -0.62 -21.23
N LEU C 187 -32.70 0.09 -21.00
CA LEU C 187 -32.78 1.51 -21.31
C LEU C 187 -32.75 2.39 -20.06
N GLY C 188 -32.65 1.80 -18.89
CA GLY C 188 -32.64 2.59 -17.66
C GLY C 188 -34.03 2.84 -17.12
N ILE C 189 -34.11 2.98 -15.79
CA ILE C 189 -35.39 3.23 -15.13
C ILE C 189 -36.03 4.55 -15.59
N PRO C 190 -35.30 5.67 -15.69
CA PRO C 190 -35.97 6.92 -16.09
C PRO C 190 -36.64 6.87 -17.45
N SER C 191 -36.10 6.07 -18.39
CA SER C 191 -36.71 6.00 -19.71
C SER C 191 -38.09 5.38 -19.67
N LEU C 192 -38.35 4.50 -18.71
CA LEU C 192 -39.63 3.80 -18.62
C LEU C 192 -40.47 4.29 -17.45
N LEU C 193 -39.98 5.26 -16.67
CA LEU C 193 -40.78 5.87 -15.60
C LEU C 193 -42.14 6.36 -16.06
N PRO C 194 -42.27 7.14 -17.15
CA PRO C 194 -43.61 7.65 -17.49
C PRO C 194 -44.58 6.55 -17.92
N PHE C 195 -44.10 5.54 -18.62
CA PHE C 195 -44.96 4.41 -19.00
C PHE C 195 -45.56 3.76 -17.77
N LEU C 196 -44.75 3.55 -16.72
CA LEU C 196 -45.25 2.94 -15.49
C LEU C 196 -46.19 3.89 -14.75
N LYS C 197 -45.85 5.18 -14.73
CA LYS C 197 -46.73 6.15 -14.06
C LYS C 197 -48.09 6.21 -14.73
N ALA C 198 -48.15 5.96 -16.04
CA ALA C 198 -49.42 5.99 -16.75
C ALA C 198 -50.19 4.68 -16.61
N VAL C 199 -49.49 3.55 -16.80
CA VAL C 199 -50.16 2.25 -16.78
C VAL C 199 -50.64 1.91 -15.36
N CYS C 200 -49.87 2.30 -14.35
CA CYS C 200 -50.23 1.97 -12.97
C CYS C 200 -51.45 2.75 -12.48
N LYS C 201 -51.92 3.74 -13.23
CA LYS C 201 -53.14 4.46 -12.90
C LYS C 201 -54.15 4.40 -14.04
N SER C 202 -54.07 3.37 -14.86
CA SER C 202 -54.96 3.23 -16.00
C SER C 202 -56.38 2.92 -15.53
N LYS C 203 -57.36 3.66 -16.06
CA LYS C 203 -58.76 3.45 -15.74
C LYS C 203 -59.45 2.48 -16.70
N LYS C 204 -58.71 1.94 -17.67
CA LYS C 204 -59.32 1.05 -18.66
C LYS C 204 -59.69 -0.29 -18.04
N SER C 205 -58.77 -0.88 -17.29
CA SER C 205 -59.00 -2.16 -16.62
C SER C 205 -57.98 -2.33 -15.51
N TRP C 206 -58.34 -3.14 -14.51
CA TRP C 206 -57.43 -3.38 -13.40
C TRP C 206 -56.25 -4.24 -13.80
N GLN C 207 -56.42 -5.07 -14.84
CA GLN C 207 -55.32 -5.93 -15.28
C GLN C 207 -54.15 -5.11 -15.78
N ALA C 208 -54.40 -3.91 -16.30
CA ALA C 208 -53.31 -3.05 -16.76
C ALA C 208 -52.49 -2.55 -15.58
N ARG C 209 -53.16 -2.00 -14.55
CA ARG C 209 -52.44 -1.52 -13.38
C ARG C 209 -51.73 -2.67 -12.66
N HIS C 210 -52.37 -3.84 -12.60
CA HIS C 210 -51.72 -5.00 -12.01
C HIS C 210 -50.47 -5.40 -12.78
N THR C 211 -50.56 -5.37 -14.12
CA THR C 211 -49.39 -5.72 -14.93
C THR C 211 -48.26 -4.71 -14.74
N GLY C 212 -48.59 -3.42 -14.68
CA GLY C 212 -47.55 -2.42 -14.46
C GLY C 212 -46.91 -2.53 -13.09
N ILE C 213 -47.72 -2.78 -12.05
CA ILE C 213 -47.16 -3.00 -10.72
C ILE C 213 -46.24 -4.23 -10.73
N LYS C 214 -46.65 -5.29 -11.44
CA LYS C 214 -45.73 -6.41 -11.63
C LYS C 214 -44.46 -5.99 -12.34
N ILE C 215 -44.55 -5.01 -13.25
CA ILE C 215 -43.34 -4.49 -13.89
C ILE C 215 -42.44 -3.85 -12.84
N VAL C 216 -43.04 -3.16 -11.87
CA VAL C 216 -42.24 -2.57 -10.79
C VAL C 216 -41.57 -3.66 -9.97
N GLN C 217 -42.32 -4.72 -9.62
CA GLN C 217 -41.77 -5.81 -8.83
C GLN C 217 -40.61 -6.48 -9.55
N GLN C 218 -40.81 -6.84 -10.82
CA GLN C 218 -39.76 -7.50 -11.58
C GLN C 218 -38.58 -6.56 -11.82
N ILE C 219 -38.83 -5.25 -11.89
CA ILE C 219 -37.74 -4.30 -11.92
C ILE C 219 -36.94 -4.36 -10.63
N ALA C 220 -37.62 -4.55 -9.50
CA ALA C 220 -36.92 -4.71 -8.23
C ALA C 220 -36.05 -5.96 -8.24
N ILE C 221 -36.65 -7.10 -8.57
CA ILE C 221 -35.93 -8.37 -8.56
C ILE C 221 -34.75 -8.34 -9.51
N LEU C 222 -34.94 -7.79 -10.71
CA LEU C 222 -33.90 -7.84 -11.73
C LEU C 222 -32.81 -6.80 -11.49
N MET C 223 -33.20 -5.54 -11.24
CA MET C 223 -32.22 -4.48 -11.06
C MET C 223 -31.44 -4.67 -9.76
N GLY C 224 -32.13 -4.98 -8.66
CA GLY C 224 -31.43 -5.20 -7.41
C GLY C 224 -31.01 -3.89 -6.77
N CYS C 225 -29.72 -3.78 -6.42
CA CYS C 225 -29.24 -2.60 -5.72
C CYS C 225 -29.11 -1.38 -6.63
N ALA C 226 -29.23 -1.54 -7.95
CA ALA C 226 -29.16 -0.42 -8.87
C ALA C 226 -30.43 0.41 -8.92
N ILE C 227 -31.35 0.19 -7.98
CA ILE C 227 -32.60 0.93 -7.94
C ILE C 227 -32.49 2.23 -7.15
N LEU C 228 -31.67 2.23 -6.09
CA LEU C 228 -31.57 3.23 -5.04
C LEU C 228 -31.76 4.68 -5.54
N PRO C 229 -31.14 5.08 -6.66
CA PRO C 229 -31.43 6.44 -7.16
C PRO C 229 -32.88 6.67 -7.55
N HIS C 230 -33.52 5.69 -8.19
CA HIS C 230 -34.89 5.84 -8.69
C HIS C 230 -35.93 5.26 -7.74
N LEU C 231 -35.53 4.92 -6.51
CA LEU C 231 -36.42 4.20 -5.61
C LEU C 231 -37.65 5.03 -5.26
N ARG C 232 -37.45 6.30 -4.91
CA ARG C 232 -38.60 7.14 -4.56
C ARG C 232 -39.49 7.40 -5.76
N SER C 233 -38.92 7.41 -6.97
CA SER C 233 -39.74 7.55 -8.17
C SER C 233 -40.64 6.34 -8.35
N LEU C 234 -40.06 5.13 -8.27
CA LEU C 234 -40.88 3.93 -8.43
C LEU C 234 -41.92 3.81 -7.31
N VAL C 235 -41.51 4.07 -6.08
CA VAL C 235 -42.43 3.97 -4.93
C VAL C 235 -43.57 4.96 -5.07
N GLU C 236 -43.26 6.20 -5.45
CA GLU C 236 -44.32 7.19 -5.64
C GLU C 236 -45.20 6.85 -6.83
N ILE C 237 -44.66 6.13 -7.82
CA ILE C 237 -45.49 5.67 -8.94
C ILE C 237 -46.44 4.57 -8.49
N ILE C 238 -46.03 3.73 -7.55
CA ILE C 238 -46.75 2.50 -7.25
C ILE C 238 -47.60 2.57 -5.97
N GLU C 239 -47.38 3.57 -5.12
CA GLU C 239 -47.93 3.54 -3.76
C GLU C 239 -49.45 3.57 -3.72
N HIS C 240 -50.11 4.06 -4.77
CA HIS C 240 -51.56 4.19 -4.76
C HIS C 240 -52.27 2.85 -4.78
N GLY C 241 -51.60 1.78 -5.23
CA GLY C 241 -52.23 0.48 -5.37
C GLY C 241 -52.62 -0.18 -4.07
N LEU C 242 -52.24 0.39 -2.93
CA LEU C 242 -52.58 -0.20 -1.64
C LEU C 242 -54.01 0.09 -1.20
N VAL C 243 -54.69 1.05 -1.83
CA VAL C 243 -56.05 1.42 -1.47
C VAL C 243 -57.03 1.18 -2.61
N ASP C 244 -56.60 0.51 -3.67
CA ASP C 244 -57.50 0.21 -4.78
C ASP C 244 -58.54 -0.83 -4.35
N GLU C 245 -59.71 -0.75 -4.98
CA GLU C 245 -60.80 -1.64 -4.62
C GLU C 245 -60.55 -3.08 -5.05
N GLN C 246 -59.57 -3.31 -5.92
CA GLN C 246 -59.22 -4.66 -6.37
C GLN C 246 -58.22 -5.27 -5.40
N GLN C 247 -58.51 -6.49 -4.94
CA GLN C 247 -57.61 -7.16 -4.00
C GLN C 247 -56.32 -7.60 -4.67
N LYS C 248 -56.39 -8.00 -5.95
CA LYS C 248 -55.20 -8.49 -6.63
C LYS C 248 -54.16 -7.39 -6.78
N VAL C 249 -54.60 -6.17 -7.09
CA VAL C 249 -53.65 -5.07 -7.27
C VAL C 249 -53.11 -4.58 -5.93
N ARG C 250 -53.88 -4.72 -4.85
CA ARG C 250 -53.34 -4.43 -3.52
C ARG C 250 -52.28 -5.45 -3.14
N THR C 251 -52.56 -6.73 -3.38
CA THR C 251 -51.59 -7.78 -3.06
C THR C 251 -50.31 -7.61 -3.85
N ILE C 252 -50.43 -7.40 -5.17
CA ILE C 252 -49.22 -7.27 -5.98
C ILE C 252 -48.51 -5.95 -5.69
N SER C 253 -49.25 -4.91 -5.27
CA SER C 253 -48.60 -3.66 -4.89
C SER C 253 -47.78 -3.83 -3.63
N ALA C 254 -48.33 -4.51 -2.63
CA ALA C 254 -47.58 -4.77 -1.40
C ALA C 254 -46.39 -5.68 -1.66
N LEU C 255 -46.57 -6.68 -2.52
CA LEU C 255 -45.46 -7.58 -2.85
C LEU C 255 -44.36 -6.84 -3.59
N ALA C 256 -44.72 -5.89 -4.46
CA ALA C 256 -43.70 -5.10 -5.14
C ALA C 256 -43.02 -4.13 -4.20
N ILE C 257 -43.75 -3.62 -3.20
CA ILE C 257 -43.11 -2.81 -2.15
C ILE C 257 -42.09 -3.65 -1.40
N ALA C 258 -42.46 -4.89 -1.05
CA ALA C 258 -41.53 -5.79 -0.38
C ALA C 258 -40.31 -6.08 -1.25
N ALA C 259 -40.52 -6.23 -2.56
CA ALA C 259 -39.40 -6.49 -3.46
C ALA C 259 -38.48 -5.28 -3.52
N LEU C 260 -39.03 -4.08 -3.61
CA LEU C 260 -38.20 -2.87 -3.60
C LEU C 260 -37.41 -2.77 -2.30
N ALA C 261 -38.05 -3.05 -1.16
CA ALA C 261 -37.35 -3.01 0.11
C ALA C 261 -36.24 -4.05 0.17
N GLU C 262 -36.47 -5.23 -0.40
CA GLU C 262 -35.44 -6.26 -0.41
C GLU C 262 -34.26 -5.84 -1.27
N ALA C 263 -34.53 -5.24 -2.43
CA ALA C 263 -33.45 -4.82 -3.31
C ALA C 263 -32.70 -3.60 -2.79
N ALA C 264 -33.34 -2.79 -1.95
CA ALA C 264 -32.71 -1.59 -1.42
C ALA C 264 -31.93 -1.81 -0.14
N THR C 265 -32.07 -2.99 0.48
CA THR C 265 -31.38 -3.32 1.74
C THR C 265 -29.88 -3.04 1.66
N PRO C 266 -29.33 -2.35 2.67
CA PRO C 266 -30.05 -1.82 3.85
C PRO C 266 -30.32 -0.32 3.80
N TYR C 267 -30.18 0.30 2.63
CA TYR C 267 -30.37 1.73 2.49
C TYR C 267 -31.77 2.05 1.98
N GLY C 268 -32.11 3.34 1.99
CA GLY C 268 -33.31 3.80 1.33
C GLY C 268 -34.60 3.68 2.12
N ILE C 269 -34.59 4.04 3.41
CA ILE C 269 -35.81 4.03 4.19
C ILE C 269 -36.69 5.24 3.89
N GLU C 270 -36.09 6.33 3.41
CA GLU C 270 -36.86 7.56 3.20
C GLU C 270 -37.87 7.40 2.08
N SER C 271 -37.52 6.68 1.01
CA SER C 271 -38.40 6.57 -0.15
C SER C 271 -39.71 5.88 0.19
N PHE C 272 -39.71 5.01 1.19
CA PHE C 272 -40.92 4.30 1.61
C PHE C 272 -41.75 5.10 2.61
N ASP C 273 -41.38 6.35 2.87
CA ASP C 273 -42.07 7.18 3.87
C ASP C 273 -43.58 7.17 3.64
N SER C 274 -44.01 7.65 2.48
CA SER C 274 -45.43 7.78 2.16
C SER C 274 -46.15 6.45 2.09
N VAL C 275 -45.44 5.35 2.36
CA VAL C 275 -46.03 4.01 2.34
C VAL C 275 -46.14 3.41 3.73
N LEU C 276 -45.50 4.00 4.74
CA LEU C 276 -45.49 3.38 6.06
C LEU C 276 -46.88 3.39 6.69
N LYS C 277 -47.57 4.54 6.67
CA LYS C 277 -48.86 4.62 7.34
C LYS C 277 -49.94 3.78 6.65
N PRO C 278 -50.09 3.80 5.30
CA PRO C 278 -51.10 2.94 4.68
C PRO C 278 -50.96 1.48 5.07
N LEU C 279 -49.77 0.92 4.83
CA LEU C 279 -49.47 -0.46 5.21
C LEU C 279 -49.96 -0.77 6.63
N TRP C 280 -49.44 -0.02 7.60
CA TRP C 280 -49.87 -0.20 9.00
C TRP C 280 -51.38 -0.21 9.12
N LYS C 281 -52.04 0.78 8.52
CA LYS C 281 -53.51 0.83 8.58
C LYS C 281 -54.11 -0.45 8.02
N GLY C 282 -53.63 -0.89 6.85
CA GLY C 282 -54.14 -2.11 6.26
C GLY C 282 -53.98 -3.32 7.16
N ILE C 283 -52.95 -3.31 8.02
CA ILE C 283 -52.71 -4.43 8.91
C ILE C 283 -53.93 -4.69 9.80
N ARG C 284 -54.73 -3.65 10.05
CA ARG C 284 -55.89 -3.79 10.91
C ARG C 284 -57.18 -4.11 10.15
N GLN C 285 -57.18 -3.98 8.82
CA GLN C 285 -58.43 -4.13 8.07
C GLN C 285 -58.30 -5.05 6.87
N HIS C 286 -57.25 -5.87 6.82
CA HIS C 286 -57.06 -6.83 5.74
C HIS C 286 -56.85 -8.23 6.32
N ARG C 287 -57.36 -9.23 5.61
CA ARG C 287 -57.16 -10.62 5.96
C ARG C 287 -56.99 -11.44 4.69
N GLY C 288 -56.45 -12.64 4.85
CA GLY C 288 -56.17 -13.51 3.73
C GLY C 288 -54.75 -13.37 3.23
N LYS C 289 -54.55 -13.52 1.93
CA LYS C 289 -53.20 -13.41 1.36
C LYS C 289 -52.81 -11.97 1.08
N GLY C 290 -53.77 -11.05 1.00
CA GLY C 290 -53.42 -9.64 0.95
C GLY C 290 -52.76 -9.19 2.23
N LEU C 291 -53.30 -9.63 3.38
CA LEU C 291 -52.63 -9.40 4.65
C LEU C 291 -51.26 -10.05 4.67
N ALA C 292 -51.10 -11.19 3.99
CA ALA C 292 -49.78 -11.82 3.90
C ALA C 292 -48.81 -10.93 3.11
N ALA C 293 -49.29 -10.32 2.03
CA ALA C 293 -48.43 -9.42 1.25
C ALA C 293 -48.06 -8.19 2.07
N PHE C 294 -49.03 -7.61 2.78
CA PHE C 294 -48.74 -6.45 3.62
C PHE C 294 -47.72 -6.79 4.70
N LEU C 295 -47.93 -7.92 5.39
CA LEU C 295 -46.99 -8.33 6.44
C LEU C 295 -45.61 -8.61 5.86
N LYS C 296 -45.55 -9.17 4.64
CA LYS C 296 -44.26 -9.39 4.00
C LYS C 296 -43.56 -8.06 3.74
N ALA C 297 -44.30 -7.06 3.23
CA ALA C 297 -43.72 -5.75 3.00
C ALA C 297 -43.19 -5.14 4.29
N ILE C 298 -43.95 -5.29 5.39
CA ILE C 298 -43.48 -4.80 6.68
C ILE C 298 -42.19 -5.52 7.08
N GLY C 299 -42.16 -6.84 6.85
CA GLY C 299 -40.98 -7.60 7.23
C GLY C 299 -39.73 -7.20 6.48
N TYR C 300 -39.86 -6.92 5.18
CA TYR C 300 -38.71 -6.42 4.44
C TYR C 300 -38.46 -4.93 4.64
N LEU C 301 -39.39 -4.21 5.28
CA LEU C 301 -39.21 -2.78 5.50
C LEU C 301 -38.58 -2.45 6.85
N ILE C 302 -38.83 -3.27 7.87
CA ILE C 302 -38.36 -2.95 9.22
C ILE C 302 -36.83 -2.88 9.31
N PRO C 303 -36.06 -3.80 8.74
CA PRO C 303 -34.59 -3.68 8.86
C PRO C 303 -34.04 -2.39 8.27
N LEU C 304 -34.74 -1.77 7.34
CA LEU C 304 -34.27 -0.52 6.73
C LEU C 304 -34.37 0.67 7.67
N MET C 305 -35.06 0.53 8.80
CA MET C 305 -35.37 1.65 9.68
C MET C 305 -34.31 1.83 10.76
N ASP C 306 -34.36 2.98 11.42
CA ASP C 306 -33.48 3.26 12.54
C ASP C 306 -33.98 2.53 13.80
N ALA C 307 -33.24 2.70 14.90
CA ALA C 307 -33.52 1.92 16.10
C ALA C 307 -34.86 2.28 16.72
N GLU C 308 -35.05 3.56 17.06
CA GLU C 308 -36.27 3.98 17.74
C GLU C 308 -37.50 3.71 16.90
N TYR C 309 -37.43 4.01 15.60
CA TYR C 309 -38.59 3.78 14.74
C TYR C 309 -38.83 2.30 14.51
N ALA C 310 -37.78 1.47 14.58
CA ALA C 310 -37.99 0.03 14.56
C ALA C 310 -38.73 -0.44 15.81
N ASN C 311 -38.38 0.13 16.96
CA ASN C 311 -39.13 -0.15 18.18
C ASN C 311 -40.59 0.24 18.03
N TYR C 312 -40.85 1.46 17.56
CA TYR C 312 -42.22 1.95 17.42
C TYR C 312 -43.03 1.09 16.46
N TYR C 313 -42.51 0.86 15.25
CA TYR C 313 -43.25 0.13 14.24
C TYR C 313 -43.43 -1.33 14.63
N THR C 314 -42.36 -1.98 15.09
CA THR C 314 -42.44 -3.38 15.48
C THR C 314 -43.45 -3.57 16.62
N ARG C 315 -43.43 -2.67 17.61
CA ARG C 315 -44.47 -2.69 18.63
C ARG C 315 -45.85 -2.39 18.06
N GLU C 316 -45.91 -1.70 16.92
CA GLU C 316 -47.18 -1.33 16.32
C GLU C 316 -47.80 -2.45 15.48
N VAL C 317 -47.00 -3.44 15.06
CA VAL C 317 -47.51 -4.56 14.27
C VAL C 317 -47.43 -5.89 15.01
N MET C 318 -46.74 -5.94 16.16
CA MET C 318 -46.50 -7.22 16.83
C MET C 318 -47.78 -7.88 17.29
N LEU C 319 -48.83 -7.10 17.58
CA LEU C 319 -50.09 -7.70 18.02
C LEU C 319 -50.71 -8.55 16.91
N ILE C 320 -50.89 -7.94 15.73
CA ILE C 320 -51.45 -8.68 14.60
C ILE C 320 -50.53 -9.83 14.20
N LEU C 321 -49.20 -9.62 14.31
CA LEU C 321 -48.27 -10.70 14.00
C LEU C 321 -48.50 -11.91 14.92
N ILE C 322 -48.54 -11.66 16.23
CA ILE C 322 -48.82 -12.73 17.19
C ILE C 322 -50.16 -13.39 16.89
N ARG C 323 -51.16 -12.58 16.49
CA ARG C 323 -52.45 -13.14 16.13
C ARG C 323 -52.33 -14.10 14.95
N GLU C 324 -51.49 -13.76 13.97
CA GLU C 324 -51.30 -14.60 12.80
C GLU C 324 -50.26 -15.70 13.01
N PHE C 325 -49.68 -15.81 14.21
CA PHE C 325 -48.82 -16.95 14.51
C PHE C 325 -49.57 -18.28 14.37
N GLN C 326 -50.89 -18.27 14.57
CA GLN C 326 -51.70 -19.47 14.57
C GLN C 326 -52.67 -19.50 13.38
N SER C 327 -52.22 -19.03 12.22
CA SER C 327 -53.08 -19.03 11.04
C SER C 327 -53.09 -20.41 10.39
N PRO C 328 -54.23 -20.84 9.85
CA PRO C 328 -54.26 -22.16 9.20
C PRO C 328 -53.49 -22.19 7.89
N ASP C 329 -53.31 -21.06 7.23
CA ASP C 329 -52.59 -21.03 5.97
C ASP C 329 -51.11 -21.30 6.19
N GLU C 330 -50.48 -21.97 5.22
CA GLU C 330 -49.05 -22.26 5.31
C GLU C 330 -48.21 -21.08 4.82
N GLU C 331 -48.59 -20.47 3.71
CA GLU C 331 -47.90 -19.28 3.23
C GLU C 331 -47.90 -18.19 4.29
N MET C 332 -48.99 -18.07 5.04
CA MET C 332 -49.05 -17.09 6.12
C MET C 332 -48.03 -17.41 7.21
N LYS C 333 -47.95 -18.69 7.61
CA LYS C 333 -47.01 -19.07 8.65
C LYS C 333 -45.56 -18.83 8.23
N LYS C 334 -45.22 -19.18 6.99
CA LYS C 334 -43.86 -18.98 6.52
C LYS C 334 -43.55 -17.48 6.38
N ILE C 335 -44.51 -16.70 5.90
CA ILE C 335 -44.30 -15.26 5.76
C ILE C 335 -44.06 -14.63 7.13
N VAL C 336 -44.93 -14.93 8.10
CA VAL C 336 -44.78 -14.31 9.42
C VAL C 336 -43.53 -14.84 10.13
N LEU C 337 -43.08 -16.05 9.78
CA LEU C 337 -41.84 -16.55 10.37
C LEU C 337 -40.64 -15.77 9.83
N LYS C 338 -40.59 -15.59 8.50
CA LYS C 338 -39.55 -14.75 7.91
C LYS C 338 -39.59 -13.34 8.50
N VAL C 339 -40.79 -12.81 8.73
CA VAL C 339 -40.94 -11.48 9.30
C VAL C 339 -40.40 -11.45 10.73
N VAL C 340 -40.64 -12.52 11.50
CA VAL C 340 -40.10 -12.59 12.86
C VAL C 340 -38.59 -12.56 12.83
N LYS C 341 -37.99 -13.36 11.94
CA LYS C 341 -36.53 -13.34 11.78
C LYS C 341 -36.03 -11.94 11.42
N GLN C 342 -36.73 -11.27 10.50
CA GLN C 342 -36.29 -9.94 10.06
C GLN C 342 -36.40 -8.92 11.18
N CYS C 343 -37.47 -8.97 11.97
CA CYS C 343 -37.62 -8.05 13.10
C CYS C 343 -36.54 -8.30 14.15
N CYS C 344 -36.38 -9.55 14.55
CA CYS C 344 -35.40 -9.91 15.57
C CYS C 344 -33.96 -9.89 15.04
N GLY C 345 -33.76 -9.53 13.78
CA GLY C 345 -32.42 -9.29 13.28
C GLY C 345 -32.05 -7.81 13.33
N THR C 346 -33.06 -6.96 13.49
CA THR C 346 -32.83 -5.52 13.50
C THR C 346 -32.19 -5.07 14.80
N ASP C 347 -31.32 -4.05 14.70
CA ASP C 347 -30.64 -3.54 15.88
C ASP C 347 -31.57 -2.78 16.82
N GLY C 348 -32.69 -2.26 16.32
CA GLY C 348 -33.57 -1.47 17.17
C GLY C 348 -34.47 -2.28 18.07
N VAL C 349 -34.69 -3.54 17.77
CA VAL C 349 -35.57 -4.40 18.57
C VAL C 349 -34.73 -5.00 19.70
N GLU C 350 -34.93 -4.49 20.91
CA GLU C 350 -34.18 -4.98 22.06
C GLU C 350 -34.56 -6.43 22.38
N ALA C 351 -33.62 -7.13 23.01
CA ALA C 351 -33.83 -8.54 23.31
C ALA C 351 -34.88 -8.75 24.41
N ASN C 352 -34.99 -7.79 25.34
CA ASN C 352 -35.97 -7.93 26.41
C ASN C 352 -37.39 -7.94 25.86
N TYR C 353 -37.67 -7.09 24.87
CA TYR C 353 -38.99 -7.07 24.27
C TYR C 353 -39.31 -8.39 23.58
N ILE C 354 -38.34 -8.95 22.86
CA ILE C 354 -38.55 -10.24 22.21
C ILE C 354 -38.76 -11.34 23.24
N LYS C 355 -38.05 -11.25 24.36
CA LYS C 355 -38.18 -12.26 25.42
C LYS C 355 -39.53 -12.14 26.13
N THR C 356 -40.12 -10.94 26.14
CA THR C 356 -41.37 -10.73 26.84
C THR C 356 -42.59 -11.04 25.98
N GLU C 357 -42.62 -10.52 24.76
CA GLU C 357 -43.84 -10.53 23.95
C GLU C 357 -43.80 -11.46 22.75
N ILE C 358 -42.64 -11.97 22.36
CA ILE C 358 -42.47 -12.71 21.11
C ILE C 358 -42.22 -14.19 21.37
N LEU C 359 -41.32 -14.52 22.29
CA LEU C 359 -40.88 -15.90 22.46
C LEU C 359 -41.99 -16.86 22.89
N PRO C 360 -42.82 -16.55 23.90
CA PRO C 360 -43.80 -17.55 24.38
C PRO C 360 -44.76 -17.98 23.27
N PRO C 361 -45.40 -17.07 22.53
CA PRO C 361 -46.26 -17.55 21.43
C PRO C 361 -45.47 -18.20 20.31
N PHE C 362 -44.24 -17.75 20.07
CA PHE C 362 -43.38 -18.36 19.06
C PHE C 362 -43.18 -19.85 19.34
N PHE C 363 -42.66 -20.17 20.51
CA PHE C 363 -42.43 -21.57 20.86
C PHE C 363 -43.71 -22.31 21.19
N LYS C 364 -44.83 -21.61 21.43
CA LYS C 364 -46.09 -22.29 21.66
C LYS C 364 -46.70 -22.78 20.35
N HIS C 365 -46.74 -21.93 19.33
CA HIS C 365 -47.47 -22.22 18.10
C HIS C 365 -46.61 -22.77 16.98
N PHE C 366 -45.31 -22.44 16.94
CA PHE C 366 -44.47 -22.83 15.81
C PHE C 366 -43.69 -24.12 16.05
N TRP C 367 -43.37 -24.45 17.31
CA TRP C 367 -42.61 -25.67 17.60
C TRP C 367 -43.56 -26.82 17.90
N GLN C 368 -44.19 -27.30 16.82
CA GLN C 368 -45.07 -28.45 16.85
C GLN C 368 -44.45 -29.60 16.07
N HIS C 369 -45.00 -30.80 16.27
CA HIS C 369 -44.49 -31.96 15.56
C HIS C 369 -44.80 -31.91 14.08
N ARG C 370 -45.88 -31.23 13.69
CA ARG C 370 -46.24 -31.13 12.28
C ARG C 370 -45.32 -30.21 11.49
N MET C 371 -44.51 -29.39 12.15
CA MET C 371 -43.59 -28.51 11.46
C MET C 371 -42.26 -29.19 11.11
N ALA C 372 -41.91 -30.27 11.82
CA ALA C 372 -40.67 -30.99 11.54
C ALA C 372 -40.78 -31.91 10.34
N LEU C 373 -41.97 -32.12 9.80
CA LEU C 373 -42.16 -33.01 8.66
C LEU C 373 -41.90 -32.32 7.33
N ASP C 374 -42.40 -31.10 7.15
CA ASP C 374 -42.13 -30.34 5.94
C ASP C 374 -40.69 -29.84 5.95
N ARG C 375 -39.99 -30.03 4.83
CA ARG C 375 -38.60 -29.61 4.76
C ARG C 375 -38.48 -28.09 4.76
N ARG C 376 -39.42 -27.40 4.10
CA ARG C 376 -39.39 -25.94 4.06
C ARG C 376 -39.66 -25.35 5.44
N ASN C 377 -40.68 -25.87 6.14
CA ASN C 377 -40.92 -25.45 7.52
C ASN C 377 -39.73 -25.79 8.41
N TYR C 378 -39.07 -26.92 8.14
CA TYR C 378 -37.89 -27.31 8.89
C TYR C 378 -36.80 -26.26 8.76
N ARG C 379 -36.41 -25.94 7.52
CA ARG C 379 -35.35 -24.96 7.28
C ARG C 379 -35.73 -23.60 7.86
N GLN C 380 -36.93 -23.11 7.55
CA GLN C 380 -37.36 -21.79 8.00
C GLN C 380 -37.33 -21.70 9.52
N LEU C 381 -37.90 -22.71 10.21
CA LEU C 381 -37.96 -22.66 11.66
C LEU C 381 -36.58 -22.75 12.29
N VAL C 382 -35.73 -23.66 11.80
CA VAL C 382 -34.40 -23.81 12.37
C VAL C 382 -33.59 -22.53 12.21
N ASP C 383 -33.50 -22.03 10.98
CA ASP C 383 -32.69 -20.83 10.73
C ASP C 383 -33.23 -19.62 11.50
N THR C 384 -34.56 -19.45 11.50
CA THR C 384 -35.16 -18.36 12.26
C THR C 384 -34.82 -18.48 13.74
N THR C 385 -34.86 -19.70 14.28
CA THR C 385 -34.59 -19.89 15.70
C THR C 385 -33.13 -19.57 16.03
N VAL C 386 -32.19 -19.98 15.19
CA VAL C 386 -30.79 -19.65 15.43
C VAL C 386 -30.58 -18.15 15.36
N GLU C 387 -31.19 -17.49 14.37
CA GLU C 387 -31.09 -16.04 14.30
C GLU C 387 -31.69 -15.37 15.52
N LEU C 388 -32.71 -15.99 16.13
CA LEU C 388 -33.20 -15.52 17.42
C LEU C 388 -32.12 -15.65 18.48
N ALA C 389 -31.44 -16.80 18.52
CA ALA C 389 -30.41 -17.02 19.52
C ALA C 389 -29.26 -16.03 19.39
N ASN C 390 -28.98 -15.56 18.17
CA ASN C 390 -27.87 -14.62 17.98
C ASN C 390 -28.11 -13.28 18.67
N LYS C 391 -29.36 -12.95 19.00
CA LYS C 391 -29.70 -11.68 19.64
C LYS C 391 -30.20 -11.83 21.07
N VAL C 392 -31.11 -12.78 21.32
CA VAL C 392 -31.71 -12.92 22.65
C VAL C 392 -30.88 -13.80 23.57
N GLY C 393 -29.80 -14.40 23.08
CA GLY C 393 -28.94 -15.22 23.90
C GLY C 393 -29.06 -16.69 23.56
N ALA C 394 -28.01 -17.43 23.91
CA ALA C 394 -27.98 -18.86 23.61
C ALA C 394 -28.90 -19.64 24.54
N ALA C 395 -28.66 -19.54 25.84
CA ALA C 395 -29.41 -20.36 26.80
C ALA C 395 -30.90 -20.05 26.73
N GLU C 396 -31.26 -18.79 26.48
CA GLU C 396 -32.67 -18.41 26.46
C GLU C 396 -33.44 -19.16 25.38
N ILE C 397 -32.78 -19.53 24.29
CA ILE C 397 -33.43 -20.32 23.24
C ILE C 397 -33.24 -21.81 23.48
N ILE C 398 -32.03 -22.22 23.87
CA ILE C 398 -31.74 -23.65 24.03
C ILE C 398 -32.63 -24.27 25.09
N SER C 399 -32.86 -23.54 26.19
CA SER C 399 -33.64 -24.08 27.30
C SER C 399 -35.06 -24.45 26.87
N ARG C 400 -35.65 -23.64 25.99
CA ARG C 400 -37.04 -23.86 25.58
C ARG C 400 -37.19 -25.07 24.66
N ILE C 401 -36.10 -25.66 24.17
CA ILE C 401 -36.17 -26.79 23.26
C ILE C 401 -35.29 -27.96 23.68
N VAL C 402 -34.64 -27.88 24.85
CA VAL C 402 -33.83 -29.01 25.30
C VAL C 402 -34.71 -30.22 25.64
N ASP C 403 -35.80 -29.98 26.36
CA ASP C 403 -36.65 -31.10 26.78
C ASP C 403 -37.22 -31.87 25.61
N ASP C 404 -37.34 -31.22 24.44
CA ASP C 404 -37.84 -31.89 23.25
C ASP C 404 -36.81 -32.82 22.62
N LEU C 405 -35.57 -32.83 23.13
CA LEU C 405 -34.57 -33.79 22.68
C LEU C 405 -34.92 -35.22 23.09
N LYS C 406 -35.85 -35.40 24.03
CA LYS C 406 -36.27 -36.72 24.48
C LYS C 406 -37.63 -37.12 23.91
N ASP C 407 -37.96 -36.61 22.72
CA ASP C 407 -39.24 -36.94 22.10
C ASP C 407 -39.17 -38.30 21.42
N GLU C 408 -40.34 -38.92 21.27
CA GLU C 408 -40.41 -40.23 20.61
C GLU C 408 -40.22 -40.09 19.10
N ALA C 409 -40.74 -39.02 18.52
CA ALA C 409 -40.56 -38.77 17.08
C ALA C 409 -39.11 -38.39 16.81
N GLU C 410 -38.42 -39.19 15.98
CA GLU C 410 -37.01 -38.96 15.74
C GLU C 410 -36.76 -37.68 14.96
N GLN C 411 -37.68 -37.31 14.07
CA GLN C 411 -37.46 -36.12 13.24
C GLN C 411 -37.49 -34.86 14.08
N TYR C 412 -38.34 -34.81 15.12
CA TYR C 412 -38.33 -33.68 16.03
C TYR C 412 -37.01 -33.57 16.76
N ARG C 413 -36.46 -34.69 17.21
CA ARG C 413 -35.14 -34.69 17.81
C ARG C 413 -34.07 -34.24 16.83
N LYS C 414 -34.25 -34.55 15.55
CA LYS C 414 -33.34 -34.05 14.52
C LYS C 414 -33.42 -32.53 14.42
N MET C 415 -34.63 -31.99 14.45
CA MET C 415 -34.81 -30.54 14.34
C MET C 415 -34.20 -29.82 15.54
N VAL C 416 -34.59 -30.19 16.76
CA VAL C 416 -34.06 -29.51 17.93
C VAL C 416 -32.56 -29.73 18.06
N MET C 417 -32.08 -30.92 17.67
CA MET C 417 -30.66 -31.20 17.75
C MET C 417 -29.87 -30.30 16.79
N GLU C 418 -30.36 -30.15 15.56
CA GLU C 418 -29.69 -29.25 14.61
C GLU C 418 -29.73 -27.81 15.09
N THR C 419 -30.88 -27.38 15.62
CA THR C 419 -31.01 -26.01 16.10
C THR C 419 -30.01 -25.72 17.21
N ILE C 420 -29.98 -26.57 18.25
CA ILE C 420 -29.03 -26.37 19.34
C ILE C 420 -27.61 -26.48 18.84
N GLU C 421 -27.36 -27.33 17.83
CA GLU C 421 -26.01 -27.47 17.29
C GLU C 421 -25.54 -26.18 16.66
N LYS C 422 -26.36 -25.57 15.81
CA LYS C 422 -25.96 -24.31 15.18
C LYS C 422 -25.87 -23.19 16.20
N ILE C 423 -26.78 -23.16 17.18
CA ILE C 423 -26.77 -22.11 18.20
C ILE C 423 -25.48 -22.17 18.99
N MET C 424 -25.17 -23.33 19.56
CA MET C 424 -23.94 -23.46 20.35
C MET C 424 -22.70 -23.32 19.47
N GLY C 425 -22.80 -23.66 18.18
CA GLY C 425 -21.70 -23.42 17.28
C GLY C 425 -21.44 -21.96 17.03
N ASN C 426 -22.49 -21.13 17.11
CA ASN C 426 -22.35 -19.69 16.89
C ASN C 426 -21.93 -18.97 18.17
N LEU C 427 -22.73 -19.09 19.23
CA LEU C 427 -22.46 -18.31 20.44
C LEU C 427 -21.46 -18.99 21.35
N GLY C 428 -21.59 -20.29 21.58
CA GLY C 428 -20.70 -20.99 22.48
C GLY C 428 -21.42 -21.56 23.69
N ALA C 429 -20.64 -21.86 24.74
CA ALA C 429 -21.17 -22.50 25.94
C ALA C 429 -21.13 -21.60 27.17
N ALA C 430 -20.54 -20.40 27.06
CA ALA C 430 -20.43 -19.53 28.22
C ALA C 430 -21.79 -19.08 28.75
N ASP C 431 -22.84 -19.12 27.92
CA ASP C 431 -24.17 -18.67 28.32
C ASP C 431 -24.94 -19.72 29.11
N ILE C 432 -24.40 -20.92 29.29
CA ILE C 432 -25.14 -22.07 29.79
C ILE C 432 -24.81 -22.29 31.25
N ASP C 433 -25.85 -22.41 32.07
CA ASP C 433 -25.69 -22.70 33.49
C ASP C 433 -25.54 -24.21 33.68
N HIS C 434 -25.54 -24.66 34.93
CA HIS C 434 -25.33 -26.08 35.22
C HIS C 434 -26.54 -26.93 34.83
N LYS C 435 -27.74 -26.45 35.16
CA LYS C 435 -28.95 -27.22 34.87
C LYS C 435 -29.12 -27.45 33.38
N LEU C 436 -29.01 -26.38 32.59
CA LEU C 436 -29.11 -26.54 31.14
C LEU C 436 -27.96 -27.39 30.59
N GLU C 437 -26.82 -27.39 31.26
CA GLU C 437 -25.72 -28.25 30.86
C GLU C 437 -26.10 -29.73 31.00
N GLU C 438 -26.48 -30.14 32.21
CA GLU C 438 -26.86 -31.53 32.44
C GLU C 438 -28.06 -31.93 31.58
N GLN C 439 -28.99 -30.99 31.36
CA GLN C 439 -30.10 -31.26 30.44
C GLN C 439 -29.58 -31.49 29.03
N LEU C 440 -28.56 -30.74 28.61
CA LEU C 440 -27.98 -30.94 27.29
C LEU C 440 -27.36 -32.31 27.15
N ILE C 441 -26.51 -32.70 28.12
CA ILE C 441 -25.88 -34.01 28.04
C ILE C 441 -26.92 -35.12 28.11
N ASP C 442 -27.99 -34.92 28.88
CA ASP C 442 -29.05 -35.93 28.96
C ASP C 442 -29.75 -36.09 27.62
N GLY C 443 -30.33 -35.00 27.09
CA GLY C 443 -31.05 -35.09 25.83
C GLY C 443 -30.18 -35.48 24.66
N ILE C 444 -28.89 -35.17 24.72
CA ILE C 444 -27.97 -35.56 23.67
C ILE C 444 -27.64 -37.04 23.74
N LEU C 445 -27.42 -37.56 24.95
CA LEU C 445 -27.19 -38.99 25.11
C LEU C 445 -28.42 -39.79 24.67
N TYR C 446 -29.61 -39.39 25.15
CA TYR C 446 -30.81 -40.12 24.80
C TYR C 446 -31.12 -40.00 23.31
N ALA C 447 -30.99 -38.80 22.76
CA ALA C 447 -31.25 -38.60 21.34
C ALA C 447 -30.24 -39.32 20.46
N PHE C 448 -29.04 -39.57 20.99
CA PHE C 448 -28.02 -40.29 20.24
C PHE C 448 -28.13 -41.80 20.39
N GLN C 449 -28.73 -42.28 21.47
CA GLN C 449 -28.77 -43.73 21.73
C GLN C 449 -29.77 -44.44 20.83
N GLU C 450 -30.97 -43.89 20.67
CA GLU C 450 -32.02 -44.54 19.87
C GLU C 450 -32.08 -43.88 18.50
N GLN C 451 -31.19 -44.33 17.62
CA GLN C 451 -31.12 -43.85 16.24
C GLN C 451 -31.59 -44.95 15.30
N THR C 452 -32.59 -44.64 14.48
CA THR C 452 -33.04 -45.60 13.47
C THR C 452 -32.04 -45.69 12.31
N THR C 453 -31.39 -44.58 11.98
CA THR C 453 -30.36 -44.58 10.94
C THR C 453 -29.08 -43.97 11.49
N GLU C 454 -28.31 -43.31 10.63
CA GLU C 454 -27.05 -42.67 11.01
C GLU C 454 -27.14 -41.20 10.63
N ASP C 455 -27.91 -40.45 11.41
CA ASP C 455 -28.10 -39.03 11.14
C ASP C 455 -26.82 -38.26 11.46
N SER C 456 -26.22 -37.66 10.43
CA SER C 456 -25.04 -36.83 10.64
C SER C 456 -25.34 -35.60 11.50
N VAL C 457 -26.61 -35.22 11.59
CA VAL C 457 -26.99 -34.10 12.45
C VAL C 457 -26.74 -34.43 13.92
N MET C 458 -27.00 -35.67 14.32
CA MET C 458 -26.74 -36.07 15.69
C MET C 458 -25.23 -36.11 15.97
N LEU C 459 -24.44 -36.50 14.97
CA LEU C 459 -22.99 -36.51 15.12
C LEU C 459 -22.46 -35.10 15.30
N ASN C 460 -22.83 -34.20 14.37
CA ASN C 460 -22.39 -32.82 14.48
C ASN C 460 -22.86 -32.16 15.76
N GLY C 461 -24.07 -32.52 16.22
CA GLY C 461 -24.56 -31.98 17.48
C GLY C 461 -23.76 -32.48 18.67
N PHE C 462 -23.49 -33.78 18.70
CA PHE C 462 -22.71 -34.37 19.79
C PHE C 462 -21.32 -33.74 19.86
N GLY C 463 -20.56 -33.84 18.77
CA GLY C 463 -19.22 -33.29 18.76
C GLY C 463 -19.21 -31.79 19.00
N THR C 464 -20.20 -31.08 18.47
CA THR C 464 -20.25 -29.63 18.63
C THR C 464 -20.50 -29.23 20.07
N VAL C 465 -21.42 -29.92 20.75
CA VAL C 465 -21.71 -29.57 22.14
C VAL C 465 -20.57 -29.99 23.06
N VAL C 466 -19.96 -31.16 22.79
CA VAL C 466 -18.83 -31.60 23.61
C VAL C 466 -17.66 -30.63 23.47
N ASN C 467 -17.27 -30.33 22.22
CA ASN C 467 -16.18 -29.39 22.00
C ASN C 467 -16.52 -28.00 22.54
N ALA C 468 -17.80 -27.63 22.52
CA ALA C 468 -18.21 -26.32 23.03
C ALA C 468 -18.07 -26.26 24.55
N LEU C 469 -18.48 -27.31 25.25
CA LEU C 469 -18.32 -27.33 26.70
C LEU C 469 -16.84 -27.44 27.09
N GLY C 470 -16.02 -28.10 26.26
CA GLY C 470 -14.60 -28.19 26.55
C GLY C 470 -14.31 -28.97 27.82
N LYS C 471 -13.64 -28.34 28.77
CA LYS C 471 -13.30 -29.00 30.02
C LYS C 471 -14.50 -29.18 30.94
N ARG C 472 -15.65 -28.56 30.62
CA ARG C 472 -16.85 -28.74 31.40
C ARG C 472 -17.48 -30.12 31.20
N VAL C 473 -16.96 -30.92 30.28
CA VAL C 473 -17.51 -32.24 29.98
C VAL C 473 -16.80 -33.35 30.74
N LYS C 474 -15.77 -33.02 31.52
CA LYS C 474 -15.03 -34.04 32.26
C LYS C 474 -15.88 -34.94 33.15
N PRO C 475 -16.85 -34.44 33.91
CA PRO C 475 -17.65 -35.36 34.75
C PRO C 475 -18.43 -36.40 33.96
N TYR C 476 -18.70 -36.14 32.67
CA TYR C 476 -19.56 -37.01 31.87
C TYR C 476 -18.77 -37.95 30.97
N LEU C 477 -17.45 -37.80 30.88
CA LEU C 477 -16.67 -38.60 29.94
C LEU C 477 -16.77 -40.11 30.16
N PRO C 478 -16.83 -40.64 31.38
CA PRO C 478 -17.05 -42.10 31.50
C PRO C 478 -18.37 -42.56 30.90
N GLN C 479 -19.47 -41.85 31.20
CA GLN C 479 -20.75 -42.18 30.61
C GLN C 479 -20.72 -42.06 29.09
N ILE C 480 -20.12 -40.97 28.59
CA ILE C 480 -20.06 -40.74 27.14
C ILE C 480 -19.28 -41.85 26.45
N CYS C 481 -18.11 -42.21 27.01
CA CYS C 481 -17.29 -43.25 26.40
C CYS C 481 -17.95 -44.62 26.51
N GLY C 482 -18.73 -44.86 27.57
CA GLY C 482 -19.50 -46.10 27.63
C GLY C 482 -20.54 -46.18 26.53
N THR C 483 -21.32 -45.11 26.36
CA THR C 483 -22.30 -45.07 25.29
C THR C 483 -21.63 -45.20 23.92
N VAL C 484 -20.44 -44.62 23.77
CA VAL C 484 -19.71 -44.69 22.51
C VAL C 484 -19.20 -46.11 22.26
N LEU C 485 -18.85 -46.85 23.33
CA LEU C 485 -18.40 -48.22 23.15
C LEU C 485 -19.56 -49.12 22.77
N TRP C 486 -20.64 -49.08 23.55
CA TRP C 486 -21.85 -49.82 23.22
C TRP C 486 -22.30 -49.54 21.79
N ARG C 487 -22.36 -48.25 21.42
CA ARG C 487 -22.70 -47.89 20.05
C ARG C 487 -21.69 -48.44 19.07
N LEU C 488 -20.41 -48.48 19.47
CA LEU C 488 -19.34 -48.93 18.58
C LEU C 488 -19.43 -50.42 18.29
N ASN C 489 -20.06 -51.20 19.16
CA ASN C 489 -20.22 -52.63 18.94
C ASN C 489 -21.63 -53.00 18.53
N ASN C 490 -22.38 -52.07 17.93
CA ASN C 490 -23.77 -52.36 17.56
C ASN C 490 -23.87 -53.27 16.34
N LYS C 491 -22.84 -53.33 15.50
CA LYS C 491 -22.65 -54.14 14.31
C LYS C 491 -23.37 -53.56 13.08
N SER C 492 -24.25 -52.57 13.23
CA SER C 492 -24.67 -51.77 12.08
C SER C 492 -23.44 -51.00 11.63
N ALA C 493 -22.80 -51.48 10.57
CA ALA C 493 -21.47 -51.01 10.17
C ALA C 493 -21.38 -49.49 10.17
N LYS C 494 -22.45 -48.82 9.76
CA LYS C 494 -22.42 -47.36 9.69
C LYS C 494 -22.41 -46.71 11.07
N VAL C 495 -22.87 -47.40 12.12
CA VAL C 495 -22.81 -46.79 13.44
C VAL C 495 -21.44 -46.99 14.07
N ARG C 496 -20.72 -48.04 13.67
CA ARG C 496 -19.31 -48.16 14.04
C ARG C 496 -18.50 -47.05 13.39
N GLN C 497 -18.76 -46.80 12.11
CA GLN C 497 -18.18 -45.66 11.40
C GLN C 497 -18.51 -44.35 12.10
N GLN C 498 -19.78 -44.16 12.45
CA GLN C 498 -20.21 -42.90 13.06
C GLN C 498 -19.57 -42.71 14.43
N ALA C 499 -19.53 -43.75 15.25
CA ALA C 499 -18.90 -43.66 16.56
C ALA C 499 -17.41 -43.37 16.43
N ALA C 500 -16.72 -44.04 15.50
CA ALA C 500 -15.32 -43.73 15.24
C ALA C 500 -15.14 -42.27 14.86
N ASP C 501 -16.06 -41.74 14.03
CA ASP C 501 -16.00 -40.31 13.69
C ASP C 501 -16.15 -39.44 14.93
N LEU C 502 -17.08 -39.81 15.82
CA LEU C 502 -17.28 -39.02 17.05
C LEU C 502 -16.02 -39.01 17.90
N ILE C 503 -15.39 -40.18 18.08
CA ILE C 503 -14.13 -40.25 18.80
C ILE C 503 -13.10 -39.34 18.16
N SER C 504 -13.01 -39.39 16.82
CA SER C 504 -12.06 -38.55 16.11
C SER C 504 -12.34 -37.07 16.31
N ARG C 505 -13.60 -36.71 16.55
CA ARG C 505 -13.94 -35.30 16.73
C ARG C 505 -13.79 -34.82 18.17
N THR C 506 -13.88 -35.72 19.15
CA THR C 506 -13.81 -35.34 20.56
C THR C 506 -12.50 -35.73 21.23
N ALA C 507 -11.54 -36.30 20.49
CA ALA C 507 -10.28 -36.71 21.10
C ALA C 507 -9.56 -35.53 21.76
N VAL C 508 -9.52 -34.38 21.09
CA VAL C 508 -8.77 -33.23 21.61
C VAL C 508 -9.38 -32.75 22.93
N VAL C 509 -10.69 -32.81 23.05
CA VAL C 509 -11.33 -32.45 24.31
C VAL C 509 -11.11 -33.52 25.36
N MET C 510 -11.04 -34.79 24.94
CA MET C 510 -10.72 -35.85 25.90
C MET C 510 -9.32 -35.69 26.47
N LYS C 511 -8.39 -35.13 25.70
CA LYS C 511 -7.04 -34.91 26.21
C LYS C 511 -7.02 -33.82 27.27
N THR C 512 -7.82 -32.77 27.08
CA THR C 512 -7.87 -31.64 27.99
C THR C 512 -8.81 -31.86 29.17
N CYS C 513 -9.22 -33.11 29.43
CA CYS C 513 -10.10 -33.43 30.53
C CYS C 513 -9.50 -34.45 31.49
N GLN C 514 -8.20 -34.76 31.35
CA GLN C 514 -7.49 -35.62 32.28
C GLN C 514 -8.11 -37.02 32.37
N GLU C 515 -8.45 -37.58 31.20
CA GLU C 515 -9.03 -38.93 31.11
C GLU C 515 -8.25 -39.73 30.07
N GLU C 516 -6.92 -39.82 30.27
CA GLU C 516 -6.07 -40.48 29.30
C GLU C 516 -6.31 -41.98 29.26
N LYS C 517 -6.61 -42.58 30.42
CA LYS C 517 -6.85 -44.01 30.46
C LYS C 517 -8.12 -44.40 29.71
N LEU C 518 -9.13 -43.53 29.76
CA LEU C 518 -10.35 -43.77 28.99
C LEU C 518 -10.05 -43.80 27.49
N MET C 519 -9.28 -42.83 27.02
CA MET C 519 -8.75 -42.90 25.66
C MET C 519 -7.86 -44.12 25.46
N GLY C 520 -7.37 -44.72 26.56
CA GLY C 520 -6.66 -45.97 26.42
C GLY C 520 -7.59 -47.13 26.09
N HIS C 521 -8.68 -47.26 26.84
CA HIS C 521 -9.69 -48.25 26.52
C HIS C 521 -10.21 -48.07 25.10
N LEU C 522 -10.55 -46.83 24.74
CA LEU C 522 -10.93 -46.56 23.35
C LEU C 522 -9.82 -46.92 22.38
N GLY C 523 -8.57 -46.76 22.81
CA GLY C 523 -7.44 -47.06 21.93
C GLY C 523 -7.33 -48.55 21.61
N VAL C 524 -7.44 -49.40 22.63
CA VAL C 524 -7.35 -50.84 22.38
C VAL C 524 -8.60 -51.34 21.67
N VAL C 525 -9.78 -50.80 22.02
CA VAL C 525 -11.01 -51.22 21.36
C VAL C 525 -10.94 -50.88 19.87
N LEU C 526 -10.45 -49.68 19.53
CA LEU C 526 -10.29 -49.34 18.12
C LEU C 526 -9.17 -50.15 17.47
N TYR C 527 -8.15 -50.52 18.23
CA TYR C 527 -7.08 -51.35 17.67
C TYR C 527 -7.59 -52.74 17.31
N GLU C 528 -8.52 -53.29 18.09
CA GLU C 528 -9.09 -54.60 17.80
C GLU C 528 -10.14 -54.58 16.70
N TYR C 529 -10.09 -53.58 15.81
CA TYR C 529 -11.05 -53.46 14.72
C TYR C 529 -10.39 -53.21 13.38
N LEU C 530 -9.06 -53.31 13.29
CA LEU C 530 -8.36 -53.08 12.03
C LEU C 530 -8.57 -54.21 11.02
N GLY C 531 -9.23 -55.28 11.41
CA GLY C 531 -9.53 -56.36 10.48
C GLY C 531 -10.89 -56.15 9.84
N GLU C 532 -11.37 -54.91 9.82
CA GLU C 532 -12.67 -54.61 9.26
C GLU C 532 -12.67 -54.77 7.74
N GLU C 533 -13.76 -55.33 7.22
CA GLU C 533 -13.93 -55.53 5.79
C GLU C 533 -14.52 -54.32 5.08
N TYR C 534 -15.52 -53.67 5.67
CA TYR C 534 -16.12 -52.49 5.07
C TYR C 534 -15.10 -51.35 5.04
N PRO C 535 -14.75 -50.82 3.87
CA PRO C 535 -13.60 -49.89 3.80
C PRO C 535 -13.85 -48.57 4.49
N GLU C 536 -15.06 -48.01 4.35
CA GLU C 536 -15.34 -46.72 4.97
C GLU C 536 -15.23 -46.81 6.50
N VAL C 537 -15.82 -47.86 7.08
CA VAL C 537 -15.78 -48.02 8.53
C VAL C 537 -14.33 -48.14 9.00
N LEU C 538 -13.51 -48.92 8.28
CA LEU C 538 -12.10 -49.03 8.62
C LEU C 538 -11.40 -47.68 8.53
N GLY C 539 -11.75 -46.88 7.52
CA GLY C 539 -11.18 -45.55 7.42
C GLY C 539 -11.52 -44.67 8.61
N SER C 540 -12.77 -44.75 9.07
CA SER C 540 -13.15 -44.01 10.27
C SER C 540 -12.40 -44.52 11.50
N ILE C 541 -12.17 -45.83 11.57
CA ILE C 541 -11.41 -46.40 12.68
C ILE C 541 -9.99 -45.83 12.69
N LEU C 542 -9.32 -45.88 11.55
CA LEU C 542 -7.96 -45.33 11.45
C LEU C 542 -7.95 -43.84 11.76
N GLY C 543 -9.01 -43.12 11.36
CA GLY C 543 -9.10 -41.72 11.70
C GLY C 543 -9.19 -41.48 13.21
N ALA C 544 -9.97 -42.31 13.90
CA ALA C 544 -10.05 -42.18 15.35
C ALA C 544 -8.73 -42.53 16.02
N LEU C 545 -8.05 -43.57 15.53
CA LEU C 545 -6.73 -43.90 16.07
C LEU C 545 -5.76 -42.75 15.90
N LYS C 546 -5.70 -42.16 14.70
CA LYS C 546 -4.85 -41.01 14.46
C LYS C 546 -5.23 -39.86 15.38
N ALA C 547 -6.52 -39.67 15.63
CA ALA C 547 -6.96 -38.58 16.49
C ALA C 547 -6.54 -38.81 17.94
N ILE C 548 -6.49 -40.06 18.40
CA ILE C 548 -6.05 -40.32 19.76
C ILE C 548 -4.54 -40.22 19.88
N VAL C 549 -3.80 -40.75 18.89
CA VAL C 549 -2.34 -40.74 18.95
C VAL C 549 -1.79 -39.32 19.01
N ASN C 550 -2.45 -38.38 18.34
CA ASN C 550 -1.92 -37.02 18.27
C ASN C 550 -1.91 -36.32 19.61
N VAL C 551 -2.84 -36.66 20.50
CA VAL C 551 -3.00 -35.94 21.76
C VAL C 551 -2.40 -36.74 22.92
N ILE C 552 -2.38 -38.06 22.79
CA ILE C 552 -1.86 -38.92 23.84
C ILE C 552 -0.35 -39.07 23.66
N GLY C 553 0.35 -39.28 24.77
CA GLY C 553 1.76 -39.56 24.69
C GLY C 553 2.05 -40.90 24.04
N MET C 554 3.27 -41.05 23.53
CA MET C 554 3.64 -42.28 22.85
C MET C 554 3.79 -43.45 23.81
N HIS C 555 3.99 -43.18 25.10
CA HIS C 555 4.10 -44.23 26.09
C HIS C 555 2.75 -44.63 26.67
N LYS C 556 1.80 -43.71 26.75
CA LYS C 556 0.47 -44.01 27.29
C LYS C 556 -0.47 -44.64 26.28
N MET C 557 -0.01 -44.91 25.06
CA MET C 557 -0.82 -45.59 24.06
C MET C 557 -1.04 -47.04 24.50
N THR C 558 -2.29 -47.37 24.87
CA THR C 558 -2.57 -48.73 25.31
C THR C 558 -2.29 -49.78 24.24
N PRO C 559 -2.48 -49.54 22.95
CA PRO C 559 -1.79 -50.35 21.95
C PRO C 559 -0.41 -49.80 21.68
N PRO C 560 0.63 -50.43 22.21
CA PRO C 560 1.98 -49.87 22.04
C PRO C 560 2.37 -49.82 20.57
N ILE C 561 3.12 -48.77 20.21
CA ILE C 561 3.51 -48.57 18.83
C ILE C 561 4.32 -49.74 18.32
N LYS C 562 5.13 -50.37 19.18
CA LYS C 562 5.87 -51.57 18.81
C LYS C 562 4.94 -52.63 18.25
N ASP C 563 3.72 -52.72 18.78
CA ASP C 563 2.70 -53.62 18.26
C ASP C 563 1.78 -52.94 17.26
N LEU C 564 1.59 -51.63 17.39
CA LEU C 564 0.58 -50.94 16.58
C LEU C 564 1.05 -50.77 15.14
N LEU C 565 2.27 -50.26 14.94
CA LEU C 565 2.73 -49.97 13.58
C LEU C 565 2.78 -51.21 12.69
N PRO C 566 3.39 -52.33 13.08
CA PRO C 566 3.39 -53.50 12.19
C PRO C 566 1.99 -54.02 11.89
N ARG C 567 1.00 -53.70 12.72
CA ARG C 567 -0.39 -54.00 12.38
C ARG C 567 -0.92 -53.06 11.31
N LEU C 568 -0.37 -51.83 11.23
CA LEU C 568 -0.76 -50.88 10.21
C LEU C 568 -0.01 -51.07 8.90
N THR C 569 1.14 -51.76 8.93
CA THR C 569 1.91 -51.94 7.70
C THR C 569 1.17 -52.69 6.60
N PRO C 570 0.37 -53.74 6.86
CA PRO C 570 -0.33 -54.39 5.75
C PRO C 570 -1.53 -53.64 5.23
N ILE C 571 -2.11 -52.74 6.01
CA ILE C 571 -3.29 -51.99 5.57
C ILE C 571 -2.93 -51.00 4.46
N LEU C 572 -1.63 -50.73 4.27
CA LEU C 572 -1.21 -49.82 3.21
C LEU C 572 -1.52 -50.35 1.81
N LYS C 573 -1.78 -51.65 1.69
CA LYS C 573 -2.14 -52.26 0.42
C LYS C 573 -3.64 -52.17 0.12
N ASN C 574 -4.42 -51.50 0.98
CA ASN C 574 -5.85 -51.39 0.77
C ASN C 574 -6.13 -50.55 -0.47
N ARG C 575 -7.18 -50.92 -1.21
CA ARG C 575 -7.51 -50.25 -2.45
C ARG C 575 -8.36 -48.99 -2.23
N HIS C 576 -9.10 -48.91 -1.13
CA HIS C 576 -9.94 -47.76 -0.89
C HIS C 576 -9.09 -46.52 -0.60
N GLU C 577 -9.55 -45.36 -1.09
CA GLU C 577 -8.77 -44.14 -0.96
C GLU C 577 -8.81 -43.60 0.47
N LYS C 578 -9.95 -43.74 1.15
CA LYS C 578 -10.06 -43.26 2.52
C LYS C 578 -9.14 -44.03 3.45
N VAL C 579 -9.14 -45.37 3.32
CA VAL C 579 -8.28 -46.21 4.15
C VAL C 579 -6.81 -45.86 3.89
N GLN C 580 -6.44 -45.66 2.64
CA GLN C 580 -5.08 -45.27 2.31
C GLN C 580 -4.71 -43.95 2.96
N GLU C 581 -5.58 -42.95 2.83
CA GLU C 581 -5.26 -41.63 3.37
C GLU C 581 -5.10 -41.67 4.89
N ASN C 582 -6.09 -42.23 5.59
CA ASN C 582 -6.02 -42.24 7.05
C ASN C 582 -4.87 -43.12 7.55
N CYS C 583 -4.67 -44.27 6.91
CA CYS C 583 -3.60 -45.17 7.33
C CYS C 583 -2.23 -44.50 7.15
N ILE C 584 -1.99 -43.92 5.96
CA ILE C 584 -0.74 -43.21 5.72
C ILE C 584 -0.56 -42.10 6.74
N ASP C 585 -1.62 -41.33 7.00
CA ASP C 585 -1.51 -40.24 7.98
C ASP C 585 -1.12 -40.75 9.36
N LEU C 586 -1.70 -41.88 9.78
CA LEU C 586 -1.33 -42.45 11.08
C LEU C 586 0.12 -42.90 11.10
N VAL C 587 0.55 -43.59 10.04
CA VAL C 587 1.95 -43.99 9.92
C VAL C 587 2.87 -42.79 10.01
N GLY C 588 2.45 -41.65 9.46
CA GLY C 588 3.28 -40.46 9.50
C GLY C 588 3.30 -39.81 10.87
N ARG C 589 2.17 -39.83 11.57
CA ARG C 589 2.16 -39.33 12.95
C ARG C 589 3.09 -40.16 13.83
N ILE C 590 3.04 -41.48 13.68
CA ILE C 590 3.98 -42.35 14.39
C ILE C 590 5.41 -42.06 13.95
N ALA C 591 5.60 -41.73 12.68
CA ALA C 591 6.95 -41.50 12.17
C ALA C 591 7.56 -40.23 12.75
N ASP C 592 6.82 -39.12 12.69
CA ASP C 592 7.32 -37.86 13.20
C ASP C 592 7.44 -37.87 14.72
N ARG C 593 6.41 -38.35 15.41
CA ARG C 593 6.41 -38.28 16.86
C ARG C 593 6.96 -39.55 17.50
N GLY C 594 6.42 -40.72 17.15
CA GLY C 594 6.93 -41.97 17.72
C GLY C 594 8.37 -42.24 17.35
N ALA C 595 8.85 -41.70 16.23
CA ALA C 595 10.25 -41.80 15.82
C ALA C 595 10.76 -43.22 15.84
N GLU C 596 11.07 -43.73 17.03
CA GLU C 596 11.63 -45.07 17.19
C GLU C 596 10.54 -46.12 17.41
N TYR C 597 10.86 -47.18 18.15
CA TYR C 597 10.06 -48.37 18.42
C TYR C 597 9.85 -49.30 17.22
N VAL C 598 10.45 -49.04 16.06
CA VAL C 598 10.33 -49.99 14.96
C VAL C 598 11.68 -50.18 14.31
N SER C 599 11.90 -51.39 13.77
CA SER C 599 13.16 -51.73 13.14
C SER C 599 13.44 -50.80 11.97
N ALA C 600 14.72 -50.44 11.80
CA ALA C 600 15.12 -49.67 10.63
C ALA C 600 14.75 -50.41 9.35
N ARG C 601 14.89 -51.74 9.36
CA ARG C 601 14.42 -52.54 8.24
C ARG C 601 12.90 -52.47 8.11
N GLU C 602 12.18 -52.35 9.23
CA GLU C 602 10.73 -52.25 9.17
C GLU C 602 10.31 -50.90 8.60
N TRP C 603 10.89 -49.81 9.10
CA TRP C 603 10.67 -48.50 8.49
C TRP C 603 10.94 -48.55 7.00
N MET C 604 12.10 -49.12 6.62
CA MET C 604 12.46 -49.28 5.22
C MET C 604 11.35 -49.96 4.42
N ARG C 605 10.91 -51.13 4.90
CA ARG C 605 9.83 -51.87 4.24
C ARG C 605 8.61 -50.97 4.04
N ILE C 606 8.23 -50.21 5.06
CA ILE C 606 7.13 -49.26 4.93
C ILE C 606 7.42 -48.26 3.82
N CYS C 607 8.63 -47.68 3.84
CA CYS C 607 9.03 -46.67 2.86
C CYS C 607 8.78 -47.18 1.44
N PHE C 608 9.25 -48.39 1.15
CA PHE C 608 9.09 -48.88 -0.21
C PHE C 608 7.70 -49.44 -0.49
N GLU C 609 6.89 -49.66 0.54
CA GLU C 609 5.47 -49.86 0.30
C GLU C 609 4.81 -48.56 -0.15
N LEU C 610 5.26 -47.42 0.41
CA LEU C 610 4.61 -46.14 0.16
C LEU C 610 5.03 -45.49 -1.15
N LEU C 611 6.11 -45.97 -1.78
CA LEU C 611 6.71 -45.24 -2.89
C LEU C 611 5.76 -45.14 -4.08
N GLU C 612 5.06 -46.24 -4.41
CA GLU C 612 4.12 -46.20 -5.53
C GLU C 612 2.97 -45.24 -5.27
N LEU C 613 2.59 -45.05 -4.01
CA LEU C 613 1.48 -44.17 -3.68
C LEU C 613 1.78 -42.69 -3.94
N LEU C 614 3.01 -42.35 -4.33
CA LEU C 614 3.28 -41.02 -4.85
C LEU C 614 2.57 -40.77 -6.18
N LYS C 615 2.26 -41.84 -6.92
CA LYS C 615 1.55 -41.75 -8.18
C LYS C 615 0.04 -41.89 -8.03
N ALA C 616 -0.47 -41.77 -6.80
CA ALA C 616 -1.89 -41.99 -6.56
C ALA C 616 -2.74 -41.00 -7.34
N HIS C 617 -3.97 -41.40 -7.64
CA HIS C 617 -4.85 -40.56 -8.44
C HIS C 617 -5.38 -39.39 -7.64
N LYS C 618 -5.67 -39.59 -6.36
CA LYS C 618 -6.20 -38.55 -5.50
C LYS C 618 -5.06 -37.72 -4.91
N LYS C 619 -5.27 -36.40 -4.86
CA LYS C 619 -4.19 -35.50 -4.43
C LYS C 619 -3.92 -35.61 -2.93
N ALA C 620 -4.97 -35.82 -2.14
CA ALA C 620 -4.78 -35.94 -0.69
C ALA C 620 -3.86 -37.10 -0.35
N ILE C 621 -4.02 -38.24 -1.04
CA ILE C 621 -3.15 -39.38 -0.78
C ILE C 621 -1.71 -39.05 -1.17
N ARG C 622 -1.53 -38.30 -2.25
CA ARG C 622 -0.18 -37.88 -2.62
C ARG C 622 0.45 -37.01 -1.53
N ARG C 623 -0.31 -36.05 -1.01
CA ARG C 623 0.20 -35.19 0.05
C ARG C 623 0.58 -36.00 1.29
N ALA C 624 -0.32 -36.89 1.73
CA ALA C 624 -0.03 -37.72 2.90
C ALA C 624 1.22 -38.56 2.67
N THR C 625 1.30 -39.22 1.51
CA THR C 625 2.45 -40.07 1.21
C THR C 625 3.75 -39.27 1.23
N VAL C 626 3.74 -38.08 0.64
CA VAL C 626 4.92 -37.22 0.65
C VAL C 626 5.31 -36.89 2.09
N ASN C 627 4.35 -36.49 2.91
CA ASN C 627 4.66 -36.02 4.26
C ASN C 627 5.21 -37.16 5.11
N THR C 628 4.53 -38.31 5.12
CA THR C 628 5.01 -39.44 5.91
C THR C 628 6.36 -39.94 5.40
N PHE C 629 6.54 -39.95 4.08
CA PHE C 629 7.84 -40.32 3.53
C PHE C 629 8.93 -39.37 4.04
N GLY C 630 8.59 -38.09 4.18
CA GLY C 630 9.53 -37.16 4.78
C GLY C 630 9.83 -37.48 6.23
N TYR C 631 8.80 -37.85 7.00
CA TYR C 631 9.01 -38.16 8.41
C TYR C 631 9.89 -39.40 8.58
N ILE C 632 9.58 -40.47 7.85
CA ILE C 632 10.36 -41.70 7.97
C ILE C 632 11.75 -41.52 7.41
N ALA C 633 11.91 -40.65 6.40
CA ALA C 633 13.23 -40.33 5.90
C ALA C 633 14.04 -39.53 6.92
N LYS C 634 13.37 -38.72 7.74
CA LYS C 634 14.07 -38.01 8.80
C LYS C 634 14.48 -38.96 9.91
N ALA C 635 13.61 -39.92 10.26
CA ALA C 635 13.92 -40.83 11.36
C ALA C 635 15.01 -41.83 10.97
N ILE C 636 14.94 -42.38 9.76
CA ILE C 636 15.90 -43.40 9.35
C ILE C 636 17.27 -42.81 9.04
N GLY C 637 17.29 -41.72 8.30
CA GLY C 637 18.54 -41.20 7.78
C GLY C 637 18.65 -41.50 6.30
N PRO C 638 19.37 -40.66 5.58
CA PRO C 638 19.35 -40.72 4.12
C PRO C 638 20.19 -41.83 3.51
N HIS C 639 21.23 -42.29 4.22
CA HIS C 639 22.27 -43.10 3.59
C HIS C 639 21.72 -44.44 3.10
N ASP C 640 21.02 -45.18 3.97
CA ASP C 640 20.59 -46.52 3.59
C ASP C 640 19.48 -46.47 2.54
N VAL C 641 18.51 -45.57 2.70
CA VAL C 641 17.37 -45.53 1.78
C VAL C 641 17.81 -45.00 0.42
N LEU C 642 18.73 -44.04 0.41
CA LEU C 642 19.15 -43.41 -0.84
C LEU C 642 19.82 -44.41 -1.76
N ALA C 643 20.58 -45.37 -1.20
CA ALA C 643 21.22 -46.37 -2.05
C ALA C 643 20.18 -47.22 -2.76
N THR C 644 19.12 -47.62 -2.06
CA THR C 644 18.09 -48.44 -2.68
C THR C 644 17.28 -47.64 -3.70
N LEU C 645 17.08 -46.34 -3.47
CA LEU C 645 16.43 -45.52 -4.47
C LEU C 645 17.29 -45.35 -5.71
N LEU C 646 18.59 -45.11 -5.53
CA LEU C 646 19.52 -45.04 -6.65
C LEU C 646 19.56 -46.35 -7.42
N ASN C 647 19.40 -47.48 -6.73
CA ASN C 647 19.31 -48.75 -7.43
C ASN C 647 17.98 -48.87 -8.18
N ASN C 648 16.90 -48.32 -7.62
CA ASN C 648 15.61 -48.35 -8.27
C ASN C 648 15.49 -47.37 -9.44
N LEU C 649 16.43 -46.42 -9.57
CA LEU C 649 16.40 -45.52 -10.72
C LEU C 649 16.80 -46.23 -12.00
N LYS C 650 17.67 -47.24 -11.90
CA LYS C 650 18.16 -47.99 -13.05
C LYS C 650 17.22 -49.11 -13.47
N VAL C 651 16.73 -49.91 -12.52
CA VAL C 651 15.77 -50.96 -12.81
C VAL C 651 14.37 -50.35 -12.89
N GLN C 652 13.55 -50.87 -13.80
CA GLN C 652 12.20 -50.34 -14.05
C GLN C 652 12.27 -48.85 -14.40
N GLU C 653 12.99 -48.57 -15.48
CA GLU C 653 13.29 -47.20 -15.87
C GLU C 653 12.21 -46.65 -16.78
N ARG C 654 12.04 -45.32 -16.73
CA ARG C 654 11.10 -44.55 -17.55
C ARG C 654 9.63 -44.81 -17.19
N GLN C 655 9.30 -46.04 -16.83
CA GLN C 655 7.90 -46.37 -16.56
C GLN C 655 7.51 -46.09 -15.11
N ASN C 656 8.41 -46.34 -14.16
CA ASN C 656 8.07 -46.18 -12.74
C ASN C 656 9.21 -45.50 -11.98
N ARG C 657 10.02 -44.70 -12.66
CA ARG C 657 11.12 -43.98 -12.01
C ARG C 657 10.70 -42.64 -11.46
N VAL C 658 9.59 -42.08 -11.92
CA VAL C 658 9.19 -40.74 -11.50
C VAL C 658 8.92 -40.70 -10.00
N CYS C 659 8.31 -41.76 -9.47
CA CYS C 659 8.06 -41.82 -8.03
C CYS C 659 9.36 -41.90 -7.24
N THR C 660 10.35 -42.62 -7.77
CA THR C 660 11.66 -42.67 -7.13
C THR C 660 12.36 -41.31 -7.20
N THR C 661 12.15 -40.55 -8.28
CA THR C 661 12.69 -39.20 -8.36
C THR C 661 12.08 -38.31 -7.29
N VAL C 662 10.75 -38.37 -7.14
CA VAL C 662 10.08 -37.62 -6.09
C VAL C 662 10.62 -38.04 -4.72
N ALA C 663 10.88 -39.34 -4.53
CA ALA C 663 11.43 -39.79 -3.26
C ALA C 663 12.82 -39.22 -3.02
N ILE C 664 13.66 -39.18 -4.06
CA ILE C 664 15.01 -38.63 -3.92
C ILE C 664 14.94 -37.16 -3.55
N ALA C 665 14.02 -36.42 -4.16
CA ALA C 665 13.86 -35.01 -3.80
C ALA C 665 13.37 -34.87 -2.36
N ILE C 666 12.46 -35.76 -1.93
CA ILE C 666 11.94 -35.70 -0.56
C ILE C 666 13.06 -35.91 0.44
N VAL C 667 13.86 -36.96 0.25
CA VAL C 667 14.98 -37.21 1.16
C VAL C 667 15.98 -36.05 1.10
N ALA C 668 16.18 -35.49 -0.09
CA ALA C 668 17.04 -34.31 -0.23
C ALA C 668 16.47 -33.08 0.47
N GLU C 669 15.18 -33.10 0.80
CA GLU C 669 14.58 -31.97 1.50
C GLU C 669 14.58 -32.16 3.01
N THR C 670 14.03 -33.28 3.50
CA THR C 670 13.94 -33.50 4.94
C THR C 670 15.33 -33.62 5.55
N CYS C 671 16.24 -34.32 4.89
CA CYS C 671 17.65 -34.30 5.22
C CYS C 671 18.37 -33.42 4.22
N SER C 672 19.42 -32.74 4.68
CA SER C 672 20.11 -31.77 3.83
C SER C 672 20.58 -32.45 2.55
N PRO C 673 20.47 -31.77 1.39
CA PRO C 673 20.98 -32.37 0.15
C PRO C 673 22.49 -32.57 0.15
N PHE C 674 23.19 -32.08 1.17
CA PHE C 674 24.58 -32.46 1.38
C PHE C 674 24.74 -33.97 1.46
N THR C 675 23.71 -34.68 1.90
CA THR C 675 23.81 -36.11 2.10
C THR C 675 23.65 -36.89 0.79
N VAL C 676 22.69 -36.51 -0.05
CA VAL C 676 22.34 -37.32 -1.21
C VAL C 676 22.89 -36.78 -2.53
N LEU C 677 23.27 -35.50 -2.59
CA LEU C 677 23.84 -34.97 -3.83
C LEU C 677 25.14 -35.65 -4.25
N PRO C 678 26.12 -35.92 -3.36
CA PRO C 678 27.36 -36.57 -3.83
C PRO C 678 27.12 -37.94 -4.45
N ALA C 679 26.26 -38.77 -3.85
CA ALA C 679 25.91 -40.04 -4.48
C ALA C 679 25.35 -39.80 -5.88
N LEU C 680 24.33 -38.94 -5.97
CA LEU C 680 23.76 -38.57 -7.27
C LEU C 680 24.85 -38.20 -8.27
N MET C 681 25.92 -37.56 -7.79
CA MET C 681 27.08 -37.33 -8.65
C MET C 681 27.70 -38.65 -9.08
N ASN C 682 27.86 -39.58 -8.13
CA ASN C 682 28.50 -40.85 -8.46
C ASN C 682 27.75 -41.62 -9.53
N GLU C 683 26.41 -41.57 -9.51
CA GLU C 683 25.65 -42.22 -10.58
C GLU C 683 25.89 -41.60 -11.94
N TYR C 684 26.28 -40.33 -11.99
CA TYR C 684 26.47 -39.69 -13.31
C TYR C 684 27.69 -40.23 -14.06
N ARG C 685 28.67 -40.78 -13.33
CA ARG C 685 29.93 -41.13 -13.98
C ARG C 685 29.79 -42.32 -14.93
N VAL C 686 28.96 -43.31 -14.57
CA VAL C 686 28.90 -44.58 -15.29
C VAL C 686 28.60 -44.34 -16.77
N PRO C 687 29.09 -45.19 -17.67
CA PRO C 687 29.06 -44.83 -19.10
C PRO C 687 27.68 -44.93 -19.74
N GLU C 688 26.77 -45.72 -19.18
CA GLU C 688 25.46 -45.90 -19.81
C GLU C 688 24.72 -44.58 -19.86
N LEU C 689 24.12 -44.27 -21.01
CA LEU C 689 23.64 -42.92 -21.27
C LEU C 689 22.26 -42.66 -20.67
N ASN C 690 21.38 -43.66 -20.66
CA ASN C 690 20.03 -43.42 -20.18
C ASN C 690 20.01 -43.09 -18.69
N VAL C 691 20.93 -43.65 -17.91
CA VAL C 691 21.01 -43.28 -16.50
C VAL C 691 21.52 -41.85 -16.33
N GLN C 692 22.29 -41.36 -17.31
CA GLN C 692 22.68 -39.95 -17.31
C GLN C 692 21.45 -39.06 -17.36
N ASN C 693 20.51 -39.38 -18.27
CA ASN C 693 19.23 -38.70 -18.29
C ASN C 693 18.48 -38.90 -16.97
N GLY C 694 18.62 -40.08 -16.36
CA GLY C 694 17.97 -40.31 -15.08
C GLY C 694 18.42 -39.32 -14.01
N VAL C 695 19.73 -39.18 -13.85
CA VAL C 695 20.24 -38.29 -12.81
C VAL C 695 20.04 -36.83 -13.20
N LEU C 696 19.99 -36.53 -14.50
CA LEU C 696 19.71 -35.15 -14.92
C LEU C 696 18.27 -34.76 -14.57
N LYS C 697 17.31 -35.58 -14.97
CA LYS C 697 15.91 -35.35 -14.59
C LYS C 697 15.77 -35.24 -13.09
N SER C 698 16.36 -36.20 -12.36
CA SER C 698 16.28 -36.19 -10.90
C SER C 698 16.88 -34.91 -10.32
N LEU C 699 17.92 -34.36 -10.97
CA LEU C 699 18.49 -33.11 -10.49
C LEU C 699 17.53 -31.95 -10.75
N SER C 700 16.90 -31.91 -11.92
CA SER C 700 15.93 -30.85 -12.21
C SER C 700 14.81 -30.83 -11.17
N PHE C 701 14.17 -31.98 -10.96
CA PHE C 701 13.11 -32.03 -9.96
C PHE C 701 13.64 -31.76 -8.56
N LEU C 702 14.88 -32.16 -8.29
CA LEU C 702 15.46 -31.91 -6.97
C LEU C 702 15.57 -30.43 -6.68
N PHE C 703 16.17 -29.68 -7.61
CA PHE C 703 16.35 -28.25 -7.38
C PHE C 703 15.02 -27.51 -7.42
N GLU C 704 14.12 -27.90 -8.32
CA GLU C 704 12.80 -27.27 -8.35
C GLU C 704 12.05 -27.52 -7.04
N TYR C 705 12.25 -28.68 -6.43
CA TYR C 705 11.54 -29.01 -5.20
C TYR C 705 12.14 -28.30 -4.00
N ILE C 706 13.47 -28.32 -3.86
CA ILE C 706 14.10 -27.73 -2.69
C ILE C 706 14.06 -26.21 -2.77
N GLY C 707 14.02 -25.65 -3.97
CA GLY C 707 13.90 -24.21 -4.13
C GLY C 707 15.07 -23.42 -3.57
N GLU C 708 14.88 -22.85 -2.37
CA GLU C 708 15.88 -21.98 -1.78
C GLU C 708 17.04 -22.75 -1.15
N MET C 709 16.85 -24.02 -0.80
CA MET C 709 17.93 -24.79 -0.18
C MET C 709 19.11 -24.98 -1.13
N GLY C 710 18.88 -24.86 -2.44
CA GLY C 710 19.92 -24.99 -3.43
C GLY C 710 20.90 -23.83 -3.53
N LYS C 711 20.73 -22.80 -2.68
CA LYS C 711 21.65 -21.67 -2.72
C LYS C 711 23.06 -22.05 -2.27
N ASP C 712 23.19 -23.13 -1.50
CA ASP C 712 24.49 -23.59 -1.00
C ASP C 712 24.95 -24.87 -1.69
N TYR C 713 24.30 -25.26 -2.80
CA TYR C 713 24.62 -26.51 -3.47
C TYR C 713 24.75 -26.34 -4.98
N ILE C 714 25.03 -25.14 -5.45
CA ILE C 714 25.14 -24.90 -6.89
C ILE C 714 26.56 -25.17 -7.38
N TYR C 715 27.57 -24.72 -6.63
CA TYR C 715 28.96 -24.97 -7.02
C TYR C 715 29.27 -26.46 -7.08
N ALA C 716 28.57 -27.27 -6.29
CA ALA C 716 28.79 -28.71 -6.34
C ALA C 716 28.31 -29.32 -7.64
N VAL C 717 27.17 -28.86 -8.15
CA VAL C 717 26.60 -29.40 -9.38
C VAL C 717 27.06 -28.64 -10.62
N THR C 718 27.87 -27.59 -10.46
CA THR C 718 28.36 -26.85 -11.61
C THR C 718 29.10 -27.72 -12.64
N PRO C 719 30.08 -28.56 -12.26
CA PRO C 719 30.80 -29.31 -13.31
C PRO C 719 29.93 -30.33 -14.03
N LEU C 720 29.03 -31.00 -13.29
CA LEU C 720 28.11 -31.94 -13.92
C LEU C 720 27.29 -31.26 -15.00
N LEU C 721 26.79 -30.05 -14.71
CA LEU C 721 26.07 -29.30 -15.72
C LEU C 721 26.99 -28.68 -16.75
N GLU C 722 28.30 -28.65 -16.49
CA GLU C 722 29.24 -28.17 -17.49
C GLU C 722 29.46 -29.23 -18.57
N ASP C 723 29.89 -30.42 -18.17
CA ASP C 723 30.11 -31.48 -19.16
C ASP C 723 28.78 -31.98 -19.74
N ALA C 724 27.76 -32.13 -18.88
CA ALA C 724 26.43 -32.50 -19.36
C ALA C 724 25.86 -31.44 -20.29
N LEU C 725 25.99 -30.17 -19.90
CA LEU C 725 25.40 -29.10 -20.69
C LEU C 725 26.14 -28.91 -22.01
N MET C 726 27.46 -29.02 -22.00
CA MET C 726 28.19 -29.07 -23.25
C MET C 726 27.80 -30.33 -24.01
N ASP C 727 27.62 -30.20 -25.33
CA ASP C 727 26.89 -31.19 -26.10
C ASP C 727 27.49 -32.59 -25.99
N ARG C 728 26.78 -33.47 -25.29
CA ARG C 728 26.97 -34.92 -25.34
C ARG C 728 25.81 -35.59 -26.06
N ASP C 729 24.60 -35.32 -25.59
CA ASP C 729 23.36 -35.82 -26.15
C ASP C 729 22.39 -34.65 -26.19
N LEU C 730 21.48 -34.67 -27.16
CA LEU C 730 20.52 -33.57 -27.29
C LEU C 730 19.65 -33.47 -26.03
N VAL C 731 19.18 -34.61 -25.53
CA VAL C 731 18.39 -34.63 -24.31
C VAL C 731 19.21 -34.15 -23.13
N HIS C 732 20.51 -34.51 -23.10
CA HIS C 732 21.40 -34.02 -22.06
C HIS C 732 21.31 -32.50 -21.92
N ARG C 733 21.48 -31.79 -23.03
CA ARG C 733 21.39 -30.34 -22.99
C ARG C 733 19.98 -29.88 -22.67
N GLN C 734 18.96 -30.62 -23.11
CA GLN C 734 17.58 -30.27 -22.79
C GLN C 734 17.35 -30.25 -21.28
N THR C 735 17.36 -31.44 -20.66
CA THR C 735 17.10 -31.54 -19.23
C THR C 735 18.13 -30.80 -18.40
N ALA C 736 19.35 -30.62 -18.91
CA ALA C 736 20.34 -29.83 -18.19
C ALA C 736 19.95 -28.35 -18.17
N SER C 737 19.47 -27.83 -19.31
CA SER C 737 18.91 -26.48 -19.31
C SER C 737 17.71 -26.39 -18.37
N ALA C 738 16.91 -27.46 -18.29
CA ALA C 738 15.83 -27.48 -17.31
C ALA C 738 16.37 -27.36 -15.89
N VAL C 739 17.47 -28.06 -15.60
CA VAL C 739 18.10 -27.95 -14.29
C VAL C 739 18.52 -26.50 -14.03
N VAL C 740 19.14 -25.86 -15.03
CA VAL C 740 19.54 -24.46 -14.88
C VAL C 740 18.33 -23.59 -14.58
N GLN C 741 17.20 -23.86 -15.23
CA GLN C 741 16.00 -23.07 -14.99
C GLN C 741 15.50 -23.23 -13.57
N HIS C 742 15.40 -24.49 -13.10
CA HIS C 742 14.86 -24.73 -11.76
C HIS C 742 15.79 -24.19 -10.68
N MET C 743 17.10 -24.35 -10.85
CA MET C 743 18.05 -23.74 -9.92
C MET C 743 17.89 -22.22 -9.91
N SER C 744 17.81 -21.62 -11.09
CA SER C 744 17.72 -20.17 -11.17
C SER C 744 16.46 -19.65 -10.48
N LEU C 745 15.33 -20.31 -10.70
CA LEU C 745 14.09 -19.87 -10.07
C LEU C 745 14.08 -20.15 -8.57
N GLY C 746 14.72 -21.24 -8.13
CA GLY C 746 14.71 -21.57 -6.72
C GLY C 746 15.63 -20.71 -5.89
N VAL C 747 16.77 -20.30 -6.46
CA VAL C 747 17.74 -19.50 -5.73
C VAL C 747 17.56 -18.00 -5.98
N TYR C 748 16.55 -17.62 -6.75
CA TYR C 748 16.31 -16.22 -7.11
C TYR C 748 16.23 -15.34 -5.86
N GLY C 749 17.12 -14.35 -5.80
CA GLY C 749 17.13 -13.41 -4.70
C GLY C 749 17.98 -13.80 -3.51
N PHE C 750 18.98 -14.67 -3.69
CA PHE C 750 19.79 -15.15 -2.58
C PHE C 750 21.29 -15.02 -2.88
N GLY C 751 21.65 -14.07 -3.75
CA GLY C 751 23.05 -13.78 -4.01
C GLY C 751 23.84 -14.92 -4.60
N CYS C 752 23.45 -15.40 -5.78
CA CYS C 752 24.17 -16.42 -6.51
C CYS C 752 24.39 -16.00 -7.95
N GLU C 753 24.71 -14.72 -8.16
CA GLU C 753 24.86 -14.20 -9.51
C GLU C 753 26.15 -14.68 -10.17
N ASP C 754 27.17 -14.99 -9.38
CA ASP C 754 28.44 -15.43 -9.96
C ASP C 754 28.31 -16.83 -10.56
N SER C 755 27.74 -17.77 -9.82
CA SER C 755 27.63 -19.14 -10.32
C SER C 755 26.65 -19.24 -11.48
N LEU C 756 25.42 -18.73 -11.29
CA LEU C 756 24.45 -18.75 -12.38
C LEU C 756 24.96 -17.97 -13.59
N ASN C 757 25.56 -16.81 -13.35
CA ASN C 757 26.18 -16.06 -14.44
C ASN C 757 27.26 -16.87 -15.14
N HIS C 758 27.91 -17.78 -14.41
CA HIS C 758 28.91 -18.64 -15.02
C HIS C 758 28.25 -19.72 -15.88
N LEU C 759 27.18 -20.34 -15.39
CA LEU C 759 26.49 -21.34 -16.18
C LEU C 759 25.85 -20.73 -17.43
N LEU C 760 25.54 -19.43 -17.39
CA LEU C 760 24.99 -18.76 -18.56
C LEU C 760 25.93 -18.88 -19.76
N ASN C 761 27.25 -18.79 -19.51
CA ASN C 761 28.22 -18.90 -20.58
C ASN C 761 28.23 -20.27 -21.23
N TYR C 762 27.63 -21.27 -20.60
CA TYR C 762 27.52 -22.60 -21.18
C TYR C 762 26.13 -22.89 -21.72
N VAL C 763 25.09 -22.27 -21.17
CA VAL C 763 23.75 -22.41 -21.75
C VAL C 763 23.66 -21.64 -23.06
N TRP C 764 24.37 -20.50 -23.17
CA TRP C 764 24.25 -19.66 -24.34
C TRP C 764 24.71 -20.31 -25.64
N PRO C 765 25.76 -21.14 -25.67
CA PRO C 765 26.10 -21.81 -26.94
C PRO C 765 24.95 -22.62 -27.54
N ASN C 766 24.03 -23.11 -26.71
CA ASN C 766 22.92 -23.92 -27.17
C ASN C 766 21.73 -23.09 -27.61
N VAL C 767 21.90 -21.76 -27.72
CA VAL C 767 20.81 -20.89 -28.13
C VAL C 767 20.34 -21.24 -29.54
N PHE C 768 21.26 -21.65 -30.41
CA PHE C 768 20.93 -22.04 -31.78
C PHE C 768 20.66 -23.55 -31.80
N GLU C 769 19.38 -23.92 -31.83
CA GLU C 769 18.98 -25.32 -31.92
C GLU C 769 17.59 -25.38 -32.51
N THR C 770 17.28 -26.51 -33.17
CA THR C 770 16.05 -26.64 -33.92
C THR C 770 15.01 -27.54 -33.25
N SER C 771 15.42 -28.51 -32.45
CA SER C 771 14.46 -29.39 -31.80
C SER C 771 13.61 -28.57 -30.83
N PRO C 772 12.29 -28.64 -30.91
CA PRO C 772 11.45 -27.73 -30.12
C PRO C 772 11.59 -27.90 -28.61
N HIS C 773 11.73 -29.13 -28.14
CA HIS C 773 11.77 -29.36 -26.69
C HIS C 773 13.04 -28.77 -26.07
N VAL C 774 14.19 -29.01 -26.70
CA VAL C 774 15.44 -28.52 -26.12
C VAL C 774 15.54 -27.00 -26.26
N ILE C 775 15.00 -26.43 -27.35
CA ILE C 775 15.08 -24.98 -27.50
C ILE C 775 14.13 -24.27 -26.55
N GLN C 776 12.96 -24.88 -26.28
CA GLN C 776 12.07 -24.28 -25.30
C GLN C 776 12.62 -24.45 -23.88
N ALA C 777 13.34 -25.53 -23.63
CA ALA C 777 14.03 -25.67 -22.35
C ALA C 777 15.12 -24.61 -22.19
N VAL C 778 15.84 -24.32 -23.28
CA VAL C 778 16.88 -23.29 -23.23
C VAL C 778 16.24 -21.91 -23.01
N MET C 779 15.13 -21.63 -23.68
CA MET C 779 14.44 -20.36 -23.47
C MET C 779 13.96 -20.23 -22.03
N GLY C 780 13.38 -21.30 -21.48
CA GLY C 780 12.98 -21.26 -20.08
C GLY C 780 14.15 -21.03 -19.14
N ALA C 781 15.29 -21.65 -19.42
CA ALA C 781 16.48 -21.39 -18.64
C ALA C 781 16.92 -19.94 -18.74
N LEU C 782 16.77 -19.35 -19.93
CA LEU C 782 17.15 -17.94 -20.10
C LEU C 782 16.20 -17.01 -19.36
N GLU C 783 14.92 -17.40 -19.22
CA GLU C 783 13.99 -16.58 -18.44
C GLU C 783 14.27 -16.70 -16.95
N GLY C 784 14.51 -17.93 -16.47
CA GLY C 784 14.90 -18.10 -15.08
C GLY C 784 16.16 -17.33 -14.74
N LEU C 785 17.18 -17.46 -15.58
CA LEU C 785 18.39 -16.67 -15.41
C LEU C 785 18.14 -15.18 -15.58
N ARG C 786 17.06 -14.81 -16.28
CA ARG C 786 16.68 -13.40 -16.35
C ARG C 786 16.17 -12.90 -15.01
N VAL C 787 15.33 -13.69 -14.33
CA VAL C 787 14.79 -13.21 -13.07
C VAL C 787 15.83 -13.32 -11.95
N ALA C 788 16.74 -14.30 -12.01
CA ALA C 788 17.71 -14.48 -10.93
C ALA C 788 18.99 -13.68 -11.12
N ILE C 789 19.37 -13.43 -12.37
CA ILE C 789 20.58 -12.65 -12.64
C ILE C 789 20.25 -11.17 -12.85
N GLY C 790 19.11 -10.89 -13.47
CA GLY C 790 18.73 -9.53 -13.78
C GLY C 790 18.64 -9.32 -15.27
N PRO C 791 17.70 -8.47 -15.71
CA PRO C 791 17.56 -8.21 -17.15
C PRO C 791 18.76 -7.50 -17.76
N CYS C 792 19.62 -6.89 -16.94
CA CYS C 792 20.78 -6.18 -17.47
C CYS C 792 21.73 -7.13 -18.18
N ARG C 793 22.17 -8.18 -17.49
CA ARG C 793 23.10 -9.13 -18.09
C ARG C 793 22.48 -9.81 -19.31
N MET C 794 21.20 -10.16 -19.22
CA MET C 794 20.53 -10.82 -20.34
C MET C 794 20.47 -9.91 -21.57
N LEU C 795 20.17 -8.62 -21.36
CA LEU C 795 20.22 -7.68 -22.47
C LEU C 795 21.63 -7.54 -23.02
N GLN C 796 22.63 -7.56 -22.14
CA GLN C 796 24.02 -7.50 -22.58
C GLN C 796 24.36 -8.65 -23.51
N TYR C 797 24.01 -9.88 -23.11
CA TYR C 797 24.24 -11.04 -23.98
C TYR C 797 23.38 -10.97 -25.23
N CYS C 798 22.24 -10.28 -25.16
CA CYS C 798 21.27 -10.27 -26.25
C CYS C 798 21.48 -9.13 -27.24
N LEU C 799 22.37 -8.18 -26.94
CA LEU C 799 22.53 -7.00 -27.78
C LEU C 799 23.31 -7.28 -29.05
N GLN C 800 24.21 -8.27 -29.03
CA GLN C 800 25.12 -8.49 -30.16
C GLN C 800 24.36 -8.88 -31.42
N GLY C 801 23.52 -9.91 -31.32
CA GLY C 801 22.81 -10.42 -32.47
C GLY C 801 21.49 -9.76 -32.80
N LEU C 802 21.15 -8.65 -32.14
CA LEU C 802 19.91 -7.95 -32.49
C LEU C 802 20.02 -7.28 -33.84
N PHE C 803 21.18 -6.74 -34.18
CA PHE C 803 21.45 -6.14 -35.48
C PHE C 803 22.55 -6.88 -36.23
N HIS C 804 22.66 -8.18 -35.99
CA HIS C 804 23.63 -9.00 -36.71
C HIS C 804 23.25 -9.04 -38.19
N PRO C 805 24.25 -9.11 -39.09
CA PRO C 805 23.92 -9.16 -40.52
C PRO C 805 23.07 -10.34 -40.92
N ALA C 806 23.29 -11.50 -40.33
CA ALA C 806 22.52 -12.69 -40.69
C ALA C 806 21.10 -12.60 -40.14
N ARG C 807 20.13 -13.08 -40.94
CA ARG C 807 18.73 -13.04 -40.52
C ARG C 807 18.41 -14.18 -39.56
N LYS C 808 18.98 -15.37 -39.80
CA LYS C 808 18.71 -16.51 -38.93
C LYS C 808 19.20 -16.26 -37.50
N VAL C 809 20.18 -15.38 -37.33
CA VAL C 809 20.59 -14.99 -35.98
C VAL C 809 19.65 -13.93 -35.43
N ARG C 810 19.21 -12.99 -36.28
CA ARG C 810 18.31 -11.94 -35.83
C ARG C 810 16.97 -12.51 -35.35
N ASP C 811 16.54 -13.63 -35.92
CA ASP C 811 15.31 -14.25 -35.47
C ASP C 811 15.43 -14.75 -34.04
N VAL C 812 16.53 -15.46 -33.74
CA VAL C 812 16.68 -16.05 -32.42
C VAL C 812 16.99 -14.97 -31.37
N TYR C 813 17.91 -14.06 -31.70
CA TYR C 813 18.26 -13.01 -30.75
C TYR C 813 17.09 -12.06 -30.52
N TRP C 814 16.31 -11.76 -31.57
CA TRP C 814 15.11 -10.96 -31.38
C TRP C 814 14.07 -11.71 -30.57
N LYS C 815 13.99 -13.04 -30.72
CA LYS C 815 13.09 -13.83 -29.90
C LYS C 815 13.46 -13.72 -28.42
N ILE C 816 14.74 -13.93 -28.11
CA ILE C 816 15.22 -13.80 -26.74
C ILE C 816 14.94 -12.40 -26.22
N TYR C 817 15.22 -11.38 -27.03
CA TYR C 817 14.93 -10.00 -26.62
C TYR C 817 13.45 -9.79 -26.36
N ASN C 818 12.59 -10.53 -27.05
CA ASN C 818 11.16 -10.44 -26.76
C ASN C 818 10.85 -11.07 -25.41
N SER C 819 11.45 -12.22 -25.11
CA SER C 819 11.26 -12.84 -23.81
C SER C 819 11.73 -11.93 -22.68
N ILE C 820 12.84 -11.21 -22.91
CA ILE C 820 13.36 -10.31 -21.89
C ILE C 820 12.64 -8.98 -21.87
N TYR C 821 11.91 -8.64 -22.93
CA TYR C 821 11.17 -7.39 -22.95
C TYR C 821 9.78 -7.53 -22.33
N ILE C 822 9.10 -8.64 -22.59
CA ILE C 822 7.77 -8.85 -22.00
C ILE C 822 7.87 -8.90 -20.49
N GLY C 823 8.89 -9.57 -19.96
CA GLY C 823 9.15 -9.58 -18.54
C GLY C 823 10.17 -8.52 -18.17
N SER C 824 9.76 -7.62 -17.28
CA SER C 824 10.59 -6.50 -16.82
C SER C 824 10.88 -5.54 -17.98
N GLN C 825 9.82 -4.92 -18.49
CA GLN C 825 9.98 -3.86 -19.49
C GLN C 825 10.37 -2.54 -18.84
N ASP C 826 9.84 -2.27 -17.64
CA ASP C 826 10.20 -1.04 -16.93
C ASP C 826 11.63 -1.09 -16.41
N ALA C 827 12.20 -2.28 -16.23
CA ALA C 827 13.57 -2.39 -15.74
C ALA C 827 14.59 -2.13 -16.84
N LEU C 828 14.21 -2.35 -18.11
CA LEU C 828 15.14 -2.15 -19.21
C LEU C 828 15.49 -0.69 -19.44
N ILE C 829 14.70 0.24 -18.87
CA ILE C 829 14.97 1.66 -19.08
C ILE C 829 16.37 2.02 -18.60
N ALA C 830 16.86 1.35 -17.56
CA ALA C 830 18.16 1.66 -16.97
C ALA C 830 19.31 0.92 -17.64
N HIS C 831 19.04 0.09 -18.65
CA HIS C 831 20.08 -0.74 -19.25
C HIS C 831 20.25 -0.55 -20.75
N TYR C 832 19.39 0.22 -21.40
CA TYR C 832 19.55 0.49 -22.82
C TYR C 832 20.84 1.27 -23.06
N PRO C 833 21.78 0.73 -23.84
CA PRO C 833 23.05 1.45 -24.06
C PRO C 833 22.82 2.74 -24.82
N ARG C 834 23.79 3.64 -24.71
CA ARG C 834 23.72 4.92 -25.41
C ARG C 834 23.95 4.70 -26.89
N ILE C 835 23.06 5.25 -27.72
CA ILE C 835 23.18 5.19 -29.17
C ILE C 835 23.09 6.61 -29.69
N TYR C 836 24.19 7.09 -30.28
CA TYR C 836 24.28 8.49 -30.67
C TYR C 836 23.40 8.79 -31.86
N ASN C 837 22.79 9.97 -31.86
CA ASN C 837 21.87 10.37 -32.91
C ASN C 837 22.61 10.62 -34.22
N ASP C 838 21.93 10.32 -35.32
CA ASP C 838 22.46 10.58 -36.65
C ASP C 838 21.95 11.93 -37.14
N ASP C 839 21.97 12.14 -38.47
CA ASP C 839 21.57 13.43 -39.01
C ASP C 839 20.06 13.62 -38.96
N LYS C 840 19.30 12.58 -39.30
CA LYS C 840 17.85 12.70 -39.45
C LYS C 840 17.08 12.56 -38.14
N ASN C 841 17.64 11.90 -37.13
CA ASN C 841 16.90 11.60 -35.92
C ASN C 841 17.73 11.96 -34.69
N THR C 842 17.04 12.05 -33.55
CA THR C 842 17.67 12.31 -32.25
C THR C 842 17.50 11.07 -31.40
N TYR C 843 18.61 10.35 -31.16
CA TYR C 843 18.60 9.04 -30.52
C TYR C 843 19.15 9.07 -29.10
N ILE C 844 19.28 10.25 -28.50
CA ILE C 844 19.87 10.41 -27.18
C ILE C 844 18.79 10.80 -26.19
N ARG C 845 18.74 10.08 -25.07
CA ARG C 845 17.85 10.43 -23.96
C ARG C 845 18.57 11.48 -23.12
N TYR C 846 18.26 12.76 -23.35
CA TYR C 846 18.96 13.83 -22.66
C TYR C 846 18.57 13.92 -21.19
N GLU C 847 17.35 13.50 -20.85
CA GLU C 847 16.89 13.63 -19.46
C GLU C 847 17.77 12.84 -18.51
N LEU C 848 18.19 11.63 -18.91
CA LEU C 848 19.03 10.81 -18.05
C LEU C 848 20.45 11.36 -17.90
N ASP C 849 20.85 12.29 -18.77
CA ASP C 849 22.16 12.93 -18.66
C ASP C 849 22.17 14.14 -17.74
N TYR C 850 21.04 14.49 -17.13
CA TYR C 850 21.00 15.61 -16.22
C TYR C 850 21.79 15.30 -14.97
N ILE C 851 22.52 16.29 -14.46
CA ILE C 851 23.32 16.14 -13.26
C ILE C 851 23.06 17.34 -12.35
N LEU C 852 22.75 17.08 -11.09
CA LEU C 852 22.52 18.12 -10.11
C LEU C 852 23.76 18.32 -9.22
N PRO D 16 -3.26 -32.76 -30.09
CA PRO D 16 -3.41 -32.13 -31.40
C PRO D 16 -2.89 -30.69 -31.41
N ASP D 17 -3.78 -29.73 -31.65
CA ASP D 17 -3.46 -28.31 -31.68
C ASP D 17 -4.23 -27.64 -30.54
N LEU D 18 -3.61 -27.59 -29.36
CA LEU D 18 -4.21 -26.99 -28.19
C LEU D 18 -3.55 -25.64 -27.91
N ILE D 19 -4.33 -24.67 -27.46
CA ILE D 19 -3.83 -23.32 -27.22
C ILE D 19 -4.55 -22.73 -26.02
N PHE D 20 -3.92 -21.73 -25.40
CA PHE D 20 -4.53 -21.01 -24.30
C PHE D 20 -5.56 -20.02 -24.81
N CYS D 21 -6.52 -19.67 -23.94
CA CYS D 21 -7.55 -18.71 -24.31
C CYS D 21 -6.96 -17.31 -24.47
N ARG D 22 -6.24 -16.84 -23.46
CA ARG D 22 -5.51 -15.57 -23.46
C ARG D 22 -6.42 -14.35 -23.57
N LYS D 23 -7.71 -14.50 -23.30
CA LYS D 23 -8.58 -13.34 -23.18
C LYS D 23 -8.41 -12.72 -21.80
N GLN D 24 -9.09 -11.59 -21.56
CA GLN D 24 -9.01 -10.94 -20.26
C GLN D 24 -9.71 -11.79 -19.22
N ALA D 25 -8.96 -12.21 -18.20
CA ALA D 25 -9.55 -12.96 -17.10
C ALA D 25 -10.43 -12.05 -16.25
N GLY D 26 -11.45 -12.65 -15.64
CA GLY D 26 -12.37 -11.89 -14.82
C GLY D 26 -12.36 -12.32 -13.37
N VAL D 27 -13.56 -12.51 -12.80
CA VAL D 27 -13.70 -12.90 -11.40
C VAL D 27 -13.95 -14.39 -11.24
N ALA D 28 -14.03 -15.14 -12.35
CA ALA D 28 -14.32 -16.56 -12.28
C ALA D 28 -13.07 -17.34 -11.87
N ILE D 29 -13.20 -18.15 -10.83
CA ILE D 29 -12.08 -18.95 -10.33
C ILE D 29 -11.99 -20.22 -11.17
N GLY D 30 -10.79 -20.52 -11.66
CA GLY D 30 -10.58 -21.75 -12.39
C GLY D 30 -10.64 -22.96 -11.47
N ARG D 31 -11.06 -24.09 -12.04
CA ARG D 31 -11.24 -25.32 -11.29
C ARG D 31 -10.30 -26.40 -11.84
N LEU D 32 -10.20 -27.49 -11.07
CA LEU D 32 -9.41 -28.64 -11.45
C LEU D 32 -10.14 -29.91 -11.05
N CYS D 33 -10.07 -30.93 -11.90
CA CYS D 33 -10.72 -32.20 -11.66
C CYS D 33 -9.85 -33.08 -10.77
N GLU D 34 -10.38 -34.26 -10.42
CA GLU D 34 -9.68 -35.14 -9.50
C GLU D 34 -8.37 -35.67 -10.07
N LYS D 35 -8.30 -35.80 -11.40
CA LYS D 35 -7.07 -36.30 -12.01
C LYS D 35 -5.97 -35.25 -12.03
N CYS D 36 -6.31 -34.01 -12.36
CA CYS D 36 -5.35 -32.91 -12.43
C CYS D 36 -5.49 -31.98 -11.22
N ASP D 37 -5.54 -32.55 -10.03
CA ASP D 37 -5.86 -31.75 -8.84
C ASP D 37 -4.69 -30.86 -8.43
N GLY D 38 -3.46 -31.23 -8.75
CA GLY D 38 -2.32 -30.48 -8.28
C GLY D 38 -1.39 -29.94 -9.34
N LYS D 39 -1.83 -29.90 -10.59
CA LYS D 39 -0.98 -29.44 -11.67
C LYS D 39 -1.11 -27.93 -11.88
N CYS D 40 -0.04 -27.33 -12.40
CA CYS D 40 -0.09 -25.96 -12.88
C CYS D 40 -0.58 -25.96 -14.33
N VAL D 41 -1.48 -25.03 -14.63
CA VAL D 41 -2.15 -25.03 -15.94
C VAL D 41 -1.15 -24.83 -17.06
N ILE D 42 -0.04 -24.14 -16.80
CA ILE D 42 0.88 -23.73 -17.85
C ILE D 42 2.01 -24.74 -18.03
N CYS D 43 2.68 -25.12 -16.95
CA CYS D 43 3.90 -25.93 -17.04
C CYS D 43 3.74 -27.33 -16.46
N ASP D 44 2.52 -27.71 -16.05
CA ASP D 44 2.24 -29.06 -15.56
C ASP D 44 3.10 -29.44 -14.36
N SER D 45 3.55 -28.46 -13.58
CA SER D 45 4.37 -28.72 -12.42
C SER D 45 3.51 -28.86 -11.18
N TYR D 46 3.85 -29.84 -10.34
CA TYR D 46 3.08 -30.13 -9.14
C TYR D 46 3.61 -29.42 -7.89
N VAL D 47 4.75 -28.75 -7.99
CA VAL D 47 5.40 -28.17 -6.82
C VAL D 47 4.85 -26.78 -6.55
N ARG D 48 4.57 -26.51 -5.26
CA ARG D 48 4.18 -25.22 -4.72
C ARG D 48 3.09 -24.53 -5.52
N PRO D 49 1.84 -24.98 -5.40
CA PRO D 49 0.72 -24.21 -5.96
C PRO D 49 0.61 -22.87 -5.23
N CYS D 50 0.73 -21.79 -5.98
CA CYS D 50 0.90 -20.46 -5.42
C CYS D 50 -0.34 -19.58 -5.57
N THR D 51 -0.50 -18.96 -6.73
CA THR D 51 -1.52 -17.94 -6.93
C THR D 51 -2.78 -18.52 -7.58
N LEU D 52 -3.93 -18.04 -7.12
CA LEU D 52 -5.21 -18.50 -7.63
C LEU D 52 -5.37 -18.16 -9.11
N VAL D 53 -6.05 -19.02 -9.84
CA VAL D 53 -6.23 -18.88 -11.29
C VAL D 53 -7.57 -18.19 -11.55
N ARG D 54 -7.54 -17.16 -12.38
CA ARG D 54 -8.74 -16.50 -12.89
C ARG D 54 -8.91 -16.83 -14.37
N ILE D 55 -10.17 -16.95 -14.78
CA ILE D 55 -10.50 -17.28 -16.16
C ILE D 55 -11.52 -16.27 -16.69
N CYS D 56 -11.59 -16.17 -18.01
CA CYS D 56 -12.50 -15.23 -18.65
C CYS D 56 -13.94 -15.70 -18.50
N ASP D 57 -14.87 -14.77 -18.78
CA ASP D 57 -16.29 -15.07 -18.58
C ASP D 57 -16.81 -16.05 -19.62
N GLU D 58 -16.33 -15.97 -20.86
CA GLU D 58 -16.82 -16.88 -21.90
C GLU D 58 -16.37 -18.31 -21.65
N CYS D 59 -15.14 -18.50 -21.18
CA CYS D 59 -14.67 -19.84 -20.87
C CYS D 59 -15.34 -20.44 -19.64
N ASN D 60 -15.95 -19.60 -18.80
CA ASN D 60 -16.68 -20.05 -17.62
C ASN D 60 -18.14 -19.62 -17.79
N TYR D 61 -18.88 -20.39 -18.58
CA TYR D 61 -20.26 -20.04 -18.90
C TYR D 61 -21.06 -21.29 -19.21
N GLY D 62 -22.24 -21.40 -18.61
CA GLY D 62 -23.16 -22.50 -18.83
C GLY D 62 -22.59 -23.89 -18.58
N SER D 63 -22.50 -24.70 -19.64
CA SER D 63 -22.01 -26.06 -19.49
C SER D 63 -20.55 -26.09 -19.06
N TYR D 64 -19.79 -25.02 -19.30
CA TYR D 64 -18.39 -24.96 -18.94
C TYR D 64 -18.16 -24.43 -17.53
N GLN D 65 -19.23 -24.07 -16.81
CA GLN D 65 -19.10 -23.57 -15.45
C GLN D 65 -18.55 -24.65 -14.54
N GLY D 66 -17.53 -24.31 -13.76
CA GLY D 66 -16.89 -25.23 -12.85
C GLY D 66 -16.15 -26.37 -13.51
N ARG D 67 -16.02 -26.38 -14.83
CA ARG D 67 -15.31 -27.43 -15.52
C ARG D 67 -13.81 -27.28 -15.34
N CYS D 68 -13.10 -28.39 -15.53
CA CYS D 68 -11.65 -28.39 -15.34
C CYS D 68 -10.97 -27.50 -16.38
N VAL D 69 -9.96 -26.76 -15.94
CA VAL D 69 -9.26 -25.86 -16.85
C VAL D 69 -8.35 -26.64 -17.80
N ILE D 70 -7.83 -27.79 -17.36
CA ILE D 70 -6.89 -28.56 -18.15
C ILE D 70 -7.63 -29.44 -19.15
N CYS D 71 -8.35 -30.45 -18.65
CA CYS D 71 -8.97 -31.45 -19.50
C CYS D 71 -10.45 -31.22 -19.74
N GLY D 72 -11.08 -30.32 -19.00
CA GLY D 72 -12.50 -30.06 -19.21
C GLY D 72 -13.44 -30.99 -18.51
N GLY D 73 -12.94 -31.76 -17.53
CA GLY D 73 -13.79 -32.63 -16.76
C GLY D 73 -14.45 -31.90 -15.61
N PRO D 74 -15.18 -32.62 -14.77
CA PRO D 74 -15.84 -32.00 -13.62
C PRO D 74 -14.82 -31.57 -12.57
N GLY D 75 -14.82 -30.29 -12.24
CA GLY D 75 -13.84 -29.75 -11.31
C GLY D 75 -14.17 -30.09 -9.86
N VAL D 76 -13.14 -30.46 -9.11
CA VAL D 76 -13.29 -30.81 -7.71
C VAL D 76 -12.56 -29.85 -6.78
N SER D 77 -11.55 -29.12 -7.26
CA SER D 77 -10.85 -28.15 -6.44
C SER D 77 -10.54 -26.92 -7.29
N ASP D 78 -9.74 -26.01 -6.76
CA ASP D 78 -9.38 -24.78 -7.44
C ASP D 78 -8.03 -24.93 -8.13
N ALA D 79 -7.86 -24.20 -9.23
CA ALA D 79 -6.63 -24.22 -10.02
C ALA D 79 -5.66 -23.17 -9.50
N TYR D 80 -4.37 -23.51 -9.49
CA TYR D 80 -3.34 -22.62 -9.01
C TYR D 80 -2.17 -22.61 -9.99
N TYR D 81 -1.69 -21.42 -10.34
CA TYR D 81 -0.40 -21.30 -10.99
C TYR D 81 0.69 -21.75 -10.03
N CYS D 82 1.70 -22.45 -10.56
CA CYS D 82 2.81 -22.84 -9.72
C CYS D 82 3.61 -21.61 -9.30
N LYS D 83 4.51 -21.80 -8.31
CA LYS D 83 5.30 -20.69 -7.83
C LYS D 83 6.26 -20.18 -8.90
N GLU D 84 6.83 -21.09 -9.70
CA GLU D 84 7.72 -20.69 -10.77
C GLU D 84 7.03 -19.76 -11.76
N CYS D 85 5.77 -20.03 -12.06
CA CYS D 85 5.02 -19.14 -12.94
C CYS D 85 4.74 -17.80 -12.29
N THR D 86 4.43 -17.80 -10.99
CA THR D 86 4.18 -16.54 -10.29
C THR D 86 5.41 -15.66 -10.27
N ILE D 87 6.59 -16.26 -10.07
CA ILE D 87 7.84 -15.49 -10.09
C ILE D 87 8.05 -14.86 -11.45
N GLN D 88 7.83 -15.62 -12.52
CA GLN D 88 7.98 -15.13 -13.88
C GLN D 88 6.77 -14.36 -14.37
N GLU D 89 5.79 -14.11 -13.50
CA GLU D 89 4.57 -13.38 -13.82
C GLU D 89 3.78 -14.05 -14.95
N LYS D 90 3.88 -15.38 -15.05
CA LYS D 90 3.08 -16.10 -16.04
C LYS D 90 1.61 -16.13 -15.69
N ASP D 91 1.25 -15.77 -14.45
CA ASP D 91 -0.15 -15.60 -14.10
C ASP D 91 -0.74 -14.33 -14.69
N ARG D 92 0.10 -13.35 -15.00
CA ARG D 92 -0.35 -12.05 -15.49
C ARG D 92 -0.71 -12.06 -16.97
N ASP D 93 -0.60 -13.20 -17.64
CA ASP D 93 -1.04 -13.30 -19.03
C ASP D 93 -2.55 -13.46 -19.09
N GLY D 94 -3.05 -14.03 -20.18
CA GLY D 94 -4.48 -14.18 -20.36
C GLY D 94 -5.04 -15.40 -19.65
N CYS D 95 -6.30 -15.67 -19.96
CA CYS D 95 -6.97 -16.84 -19.40
C CYS D 95 -6.25 -18.11 -19.84
N PRO D 96 -5.93 -19.03 -18.93
CA PRO D 96 -5.13 -20.20 -19.29
C PRO D 96 -5.93 -21.45 -19.65
N LYS D 97 -7.24 -21.34 -19.86
CA LYS D 97 -8.03 -22.52 -20.20
C LYS D 97 -7.60 -23.09 -21.54
N ILE D 98 -7.23 -24.36 -21.55
CA ILE D 98 -6.80 -25.01 -22.78
C ILE D 98 -8.01 -25.24 -23.68
N VAL D 99 -7.93 -24.74 -24.90
CA VAL D 99 -8.96 -24.95 -25.90
C VAL D 99 -8.35 -25.63 -27.11
N ASN D 100 -9.15 -26.49 -27.74
CA ASN D 100 -8.77 -27.20 -28.95
C ASN D 100 -9.29 -26.44 -30.16
N LEU D 101 -8.38 -26.12 -31.08
CA LEU D 101 -8.75 -25.40 -32.30
C LEU D 101 -9.44 -26.29 -33.32
N GLY D 102 -9.75 -27.54 -32.97
CA GLY D 102 -10.44 -28.43 -33.87
C GLY D 102 -11.82 -28.82 -33.37
N SER D 103 -11.92 -29.14 -32.08
CA SER D 103 -13.20 -29.52 -31.51
C SER D 103 -14.14 -28.32 -31.45
N SER D 104 -15.39 -28.53 -31.83
CA SER D 104 -16.42 -27.50 -31.71
C SER D 104 -16.88 -27.43 -30.26
N LYS D 105 -17.90 -26.63 -29.99
CA LYS D 105 -18.35 -26.44 -28.61
C LYS D 105 -19.23 -27.58 -28.13
N THR D 106 -19.80 -28.38 -29.04
CA THR D 106 -20.58 -29.54 -28.64
C THR D 106 -19.69 -30.73 -28.30
N ASP D 107 -18.51 -30.80 -28.91
CA ASP D 107 -17.64 -31.96 -28.75
C ASP D 107 -17.08 -32.02 -27.32
N LEU D 108 -16.83 -33.24 -26.86
CA LEU D 108 -16.30 -33.49 -25.54
C LEU D 108 -14.90 -32.88 -25.39
#